data_1H04
# 
_entry.id   1H04 
# 
_audit_conform.dict_name       mmcif_pdbx.dic 
_audit_conform.dict_version    5.397 
_audit_conform.dict_location   http://mmcif.pdb.org/dictionaries/ascii/mmcif_pdbx.dic 
# 
loop_
_database_2.database_id 
_database_2.database_code 
_database_2.pdbx_database_accession 
_database_2.pdbx_DOI 
PDB   1H04         pdb_00001h04 10.2210/pdb1h04/pdb 
PDBE  EBI-9966     ?            ?                   
WWPDB D_1290009966 ?            ?                   
# 
loop_
_pdbx_audit_revision_history.ordinal 
_pdbx_audit_revision_history.data_content_type 
_pdbx_audit_revision_history.major_revision 
_pdbx_audit_revision_history.minor_revision 
_pdbx_audit_revision_history.revision_date 
1 'Structure model' 1 0 2003-03-20 
2 'Structure model' 1 1 2011-05-08 
3 'Structure model' 1 2 2011-07-13 
4 'Structure model' 1 3 2023-12-13 
5 'Structure model' 1 4 2024-10-16 
# 
_pdbx_audit_revision_details.ordinal             1 
_pdbx_audit_revision_details.revision_ordinal    1 
_pdbx_audit_revision_details.data_content_type   'Structure model' 
_pdbx_audit_revision_details.provider            repository 
_pdbx_audit_revision_details.type                'Initial release' 
_pdbx_audit_revision_details.description         ? 
_pdbx_audit_revision_details.details             ? 
# 
loop_
_pdbx_audit_revision_group.ordinal 
_pdbx_audit_revision_group.revision_ordinal 
_pdbx_audit_revision_group.data_content_type 
_pdbx_audit_revision_group.group 
1 2 'Structure model' 'Version format compliance' 
2 3 'Structure model' 'Version format compliance' 
3 4 'Structure model' 'Data collection'           
4 4 'Structure model' 'Database references'       
5 4 'Structure model' 'Refinement description'    
6 5 'Structure model' 'Structure summary'         
# 
loop_
_pdbx_audit_revision_category.ordinal 
_pdbx_audit_revision_category.revision_ordinal 
_pdbx_audit_revision_category.data_content_type 
_pdbx_audit_revision_category.category 
1 4 'Structure model' chem_comp_atom                
2 4 'Structure model' chem_comp_bond                
3 4 'Structure model' database_2                    
4 4 'Structure model' pdbx_initial_refinement_model 
5 5 'Structure model' pdbx_entry_details            
6 5 'Structure model' pdbx_modification_feature     
# 
loop_
_pdbx_audit_revision_item.ordinal 
_pdbx_audit_revision_item.revision_ordinal 
_pdbx_audit_revision_item.data_content_type 
_pdbx_audit_revision_item.item 
1 4 'Structure model' '_database_2.pdbx_DOI'                
2 4 'Structure model' '_database_2.pdbx_database_accession' 
# 
_pdbx_database_status.status_code                     REL 
_pdbx_database_status.entry_id                        1H04 
_pdbx_database_status.deposit_site                    PDBE 
_pdbx_database_status.process_site                    PDBE 
_pdbx_database_status.SG_entry                        . 
_pdbx_database_status.recvd_initial_deposition_date   2002-06-11 
_pdbx_database_status.pdb_format_compatible           Y 
_pdbx_database_status.status_code_sf                  ? 
_pdbx_database_status.status_code_mr                  ? 
_pdbx_database_status.status_code_cs                  ? 
_pdbx_database_status.methods_development_category    ? 
_pdbx_database_status.status_code_nmr_data            ? 
# 
loop_
_pdbx_database_related.db_name 
_pdbx_database_related.db_id 
_pdbx_database_related.content_type 
_pdbx_database_related.details 
PDB 1H03 unspecified 'HUMAN CD55 DOMAINS 3 & 4'                                                                               
PDB 1H2P unspecified 'HUMAN CD55 DOMAINS 3 & 4'                                                                               
PDB 1H2Q unspecified 'HUMAN CD55 DOMAINS 3 & 4'                                                                               
PDB 1M11 unspecified 'STRUCTURAL MODEL OF HUMAN DECAY-ACCELERATING FACTOR BOUNDTO ECHOVIRUS 7 FROM CRYO- ELECTRON MICROSCOPY' 
# 
loop_
_audit_author.name 
_audit_author.pdbx_ordinal 
'Williams, P.'   1 
'Chaudhry, Y.'   2 
'Goodfellow, I.' 3 
'Billington, J.' 4 
'Spiller, B.'    5 
'Evans, D.J.'    6 
'Lea, S.M.'      7 
# 
loop_
_citation.id 
_citation.title 
_citation.journal_abbrev 
_citation.journal_volume 
_citation.page_first 
_citation.page_last 
_citation.year 
_citation.journal_id_ASTM 
_citation.country 
_citation.journal_id_ISSN 
_citation.journal_id_CSD 
_citation.book_publisher 
_citation.pdbx_database_id_PubMed 
_citation.pdbx_database_id_DOI 
primary 'Mapping Cd55 Function. The Structure of Two Pathogen-Binding Domains at 1.7 A' J.Biol.Chem.               278 10691 ? 
2003 JBCHA3 US 0021-9258 0071 ? 12499389 10.1074/JBC.M212561200    
1       'Crystallization and Preliminary X-Ray Diffraction Analysis of a Biologically Active Fragment of Cd55' 
'Acta Crystallogr.,Sect.D' D55 1198  ? 1999 ABCRE6 DK 0907-4449 0766 ? 10329784 10.1107/S0907444999001638 
2       
;Determination of the Affinity and Kinetic Constants for the Interaction between the Human Virus Echovirus 11 and its Cellular Receptor, Cd55
;
J.Biol.Chem.               273 30443 ? 1998 JBCHA3 US 0021-9258 0071 ? 9804811  10.1074/JBC.273.46.30443  
# 
loop_
_citation_author.citation_id 
_citation_author.name 
_citation_author.ordinal 
_citation_author.identifier_ORCID 
primary 'Williams, P.'      1  ? 
primary 'Chaudhry, Y.'      2  ? 
primary 'Goodfellow, I.'    3  ? 
primary 'Billington, J.'    4  ? 
primary 'Powell, R.'        5  ? 
primary 'Spiller, O.'       6  ? 
primary 'Evans, D.J.'       7  ? 
primary 'Lea, S.M.'         8  ? 
1       'Lea, S.M.'         9  ? 
1       'Powell, R.'        10 ? 
1       'Evans, D.J.'       11 ? 
2       'Lea, S.M.'         12 ? 
2       'Powell, R.'        13 ? 
2       'Mckee, T.'         14 ? 
2       'Evans, D.J.'       15 ? 
2       'Brown, D.J.'       16 ? 
2       'Stuart, D.I.'      17 ? 
2       'Van Der Merwe, A.' 18 ? 
# 
loop_
_entity.id 
_entity.type 
_entity.src_method 
_entity.pdbx_description 
_entity.formula_weight 
_entity.pdbx_number_of_molecules 
_entity.pdbx_ec 
_entity.pdbx_mutation 
_entity.pdbx_fragment 
_entity.details 
1 polymer     man 'COMPLEMENT DECAY-ACCELERATING FACTOR' 13307.765 1   ? ? 'EXTRACELLULAR SCR DOMAINS 3 & 4, RESIDUES 161-285' ? 
2 non-polymer syn 'NICKEL (II) ION'                      58.693    1   ? ? ?                                                   ? 
3 water       nat water                                  18.015    142 ? ? ?                                                   ? 
# 
_entity_name_com.entity_id   1 
_entity_name_com.name        'CD55 ANTIGEN, CD55, DAF' 
# 
_entity_poly.entity_id                      1 
_entity_poly.type                           'polypeptide(L)' 
_entity_poly.nstd_linkage                   no 
_entity_poly.nstd_monomer                   no 
_entity_poly.pdbx_seq_one_letter_code       
;KSCPNPGAIANGQIDVPGGILFGATISFSCNTGYKLAGSTSSFCLISGSSVQWSDPLPECREIYCPAPPQIDNGIIQGER
DHYGYRQSVTYACNKGFTMIGEHSIYCTVNNDAGEWSGPPPECRG
;
_entity_poly.pdbx_seq_one_letter_code_can   
;KSCPNPGAIANGQIDVPGGILFGATISFSCNTGYKLAGSTSSFCLISGSSVQWSDPLPECREIYCPAPPQIDNGIIQGER
DHYGYRQSVTYACNKGFTMIGEHSIYCTVNNDAGEWSGPPPECRG
;
_entity_poly.pdbx_strand_id                 P 
_entity_poly.pdbx_target_identifier         ? 
# 
loop_
_pdbx_entity_nonpoly.entity_id 
_pdbx_entity_nonpoly.name 
_pdbx_entity_nonpoly.comp_id 
2 'NICKEL (II) ION' NI  
3 water             HOH 
# 
loop_
_entity_poly_seq.entity_id 
_entity_poly_seq.num 
_entity_poly_seq.mon_id 
_entity_poly_seq.hetero 
1 1   LYS n 
1 2   SER n 
1 3   CYS n 
1 4   PRO n 
1 5   ASN n 
1 6   PRO n 
1 7   GLY n 
1 8   ALA n 
1 9   ILE n 
1 10  ALA n 
1 11  ASN n 
1 12  GLY n 
1 13  GLN n 
1 14  ILE n 
1 15  ASP n 
1 16  VAL n 
1 17  PRO n 
1 18  GLY n 
1 19  GLY n 
1 20  ILE n 
1 21  LEU n 
1 22  PHE n 
1 23  GLY n 
1 24  ALA n 
1 25  THR n 
1 26  ILE n 
1 27  SER n 
1 28  PHE n 
1 29  SER n 
1 30  CYS n 
1 31  ASN n 
1 32  THR n 
1 33  GLY n 
1 34  TYR n 
1 35  LYS n 
1 36  LEU n 
1 37  ALA n 
1 38  GLY n 
1 39  SER n 
1 40  THR n 
1 41  SER n 
1 42  SER n 
1 43  PHE n 
1 44  CYS n 
1 45  LEU n 
1 46  ILE n 
1 47  SER n 
1 48  GLY n 
1 49  SER n 
1 50  SER n 
1 51  VAL n 
1 52  GLN n 
1 53  TRP n 
1 54  SER n 
1 55  ASP n 
1 56  PRO n 
1 57  LEU n 
1 58  PRO n 
1 59  GLU n 
1 60  CYS n 
1 61  ARG n 
1 62  GLU n 
1 63  ILE n 
1 64  TYR n 
1 65  CYS n 
1 66  PRO n 
1 67  ALA n 
1 68  PRO n 
1 69  PRO n 
1 70  GLN n 
1 71  ILE n 
1 72  ASP n 
1 73  ASN n 
1 74  GLY n 
1 75  ILE n 
1 76  ILE n 
1 77  GLN n 
1 78  GLY n 
1 79  GLU n 
1 80  ARG n 
1 81  ASP n 
1 82  HIS n 
1 83  TYR n 
1 84  GLY n 
1 85  TYR n 
1 86  ARG n 
1 87  GLN n 
1 88  SER n 
1 89  VAL n 
1 90  THR n 
1 91  TYR n 
1 92  ALA n 
1 93  CYS n 
1 94  ASN n 
1 95  LYS n 
1 96  GLY n 
1 97  PHE n 
1 98  THR n 
1 99  MET n 
1 100 ILE n 
1 101 GLY n 
1 102 GLU n 
1 103 HIS n 
1 104 SER n 
1 105 ILE n 
1 106 TYR n 
1 107 CYS n 
1 108 THR n 
1 109 VAL n 
1 110 ASN n 
1 111 ASN n 
1 112 ASP n 
1 113 ALA n 
1 114 GLY n 
1 115 GLU n 
1 116 TRP n 
1 117 SER n 
1 118 GLY n 
1 119 PRO n 
1 120 PRO n 
1 121 PRO n 
1 122 GLU n 
1 123 CYS n 
1 124 ARG n 
1 125 GLY n 
# 
_entity_src_gen.entity_id                          1 
_entity_src_gen.pdbx_src_id                        1 
_entity_src_gen.pdbx_alt_source_flag               sample 
_entity_src_gen.pdbx_seq_type                      ? 
_entity_src_gen.pdbx_beg_seq_num                   ? 
_entity_src_gen.pdbx_end_seq_num                   ? 
_entity_src_gen.gene_src_common_name               HUMAN 
_entity_src_gen.gene_src_genus                     ? 
_entity_src_gen.pdbx_gene_src_gene                 ? 
_entity_src_gen.gene_src_species                   ? 
_entity_src_gen.gene_src_strain                    ? 
_entity_src_gen.gene_src_tissue                    ? 
_entity_src_gen.gene_src_tissue_fraction           ? 
_entity_src_gen.gene_src_details                   ? 
_entity_src_gen.pdbx_gene_src_fragment             ? 
_entity_src_gen.pdbx_gene_src_scientific_name      'HOMO SAPIENS' 
_entity_src_gen.pdbx_gene_src_ncbi_taxonomy_id     9606 
_entity_src_gen.pdbx_gene_src_variant              ? 
_entity_src_gen.pdbx_gene_src_cell_line            ? 
_entity_src_gen.pdbx_gene_src_atcc                 ? 
_entity_src_gen.pdbx_gene_src_organ                ? 
_entity_src_gen.pdbx_gene_src_organelle            ? 
_entity_src_gen.pdbx_gene_src_cell                 ? 
_entity_src_gen.pdbx_gene_src_cellular_location    ? 
_entity_src_gen.host_org_common_name               ? 
_entity_src_gen.pdbx_host_org_scientific_name      'PICHIA PASTORIS' 
_entity_src_gen.pdbx_host_org_ncbi_taxonomy_id     4922 
_entity_src_gen.host_org_genus                     ? 
_entity_src_gen.pdbx_host_org_gene                 ? 
_entity_src_gen.pdbx_host_org_organ                ? 
_entity_src_gen.host_org_species                   ? 
_entity_src_gen.pdbx_host_org_tissue               ? 
_entity_src_gen.pdbx_host_org_tissue_fraction      ? 
_entity_src_gen.pdbx_host_org_strain               ? 
_entity_src_gen.pdbx_host_org_variant              ? 
_entity_src_gen.pdbx_host_org_cell_line            ? 
_entity_src_gen.pdbx_host_org_atcc                 ? 
_entity_src_gen.pdbx_host_org_culture_collection   ? 
_entity_src_gen.pdbx_host_org_cell                 ? 
_entity_src_gen.pdbx_host_org_organelle            ? 
_entity_src_gen.pdbx_host_org_cellular_location    ? 
_entity_src_gen.pdbx_host_org_vector_type          ? 
_entity_src_gen.pdbx_host_org_vector               ? 
_entity_src_gen.host_org_details                   ? 
_entity_src_gen.expression_system_id               ? 
_entity_src_gen.plasmid_name                       ? 
_entity_src_gen.plasmid_details                    ? 
_entity_src_gen.pdbx_description                   ? 
# 
loop_
_chem_comp.id 
_chem_comp.type 
_chem_comp.mon_nstd_flag 
_chem_comp.name 
_chem_comp.pdbx_synonyms 
_chem_comp.formula 
_chem_comp.formula_weight 
ALA 'L-peptide linking' y ALANINE           ? 'C3 H7 N O2'     89.093  
ARG 'L-peptide linking' y ARGININE          ? 'C6 H15 N4 O2 1' 175.209 
ASN 'L-peptide linking' y ASPARAGINE        ? 'C4 H8 N2 O3'    132.118 
ASP 'L-peptide linking' y 'ASPARTIC ACID'   ? 'C4 H7 N O4'     133.103 
CYS 'L-peptide linking' y CYSTEINE          ? 'C3 H7 N O2 S'   121.158 
GLN 'L-peptide linking' y GLUTAMINE         ? 'C5 H10 N2 O3'   146.144 
GLU 'L-peptide linking' y 'GLUTAMIC ACID'   ? 'C5 H9 N O4'     147.129 
GLY 'peptide linking'   y GLYCINE           ? 'C2 H5 N O2'     75.067  
HIS 'L-peptide linking' y HISTIDINE         ? 'C6 H10 N3 O2 1' 156.162 
HOH non-polymer         . WATER             ? 'H2 O'           18.015  
ILE 'L-peptide linking' y ISOLEUCINE        ? 'C6 H13 N O2'    131.173 
LEU 'L-peptide linking' y LEUCINE           ? 'C6 H13 N O2'    131.173 
LYS 'L-peptide linking' y LYSINE            ? 'C6 H15 N2 O2 1' 147.195 
MET 'L-peptide linking' y METHIONINE        ? 'C5 H11 N O2 S'  149.211 
NI  non-polymer         . 'NICKEL (II) ION' ? 'Ni 2'           58.693  
PHE 'L-peptide linking' y PHENYLALANINE     ? 'C9 H11 N O2'    165.189 
PRO 'L-peptide linking' y PROLINE           ? 'C5 H9 N O2'     115.130 
SER 'L-peptide linking' y SERINE            ? 'C3 H7 N O3'     105.093 
THR 'L-peptide linking' y THREONINE         ? 'C4 H9 N O3'     119.119 
TRP 'L-peptide linking' y TRYPTOPHAN        ? 'C11 H12 N2 O2'  204.225 
TYR 'L-peptide linking' y TYROSINE          ? 'C9 H11 N O3'    181.189 
VAL 'L-peptide linking' y VALINE            ? 'C5 H11 N O2'    117.146 
# 
loop_
_pdbx_poly_seq_scheme.asym_id 
_pdbx_poly_seq_scheme.entity_id 
_pdbx_poly_seq_scheme.seq_id 
_pdbx_poly_seq_scheme.mon_id 
_pdbx_poly_seq_scheme.ndb_seq_num 
_pdbx_poly_seq_scheme.pdb_seq_num 
_pdbx_poly_seq_scheme.auth_seq_num 
_pdbx_poly_seq_scheme.pdb_mon_id 
_pdbx_poly_seq_scheme.auth_mon_id 
_pdbx_poly_seq_scheme.pdb_strand_id 
_pdbx_poly_seq_scheme.pdb_ins_code 
_pdbx_poly_seq_scheme.hetero 
A 1 1   LYS 1   5   5   LYS LYS P . n 
A 1 2   SER 2   6   6   SER SER P . n 
A 1 3   CYS 3   7   7   CYS CYS P . n 
A 1 4   PRO 4   8   8   PRO PRO P . n 
A 1 5   ASN 5   9   9   ASN ASN P . n 
A 1 6   PRO 6   10  10  PRO PRO P . n 
A 1 7   GLY 7   11  11  GLY GLY P . n 
A 1 8   ALA 8   12  12  ALA ALA P . n 
A 1 9   ILE 9   13  13  ILE ILE P . n 
A 1 10  ALA 10  14  14  ALA ALA P . n 
A 1 11  ASN 11  15  15  ASN ASN P . n 
A 1 12  GLY 12  16  16  GLY GLY P . n 
A 1 13  GLN 13  17  17  GLN GLN P . n 
A 1 14  ILE 14  18  18  ILE ILE P . n 
A 1 15  ASP 15  19  19  ASP ASP P . n 
A 1 16  VAL 16  20  20  VAL VAL P . n 
A 1 17  PRO 17  21  21  PRO PRO P . n 
A 1 18  GLY 18  22  22  GLY GLY P . n 
A 1 19  GLY 19  23  23  GLY GLY P . n 
A 1 20  ILE 20  24  24  ILE ILE P . n 
A 1 21  LEU 21  25  25  LEU LEU P . n 
A 1 22  PHE 22  26  26  PHE PHE P . n 
A 1 23  GLY 23  27  27  GLY GLY P . n 
A 1 24  ALA 24  28  28  ALA ALA P . n 
A 1 25  THR 25  29  29  THR THR P . n 
A 1 26  ILE 26  30  30  ILE ILE P . n 
A 1 27  SER 27  31  31  SER SER P . n 
A 1 28  PHE 28  32  32  PHE PHE P . n 
A 1 29  SER 29  33  33  SER SER P . n 
A 1 30  CYS 30  34  34  CYS CYS P . n 
A 1 31  ASN 31  35  35  ASN ASN P . n 
A 1 32  THR 32  36  36  THR THR P . n 
A 1 33  GLY 33  37  37  GLY GLY P . n 
A 1 34  TYR 34  38  38  TYR TYR P . n 
A 1 35  LYS 35  39  39  LYS LYS P . n 
A 1 36  LEU 36  40  40  LEU LEU P . n 
A 1 37  ALA 37  41  41  ALA ALA P . n 
A 1 38  GLY 38  42  42  GLY GLY P . n 
A 1 39  SER 39  43  43  SER SER P . n 
A 1 40  THR 40  44  44  THR THR P . n 
A 1 41  SER 41  45  45  SER SER P . n 
A 1 42  SER 42  46  46  SER SER P . n 
A 1 43  PHE 43  47  47  PHE PHE P . n 
A 1 44  CYS 44  48  48  CYS CYS P . n 
A 1 45  LEU 45  49  49  LEU LEU P . n 
A 1 46  ILE 46  50  50  ILE ILE P . n 
A 1 47  SER 47  51  51  SER SER P . n 
A 1 48  GLY 48  52  52  GLY GLY P . n 
A 1 49  SER 49  53  53  SER SER P . n 
A 1 50  SER 50  54  54  SER SER P . n 
A 1 51  VAL 51  55  55  VAL VAL P . n 
A 1 52  GLN 52  56  56  GLN GLN P . n 
A 1 53  TRP 53  57  57  TRP TRP P . n 
A 1 54  SER 54  58  58  SER SER P . n 
A 1 55  ASP 55  59  59  ASP ASP P . n 
A 1 56  PRO 56  60  60  PRO PRO P . n 
A 1 57  LEU 57  61  61  LEU LEU P . n 
A 1 58  PRO 58  62  62  PRO PRO P . n 
A 1 59  GLU 59  63  63  GLU GLU P . n 
A 1 60  CYS 60  64  64  CYS CYS P . n 
A 1 61  ARG 61  65  65  ARG ARG P . n 
A 1 62  GLU 62  66  66  GLU GLU P . n 
A 1 63  ILE 63  67  67  ILE ILE P . n 
A 1 64  TYR 64  68  68  TYR TYR P . n 
A 1 65  CYS 65  69  69  CYS CYS P . n 
A 1 66  PRO 66  70  70  PRO PRO P . n 
A 1 67  ALA 67  71  71  ALA ALA P . n 
A 1 68  PRO 68  72  72  PRO PRO P . n 
A 1 69  PRO 69  73  73  PRO PRO P . n 
A 1 70  GLN 70  74  74  GLN GLN P . n 
A 1 71  ILE 71  75  75  ILE ILE P . n 
A 1 72  ASP 72  76  76  ASP ASP P . n 
A 1 73  ASN 73  77  77  ASN ASN P . n 
A 1 74  GLY 74  78  78  GLY GLY P . n 
A 1 75  ILE 75  79  79  ILE ILE P . n 
A 1 76  ILE 76  80  80  ILE ILE P . n 
A 1 77  GLN 77  81  81  GLN GLN P . n 
A 1 78  GLY 78  82  82  GLY GLY P . n 
A 1 79  GLU 79  83  83  GLU GLU P . n 
A 1 80  ARG 80  84  84  ARG ARG P . n 
A 1 81  ASP 81  85  85  ASP ASP P . n 
A 1 82  HIS 82  86  86  HIS HIS P . n 
A 1 83  TYR 83  87  87  TYR TYR P . n 
A 1 84  GLY 84  88  88  GLY GLY P . n 
A 1 85  TYR 85  89  89  TYR TYR P . n 
A 1 86  ARG 86  90  90  ARG ARG P . n 
A 1 87  GLN 87  91  91  GLN GLN P . n 
A 1 88  SER 88  92  92  SER SER P . n 
A 1 89  VAL 89  93  93  VAL VAL P . n 
A 1 90  THR 90  94  94  THR THR P . n 
A 1 91  TYR 91  95  95  TYR TYR P . n 
A 1 92  ALA 92  96  96  ALA ALA P . n 
A 1 93  CYS 93  97  97  CYS CYS P . n 
A 1 94  ASN 94  98  98  ASN ASN P . n 
A 1 95  LYS 95  99  99  LYS LYS P . n 
A 1 96  GLY 96  100 100 GLY GLY P . n 
A 1 97  PHE 97  101 101 PHE PHE P . n 
A 1 98  THR 98  102 102 THR THR P . n 
A 1 99  MET 99  103 103 MET MET P . n 
A 1 100 ILE 100 104 104 ILE ILE P . n 
A 1 101 GLY 101 105 105 GLY GLY P . n 
A 1 102 GLU 102 106 106 GLU GLU P . n 
A 1 103 HIS 103 107 107 HIS HIS P . n 
A 1 104 SER 104 108 108 SER SER P . n 
A 1 105 ILE 105 109 109 ILE ILE P . n 
A 1 106 TYR 106 110 110 TYR TYR P . n 
A 1 107 CYS 107 111 111 CYS CYS P . n 
A 1 108 THR 108 112 112 THR THR P . n 
A 1 109 VAL 109 113 113 VAL VAL P . n 
A 1 110 ASN 110 114 114 ASN ASN P . n 
A 1 111 ASN 111 115 115 ASN ASN P . n 
A 1 112 ASP 112 116 116 ASP ASP P . n 
A 1 113 ALA 113 117 117 ALA ALA P . n 
A 1 114 GLY 114 118 118 GLY GLY P . n 
A 1 115 GLU 115 119 119 GLU GLU P . n 
A 1 116 TRP 116 120 120 TRP TRP P . n 
A 1 117 SER 117 121 121 SER SER P . n 
A 1 118 GLY 118 122 122 GLY GLY P . n 
A 1 119 PRO 119 123 123 PRO PRO P . n 
A 1 120 PRO 120 124 124 PRO PRO P . n 
A 1 121 PRO 121 125 125 PRO PRO P . n 
A 1 122 GLU 122 126 126 GLU GLU P . n 
A 1 123 CYS 123 127 127 CYS CYS P . n 
A 1 124 ARG 124 128 128 ARG ARG P . n 
A 1 125 GLY 125 129 129 GLY GLY P . n 
# 
loop_
_pdbx_nonpoly_scheme.asym_id 
_pdbx_nonpoly_scheme.entity_id 
_pdbx_nonpoly_scheme.mon_id 
_pdbx_nonpoly_scheme.ndb_seq_num 
_pdbx_nonpoly_scheme.pdb_seq_num 
_pdbx_nonpoly_scheme.auth_seq_num 
_pdbx_nonpoly_scheme.pdb_mon_id 
_pdbx_nonpoly_scheme.auth_mon_id 
_pdbx_nonpoly_scheme.pdb_strand_id 
_pdbx_nonpoly_scheme.pdb_ins_code 
B 2 NI  1   1129 1129 NI  NI  P . 
C 3 HOH 1   2001 2001 HOH HOH P . 
C 3 HOH 2   2002 2002 HOH HOH P . 
C 3 HOH 3   2003 2003 HOH HOH P . 
C 3 HOH 4   2004 2004 HOH HOH P . 
C 3 HOH 5   2005 2005 HOH HOH P . 
C 3 HOH 6   2006 2006 HOH HOH P . 
C 3 HOH 7   2007 2007 HOH HOH P . 
C 3 HOH 8   2008 2008 HOH HOH P . 
C 3 HOH 9   2009 2009 HOH HOH P . 
C 3 HOH 10  2010 2010 HOH HOH P . 
C 3 HOH 11  2011 2011 HOH HOH P . 
C 3 HOH 12  2012 2012 HOH HOH P . 
C 3 HOH 13  2013 2013 HOH HOH P . 
C 3 HOH 14  2014 2014 HOH HOH P . 
C 3 HOH 15  2015 2015 HOH HOH P . 
C 3 HOH 16  2016 2016 HOH HOH P . 
C 3 HOH 17  2017 2017 HOH HOH P . 
C 3 HOH 18  2018 2018 HOH HOH P . 
C 3 HOH 19  2019 2019 HOH HOH P . 
C 3 HOH 20  2020 2020 HOH HOH P . 
C 3 HOH 21  2021 2021 HOH HOH P . 
C 3 HOH 22  2022 2022 HOH HOH P . 
C 3 HOH 23  2023 2023 HOH HOH P . 
C 3 HOH 24  2024 2024 HOH HOH P . 
C 3 HOH 25  2025 2025 HOH HOH P . 
C 3 HOH 26  2026 2026 HOH HOH P . 
C 3 HOH 27  2027 2027 HOH HOH P . 
C 3 HOH 28  2028 2028 HOH HOH P . 
C 3 HOH 29  2029 2029 HOH HOH P . 
C 3 HOH 30  2030 2030 HOH HOH P . 
C 3 HOH 31  2031 2031 HOH HOH P . 
C 3 HOH 32  2032 2032 HOH HOH P . 
C 3 HOH 33  2033 2033 HOH HOH P . 
C 3 HOH 34  2034 2034 HOH HOH P . 
C 3 HOH 35  2035 2035 HOH HOH P . 
C 3 HOH 36  2036 2036 HOH HOH P . 
C 3 HOH 37  2037 2037 HOH HOH P . 
C 3 HOH 38  2038 2038 HOH HOH P . 
C 3 HOH 39  2039 2039 HOH HOH P . 
C 3 HOH 40  2040 2040 HOH HOH P . 
C 3 HOH 41  2041 2041 HOH HOH P . 
C 3 HOH 42  2042 2042 HOH HOH P . 
C 3 HOH 43  2043 2043 HOH HOH P . 
C 3 HOH 44  2044 2044 HOH HOH P . 
C 3 HOH 45  2045 2045 HOH HOH P . 
C 3 HOH 46  2046 2046 HOH HOH P . 
C 3 HOH 47  2047 2047 HOH HOH P . 
C 3 HOH 48  2048 2048 HOH HOH P . 
C 3 HOH 49  2049 2049 HOH HOH P . 
C 3 HOH 50  2050 2050 HOH HOH P . 
C 3 HOH 51  2051 2051 HOH HOH P . 
C 3 HOH 52  2052 2052 HOH HOH P . 
C 3 HOH 53  2053 2053 HOH HOH P . 
C 3 HOH 54  2054 2054 HOH HOH P . 
C 3 HOH 55  2055 2055 HOH HOH P . 
C 3 HOH 56  2056 2056 HOH HOH P . 
C 3 HOH 57  2057 2057 HOH HOH P . 
C 3 HOH 58  2058 2058 HOH HOH P . 
C 3 HOH 59  2059 2059 HOH HOH P . 
C 3 HOH 60  2060 2060 HOH HOH P . 
C 3 HOH 61  2061 2061 HOH HOH P . 
C 3 HOH 62  2062 2062 HOH HOH P . 
C 3 HOH 63  2063 2063 HOH HOH P . 
C 3 HOH 64  2064 2064 HOH HOH P . 
C 3 HOH 65  2065 2065 HOH HOH P . 
C 3 HOH 66  2066 2066 HOH HOH P . 
C 3 HOH 67  2067 2067 HOH HOH P . 
C 3 HOH 68  2068 2068 HOH HOH P . 
C 3 HOH 69  2069 2069 HOH HOH P . 
C 3 HOH 70  2070 2070 HOH HOH P . 
C 3 HOH 71  2071 2071 HOH HOH P . 
C 3 HOH 72  2072 2072 HOH HOH P . 
C 3 HOH 73  2073 2073 HOH HOH P . 
C 3 HOH 74  2074 2074 HOH HOH P . 
C 3 HOH 75  2075 2075 HOH HOH P . 
C 3 HOH 76  2076 2076 HOH HOH P . 
C 3 HOH 77  2077 2077 HOH HOH P . 
C 3 HOH 78  2078 2078 HOH HOH P . 
C 3 HOH 79  2079 2079 HOH HOH P . 
C 3 HOH 80  2080 2080 HOH HOH P . 
C 3 HOH 81  2081 2081 HOH HOH P . 
C 3 HOH 82  2082 2082 HOH HOH P . 
C 3 HOH 83  2083 2083 HOH HOH P . 
C 3 HOH 84  2084 2084 HOH HOH P . 
C 3 HOH 85  2085 2085 HOH HOH P . 
C 3 HOH 86  2086 2086 HOH HOH P . 
C 3 HOH 87  2087 2087 HOH HOH P . 
C 3 HOH 88  2088 2088 HOH HOH P . 
C 3 HOH 89  2089 2089 HOH HOH P . 
C 3 HOH 90  2090 2090 HOH HOH P . 
C 3 HOH 91  2091 2091 HOH HOH P . 
C 3 HOH 92  2092 2092 HOH HOH P . 
C 3 HOH 93  2093 2093 HOH HOH P . 
C 3 HOH 94  2094 2094 HOH HOH P . 
C 3 HOH 95  2095 2095 HOH HOH P . 
C 3 HOH 96  2096 2096 HOH HOH P . 
C 3 HOH 97  2097 2097 HOH HOH P . 
C 3 HOH 98  2098 2098 HOH HOH P . 
C 3 HOH 99  2099 2099 HOH HOH P . 
C 3 HOH 100 2100 2100 HOH HOH P . 
C 3 HOH 101 2101 2101 HOH HOH P . 
C 3 HOH 102 2102 2102 HOH HOH P . 
C 3 HOH 103 2103 2103 HOH HOH P . 
C 3 HOH 104 2104 2104 HOH HOH P . 
C 3 HOH 105 2105 2105 HOH HOH P . 
C 3 HOH 106 2106 2106 HOH HOH P . 
C 3 HOH 107 2107 2107 HOH HOH P . 
C 3 HOH 108 2108 2108 HOH HOH P . 
C 3 HOH 109 2109 2109 HOH HOH P . 
C 3 HOH 110 2110 2110 HOH HOH P . 
C 3 HOH 111 2111 2111 HOH HOH P . 
C 3 HOH 112 2112 2112 HOH HOH P . 
C 3 HOH 113 2113 2113 HOH HOH P . 
C 3 HOH 114 2114 2114 HOH HOH P . 
C 3 HOH 115 2115 2115 HOH HOH P . 
C 3 HOH 116 2116 2116 HOH HOH P . 
C 3 HOH 117 2117 2117 HOH HOH P . 
C 3 HOH 118 2118 2118 HOH HOH P . 
C 3 HOH 119 2119 2119 HOH HOH P . 
C 3 HOH 120 2120 2120 HOH HOH P . 
C 3 HOH 121 2121 2121 HOH HOH P . 
C 3 HOH 122 2122 2122 HOH HOH P . 
C 3 HOH 123 2123 2123 HOH HOH P . 
C 3 HOH 124 2124 2124 HOH HOH P . 
C 3 HOH 125 2125 2125 HOH HOH P . 
C 3 HOH 126 2126 2126 HOH HOH P . 
C 3 HOH 127 2127 2127 HOH HOH P . 
C 3 HOH 128 2128 2128 HOH HOH P . 
C 3 HOH 129 2129 2129 HOH HOH P . 
C 3 HOH 130 2130 2130 HOH HOH P . 
C 3 HOH 131 2131 2131 HOH HOH P . 
C 3 HOH 132 2132 2132 HOH HOH P . 
C 3 HOH 133 2133 2133 HOH HOH P . 
C 3 HOH 134 2134 2134 HOH HOH P . 
C 3 HOH 135 2135 2135 HOH HOH P . 
C 3 HOH 136 2136 2136 HOH HOH P . 
C 3 HOH 137 2137 2137 HOH HOH P . 
C 3 HOH 138 2138 2138 HOH HOH P . 
C 3 HOH 139 2139 2139 HOH HOH P . 
C 3 HOH 140 2140 2140 HOH HOH P . 
C 3 HOH 141 2141 2141 HOH HOH P . 
C 3 HOH 142 2142 2142 HOH HOH P . 
# 
loop_
_pdbx_unobs_or_zero_occ_atoms.id 
_pdbx_unobs_or_zero_occ_atoms.PDB_model_num 
_pdbx_unobs_or_zero_occ_atoms.polymer_flag 
_pdbx_unobs_or_zero_occ_atoms.occupancy_flag 
_pdbx_unobs_or_zero_occ_atoms.auth_asym_id 
_pdbx_unobs_or_zero_occ_atoms.auth_comp_id 
_pdbx_unobs_or_zero_occ_atoms.auth_seq_id 
_pdbx_unobs_or_zero_occ_atoms.PDB_ins_code 
_pdbx_unobs_or_zero_occ_atoms.auth_atom_id 
_pdbx_unobs_or_zero_occ_atoms.label_alt_id 
_pdbx_unobs_or_zero_occ_atoms.label_asym_id 
_pdbx_unobs_or_zero_occ_atoms.label_comp_id 
_pdbx_unobs_or_zero_occ_atoms.label_seq_id 
_pdbx_unobs_or_zero_occ_atoms.label_atom_id 
1  1 Y 1 P ARG 128 ? CB  ? A ARG 124 CB  
2  1 Y 1 P ARG 128 ? CG  ? A ARG 124 CG  
3  1 Y 1 P ARG 128 ? CD  ? A ARG 124 CD  
4  1 Y 1 P ARG 128 ? NE  ? A ARG 124 NE  
5  1 Y 1 P ARG 128 ? CZ  ? A ARG 124 CZ  
6  1 Y 1 P ARG 128 ? NH1 ? A ARG 124 NH1 
7  1 Y 1 P ARG 128 ? NH2 ? A ARG 124 NH2 
8  1 Y 1 P GLY 129 ? CA  ? A GLY 125 CA  
9  1 Y 1 P GLY 129 ? C   ? A GLY 125 C   
10 1 Y 1 P GLY 129 ? O   ? A GLY 125 O   
# 
loop_
_software.name 
_software.classification 
_software.version 
_software.citation_id 
_software.pdbx_ordinal 
CNS       refinement       . ? 1 
DENZO     'data reduction' . ? 2 
SCALEPACK 'data scaling'   . ? 3 
EPMR      phasing          . ? 4 
# 
_cell.entry_id           1H04 
_cell.length_a           125.700 
_cell.length_b           20.400 
_cell.length_c           52.700 
_cell.angle_alpha        90.00 
_cell.angle_beta         111.50 
_cell.angle_gamma        90.00 
_cell.Z_PDB              4 
_cell.pdbx_unique_axis   ? 
# 
_symmetry.entry_id                         1H04 
_symmetry.space_group_name_H-M             'C 1 2 1' 
_symmetry.pdbx_full_space_group_name_H-M   ? 
_symmetry.cell_setting                     ? 
_symmetry.Int_Tables_number                5 
# 
_exptl.entry_id          1H04 
_exptl.method            'X-RAY DIFFRACTION' 
_exptl.crystals_number   1 
# 
_exptl_crystal.id                    1 
_exptl_crystal.density_meas          ? 
_exptl_crystal.density_Matthews      2.36 
_exptl_crystal.density_percent_sol   47.93 
_exptl_crystal.description           ? 
# 
_exptl_crystal_grow.crystal_id      1 
_exptl_crystal_grow.method          ? 
_exptl_crystal_grow.temp            ? 
_exptl_crystal_grow.temp_details    ? 
_exptl_crystal_grow.pH              4.50 
_exptl_crystal_grow.pdbx_pH_range   ? 
_exptl_crystal_grow.pdbx_details    'pH 4.50' 
# 
_diffrn.id                     1 
_diffrn.ambient_temp           100.0 
_diffrn.ambient_temp_details   ? 
_diffrn.crystal_id             1 
# 
_diffrn_detector.diffrn_id              1 
_diffrn_detector.detector               'IMAGE PLATE' 
_diffrn_detector.type                   MARRESEARCH 
_diffrn_detector.pdbx_collection_date   ? 
_diffrn_detector.details                ? 
# 
_diffrn_radiation.diffrn_id                        1 
_diffrn_radiation.wavelength_id                    1 
_diffrn_radiation.pdbx_monochromatic_or_laue_m_l   M 
_diffrn_radiation.monochromator                    ? 
_diffrn_radiation.pdbx_diffrn_protocol             'SINGLE WAVELENGTH' 
_diffrn_radiation.pdbx_scattering_type             x-ray 
# 
_diffrn_radiation_wavelength.id           1 
_diffrn_radiation_wavelength.wavelength   0.96 
_diffrn_radiation_wavelength.wt           1.0 
# 
_diffrn_source.diffrn_id                   1 
_diffrn_source.source                      SYNCHROTRON 
_diffrn_source.type                        'SRS BEAMLINE PX9.6' 
_diffrn_source.pdbx_synchrotron_site       SRS 
_diffrn_source.pdbx_synchrotron_beamline   PX9.6 
_diffrn_source.pdbx_wavelength             0.96 
_diffrn_source.pdbx_wavelength_list        ? 
# 
_reflns.pdbx_diffrn_id               1 
_reflns.pdbx_ordinal                 1 
_reflns.entry_id                     1H04 
_reflns.observed_criterion_sigma_I   ? 
_reflns.observed_criterion_sigma_F   ? 
_reflns.d_resolution_low             20.000 
_reflns.d_resolution_high            2.000 
_reflns.number_obs                   14289 
_reflns.number_all                   ? 
_reflns.percent_possible_obs         99.0 
_reflns.pdbx_Rmerge_I_obs            0.08500 
_reflns.pdbx_Rsym_value              ? 
_reflns.pdbx_netI_over_sigmaI        3.5000 
_reflns.B_iso_Wilson_estimate        ? 
_reflns.pdbx_redundancy              3.200 
# 
_reflns_shell.pdbx_diffrn_id         1 
_reflns_shell.pdbx_ordinal           1 
_reflns_shell.d_res_high             2.00 
_reflns_shell.d_res_low              2.20 
_reflns_shell.percent_possible_all   92.0 
_reflns_shell.Rmerge_I_obs           0.24500 
_reflns_shell.pdbx_Rsym_value        ? 
_reflns_shell.meanI_over_sigI_obs    1.100 
_reflns_shell.pdbx_redundancy        ? 
# 
_refine.pdbx_refine_id                           'X-RAY DIFFRACTION' 
_refine.entry_id                                 1H04 
_refine.pdbx_diffrn_id                           1 
_refine.pdbx_TLS_residual_ADP_flag               ? 
_refine.ls_number_reflns_obs                     8865 
_refine.ls_number_reflns_all                     ? 
_refine.pdbx_ls_sigma_I                          ? 
_refine.pdbx_ls_sigma_F                          0.0 
_refine.pdbx_data_cutoff_high_absF               ? 
_refine.pdbx_data_cutoff_low_absF                ? 
_refine.pdbx_data_cutoff_high_rms_absF           ? 
_refine.ls_d_res_low                             20.0 
_refine.ls_d_res_high                            2.0 
_refine.ls_percent_reflns_obs                    100.0 
_refine.ls_R_factor_obs                          0.214 
_refine.ls_R_factor_all                          ? 
_refine.ls_R_factor_R_work                       0.214 
_refine.ls_R_factor_R_free                       0.259 
_refine.ls_R_factor_R_free_error                 ? 
_refine.ls_R_factor_R_free_error_details         ? 
_refine.ls_percent_reflns_R_free                 5.0 
_refine.ls_number_reflns_R_free                  ? 
_refine.ls_number_parameters                     ? 
_refine.ls_number_restraints                     ? 
_refine.occupancy_min                            ? 
_refine.occupancy_max                            ? 
_refine.correlation_coeff_Fo_to_Fc               ? 
_refine.correlation_coeff_Fo_to_Fc_free          ? 
_refine.B_iso_mean                               ? 
_refine.aniso_B[1][1]                            2.1 
_refine.aniso_B[2][2]                            -1.0 
_refine.aniso_B[3][3]                            -1.1 
_refine.aniso_B[1][2]                            0 
_refine.aniso_B[1][3]                            -3.8 
_refine.aniso_B[2][3]                            0 
_refine.solvent_model_details                    ? 
_refine.solvent_model_param_ksol                 ? 
_refine.solvent_model_param_bsol                 ? 
_refine.pdbx_solvent_vdw_probe_radii             ? 
_refine.pdbx_solvent_ion_probe_radii             ? 
_refine.pdbx_solvent_shrinkage_radii             ? 
_refine.pdbx_ls_cross_valid_method               THROUGHOUT 
_refine.details                                  ? 
_refine.pdbx_starting_model                      'PDB ENTRY 1H03' 
_refine.pdbx_method_to_determine_struct          'MOLECULAR REPLACEMENT' 
_refine.pdbx_isotropic_thermal_model             ? 
_refine.pdbx_stereochemistry_target_values       ? 
_refine.pdbx_stereochem_target_val_spec_case     ? 
_refine.pdbx_R_Free_selection_details            RANDOM 
_refine.pdbx_overall_ESU_R                       ? 
_refine.pdbx_overall_ESU_R_Free                  ? 
_refine.overall_SU_ML                            ? 
_refine.pdbx_overall_phase_error                 ? 
_refine.overall_SU_B                             ? 
_refine.overall_SU_R_Cruickshank_DPI             ? 
_refine.pdbx_overall_SU_R_free_Cruickshank_DPI   ? 
_refine.pdbx_overall_SU_R_Blow_DPI               ? 
_refine.pdbx_overall_SU_R_free_Blow_DPI          ? 
# 
_refine_hist.pdbx_refine_id                   'X-RAY DIFFRACTION' 
_refine_hist.cycle_id                         LAST 
_refine_hist.pdbx_number_atoms_protein        920 
_refine_hist.pdbx_number_atoms_nucleic_acid   0 
_refine_hist.pdbx_number_atoms_ligand         1 
_refine_hist.number_atoms_solvent             142 
_refine_hist.number_atoms_total               1063 
_refine_hist.d_res_high                       2.0 
_refine_hist.d_res_low                        20.0 
# 
loop_
_refine_ls_restr.type 
_refine_ls_restr.dev_ideal 
_refine_ls_restr.dev_ideal_target 
_refine_ls_restr.weight 
_refine_ls_restr.number 
_refine_ls_restr.pdbx_refine_id 
_refine_ls_restr.pdbx_restraint_function 
c_bond_d                0.005 ? ? ? 'X-RAY DIFFRACTION' ? 
c_bond_d_na             ?     ? ? ? 'X-RAY DIFFRACTION' ? 
c_bond_d_prot           ?     ? ? ? 'X-RAY DIFFRACTION' ? 
c_angle_d               ?     ? ? ? 'X-RAY DIFFRACTION' ? 
c_angle_d_na            ?     ? ? ? 'X-RAY DIFFRACTION' ? 
c_angle_d_prot          ?     ? ? ? 'X-RAY DIFFRACTION' ? 
c_angle_deg             1.4   ? ? ? 'X-RAY DIFFRACTION' ? 
c_angle_deg_na          ?     ? ? ? 'X-RAY DIFFRACTION' ? 
c_angle_deg_prot        ?     ? ? ? 'X-RAY DIFFRACTION' ? 
c_dihedral_angle_d      ?     ? ? ? 'X-RAY DIFFRACTION' ? 
c_dihedral_angle_d_na   ?     ? ? ? 'X-RAY DIFFRACTION' ? 
c_dihedral_angle_d_prot ?     ? ? ? 'X-RAY DIFFRACTION' ? 
c_improper_angle_d      ?     ? ? ? 'X-RAY DIFFRACTION' ? 
c_improper_angle_d_na   ?     ? ? ? 'X-RAY DIFFRACTION' ? 
c_improper_angle_d_prot ?     ? ? ? 'X-RAY DIFFRACTION' ? 
c_mcbond_it             ?     ? ? ? 'X-RAY DIFFRACTION' ? 
c_mcangle_it            ?     ? ? ? 'X-RAY DIFFRACTION' ? 
c_scbond_it             ?     ? ? ? 'X-RAY DIFFRACTION' ? 
c_scangle_it            ?     ? ? ? 'X-RAY DIFFRACTION' ? 
# 
loop_
_pdbx_xplor_file.pdbx_refine_id 
_pdbx_xplor_file.serial_no 
_pdbx_xplor_file.param_file 
_pdbx_xplor_file.topol_file 
'X-RAY DIFFRACTION' 1 PROTEIN_REP.PARAM PROTEIN.TOP 
'X-RAY DIFFRACTION' 2 WATER_REP.PARAM   WATER.TOP   
# 
_struct.entry_id                  1H04 
_struct.title                     'Human CD55 domains 3 & 4' 
_struct.pdbx_model_details        ? 
_struct.pdbx_CASP_flag            ? 
_struct.pdbx_model_type_details   ? 
# 
_struct_keywords.entry_id        1H04 
_struct_keywords.pdbx_keywords   'IMMUNE SYSTEM PROTEIN' 
_struct_keywords.text            
;IMMUNE SYSTEM PROTEIN, COMPLEMENT DECAY ACCELERATING FACTOR, ENTEROVIRAL RECEPTOR, BACTERIAL RECEPTOR, LIGAND FOR CD97, COMPLEMENT PATHWAY, ALTERNATIVE SPLICING, GPI-ANCHOR
;
# 
loop_
_struct_asym.id 
_struct_asym.pdbx_blank_PDB_chainid_flag 
_struct_asym.pdbx_modified 
_struct_asym.entity_id 
_struct_asym.details 
A N N 1 ? 
B N N 2 ? 
C N N 3 ? 
# 
_struct_ref.id                         1 
_struct_ref.db_name                    UNP 
_struct_ref.db_code                    DAF_HUMAN 
_struct_ref.entity_id                  1 
_struct_ref.pdbx_seq_one_letter_code   ? 
_struct_ref.pdbx_align_begin           ? 
_struct_ref.pdbx_db_accession          P08174 
_struct_ref.pdbx_db_isoform            ? 
# 
_struct_ref_seq.align_id                      1 
_struct_ref_seq.ref_id                        1 
_struct_ref_seq.pdbx_PDB_id_code              1H04 
_struct_ref_seq.pdbx_strand_id                P 
_struct_ref_seq.seq_align_beg                 1 
_struct_ref_seq.pdbx_seq_align_beg_ins_code   ? 
_struct_ref_seq.seq_align_end                 125 
_struct_ref_seq.pdbx_seq_align_end_ins_code   ? 
_struct_ref_seq.pdbx_db_accession             P08174 
_struct_ref_seq.db_align_beg                  161 
_struct_ref_seq.pdbx_db_align_beg_ins_code    ? 
_struct_ref_seq.db_align_end                  285 
_struct_ref_seq.pdbx_db_align_end_ins_code    ? 
_struct_ref_seq.pdbx_auth_seq_align_beg       5 
_struct_ref_seq.pdbx_auth_seq_align_end       129 
# 
_pdbx_struct_assembly.id                   1 
_pdbx_struct_assembly.details              author_and_software_defined_assembly 
_pdbx_struct_assembly.method_details       PQS 
_pdbx_struct_assembly.oligomeric_details   monomeric 
_pdbx_struct_assembly.oligomeric_count     1 
# 
_pdbx_struct_assembly_gen.assembly_id       1 
_pdbx_struct_assembly_gen.oper_expression   1 
_pdbx_struct_assembly_gen.asym_id_list      A,B,C 
# 
_pdbx_struct_oper_list.id                   1 
_pdbx_struct_oper_list.type                 'identity operation' 
_pdbx_struct_oper_list.name                 1_555 
_pdbx_struct_oper_list.symmetry_operation   x,y,z 
_pdbx_struct_oper_list.matrix[1][1]         1.0000000000 
_pdbx_struct_oper_list.matrix[1][2]         0.0000000000 
_pdbx_struct_oper_list.matrix[1][3]         0.0000000000 
_pdbx_struct_oper_list.vector[1]            0.0000000000 
_pdbx_struct_oper_list.matrix[2][1]         0.0000000000 
_pdbx_struct_oper_list.matrix[2][2]         1.0000000000 
_pdbx_struct_oper_list.matrix[2][3]         0.0000000000 
_pdbx_struct_oper_list.vector[2]            0.0000000000 
_pdbx_struct_oper_list.matrix[3][1]         0.0000000000 
_pdbx_struct_oper_list.matrix[3][2]         0.0000000000 
_pdbx_struct_oper_list.matrix[3][3]         1.0000000000 
_pdbx_struct_oper_list.vector[3]            0.0000000000 
# 
_struct_biol.id   1 
# 
loop_
_struct_conn.id 
_struct_conn.conn_type_id 
_struct_conn.pdbx_leaving_atom_flag 
_struct_conn.pdbx_PDB_id 
_struct_conn.ptnr1_label_asym_id 
_struct_conn.ptnr1_label_comp_id 
_struct_conn.ptnr1_label_seq_id 
_struct_conn.ptnr1_label_atom_id 
_struct_conn.pdbx_ptnr1_label_alt_id 
_struct_conn.pdbx_ptnr1_PDB_ins_code 
_struct_conn.pdbx_ptnr1_standard_comp_id 
_struct_conn.ptnr1_symmetry 
_struct_conn.ptnr2_label_asym_id 
_struct_conn.ptnr2_label_comp_id 
_struct_conn.ptnr2_label_seq_id 
_struct_conn.ptnr2_label_atom_id 
_struct_conn.pdbx_ptnr2_label_alt_id 
_struct_conn.pdbx_ptnr2_PDB_ins_code 
_struct_conn.ptnr1_auth_asym_id 
_struct_conn.ptnr1_auth_comp_id 
_struct_conn.ptnr1_auth_seq_id 
_struct_conn.ptnr2_auth_asym_id 
_struct_conn.ptnr2_auth_comp_id 
_struct_conn.ptnr2_auth_seq_id 
_struct_conn.ptnr2_symmetry 
_struct_conn.pdbx_ptnr3_label_atom_id 
_struct_conn.pdbx_ptnr3_label_seq_id 
_struct_conn.pdbx_ptnr3_label_comp_id 
_struct_conn.pdbx_ptnr3_label_asym_id 
_struct_conn.pdbx_ptnr3_label_alt_id 
_struct_conn.pdbx_ptnr3_PDB_ins_code 
_struct_conn.details 
_struct_conn.pdbx_dist_value 
_struct_conn.pdbx_value_order 
_struct_conn.pdbx_role 
disulf1 disulf ? ? A CYS 3  SG ? ? ? 1_555 A CYS 44  SG ? ? P CYS 7  P CYS 48  1_555 ? ? ? ? ? ? ? 2.028 ? ? 
disulf2 disulf ? ? A CYS 30 SG ? ? ? 1_555 A CYS 60  SG ? ? P CYS 34 P CYS 64  1_555 ? ? ? ? ? ? ? 2.031 ? ? 
disulf3 disulf ? ? A CYS 65 SG ? ? ? 1_555 A CYS 107 SG ? ? P CYS 69 P CYS 111 1_555 ? ? ? ? ? ? ? 2.033 ? ? 
disulf4 disulf ? ? A CYS 93 SG ? ? ? 1_555 A CYS 123 SG ? ? P CYS 97 P CYS 127 1_555 ? ? ? ? ? ? ? 2.031 ? ? 
# 
_struct_conn_type.id          disulf 
_struct_conn_type.criteria    ? 
_struct_conn_type.reference   ? 
# 
loop_
_pdbx_modification_feature.ordinal 
_pdbx_modification_feature.label_comp_id 
_pdbx_modification_feature.label_asym_id 
_pdbx_modification_feature.label_seq_id 
_pdbx_modification_feature.label_alt_id 
_pdbx_modification_feature.modified_residue_label_comp_id 
_pdbx_modification_feature.modified_residue_label_asym_id 
_pdbx_modification_feature.modified_residue_label_seq_id 
_pdbx_modification_feature.modified_residue_label_alt_id 
_pdbx_modification_feature.auth_comp_id 
_pdbx_modification_feature.auth_asym_id 
_pdbx_modification_feature.auth_seq_id 
_pdbx_modification_feature.PDB_ins_code 
_pdbx_modification_feature.symmetry 
_pdbx_modification_feature.modified_residue_auth_comp_id 
_pdbx_modification_feature.modified_residue_auth_asym_id 
_pdbx_modification_feature.modified_residue_auth_seq_id 
_pdbx_modification_feature.modified_residue_PDB_ins_code 
_pdbx_modification_feature.modified_residue_symmetry 
_pdbx_modification_feature.comp_id_linking_atom 
_pdbx_modification_feature.modified_residue_id_linking_atom 
_pdbx_modification_feature.modified_residue_id 
_pdbx_modification_feature.ref_pcm_id 
_pdbx_modification_feature.ref_comp_id 
_pdbx_modification_feature.type 
_pdbx_modification_feature.category 
1 CYS A 3  ? CYS A 44  ? CYS P 7  ? 1_555 CYS P 48  ? 1_555 SG SG . . . None 'Disulfide bridge' 
2 CYS A 30 ? CYS A 60  ? CYS P 34 ? 1_555 CYS P 64  ? 1_555 SG SG . . . None 'Disulfide bridge' 
3 CYS A 65 ? CYS A 107 ? CYS P 69 ? 1_555 CYS P 111 ? 1_555 SG SG . . . None 'Disulfide bridge' 
4 CYS A 93 ? CYS A 123 ? CYS P 97 ? 1_555 CYS P 127 ? 1_555 SG SG . . . None 'Disulfide bridge' 
# 
loop_
_struct_sheet.id 
_struct_sheet.type 
_struct_sheet.number_strands 
_struct_sheet.details 
PA ? 4 ? 
PB ? 2 ? 
PC ? 4 ? 
PD ? 2 ? 
# 
loop_
_struct_sheet_order.sheet_id 
_struct_sheet_order.range_id_1 
_struct_sheet_order.range_id_2 
_struct_sheet_order.offset 
_struct_sheet_order.sense 
PA 1 2 ? anti-parallel 
PA 2 3 ? anti-parallel 
PA 3 4 ? anti-parallel 
PB 1 2 ? anti-parallel 
PC 1 2 ? anti-parallel 
PC 2 3 ? anti-parallel 
PC 3 4 ? anti-parallel 
PD 1 2 ? anti-parallel 
# 
loop_
_struct_sheet_range.sheet_id 
_struct_sheet_range.id 
_struct_sheet_range.beg_label_comp_id 
_struct_sheet_range.beg_label_asym_id 
_struct_sheet_range.beg_label_seq_id 
_struct_sheet_range.pdbx_beg_PDB_ins_code 
_struct_sheet_range.end_label_comp_id 
_struct_sheet_range.end_label_asym_id 
_struct_sheet_range.end_label_seq_id 
_struct_sheet_range.pdbx_end_PDB_ins_code 
_struct_sheet_range.beg_auth_comp_id 
_struct_sheet_range.beg_auth_asym_id 
_struct_sheet_range.beg_auth_seq_id 
_struct_sheet_range.end_auth_comp_id 
_struct_sheet_range.end_auth_asym_id 
_struct_sheet_range.end_auth_seq_id 
PA 1 GLY A 12  ? ASP A 15  ? GLY P 16  ASP P 19  
PA 2 THR A 25  ? CYS A 30  ? THR P 29  CYS P 34  
PA 3 SER A 41  ? SER A 47  ? SER P 45  SER P 51  
PA 4 SER A 50  ? TRP A 53  ? SER P 54  TRP P 57  
PB 1 TYR A 34  ? ALA A 37  ? TYR P 38  ALA P 41  
PB 2 GLU A 59  ? GLU A 62  ? GLU P 63  GLU P 66  
PC 1 GLY A 74  ? ILE A 76  ? GLY P 78  ILE P 80  
PC 2 SER A 88  ? CYS A 93  ? SER P 92  CYS P 97  
PC 3 SER A 104 ? ASN A 110 ? SER P 108 ASN P 114 
PC 4 ALA A 113 ? TRP A 116 ? ALA P 117 TRP P 120 
PD 1 THR A 98  ? ILE A 100 ? THR P 102 ILE P 104 
PD 2 GLU A 122 ? ARG A 124 ? GLU P 126 ARG P 128 
# 
loop_
_pdbx_struct_sheet_hbond.sheet_id 
_pdbx_struct_sheet_hbond.range_id_1 
_pdbx_struct_sheet_hbond.range_id_2 
_pdbx_struct_sheet_hbond.range_1_label_atom_id 
_pdbx_struct_sheet_hbond.range_1_label_comp_id 
_pdbx_struct_sheet_hbond.range_1_label_asym_id 
_pdbx_struct_sheet_hbond.range_1_label_seq_id 
_pdbx_struct_sheet_hbond.range_1_PDB_ins_code 
_pdbx_struct_sheet_hbond.range_1_auth_atom_id 
_pdbx_struct_sheet_hbond.range_1_auth_comp_id 
_pdbx_struct_sheet_hbond.range_1_auth_asym_id 
_pdbx_struct_sheet_hbond.range_1_auth_seq_id 
_pdbx_struct_sheet_hbond.range_2_label_atom_id 
_pdbx_struct_sheet_hbond.range_2_label_comp_id 
_pdbx_struct_sheet_hbond.range_2_label_asym_id 
_pdbx_struct_sheet_hbond.range_2_label_seq_id 
_pdbx_struct_sheet_hbond.range_2_PDB_ins_code 
_pdbx_struct_sheet_hbond.range_2_auth_atom_id 
_pdbx_struct_sheet_hbond.range_2_auth_comp_id 
_pdbx_struct_sheet_hbond.range_2_auth_asym_id 
_pdbx_struct_sheet_hbond.range_2_auth_seq_id 
PA 1 2 N ASP A 15  ? N ASP P 19  O SER A 27  ? O SER P 31  
PA 2 3 N ILE A 26  ? N ILE P 30  O SER A 42  ? O SER P 46  
PA 3 4 N SER A 47  ? N SER P 51  O SER A 50  ? O SER P 54  
PB 1 2 N ALA A 37  ? N ALA P 41  O GLU A 59  ? O GLU P 63  
PC 1 2 N ILE A 75  ? N ILE P 79  O ALA A 92  ? O ALA P 96  
PC 2 3 N VAL A 89  ? N VAL P 93  O ILE A 105 ? O ILE P 109 
PC 3 4 N ASN A 110 ? N ASN P 114 O ALA A 113 ? O ALA P 117 
PD 1 2 N ILE A 100 ? N ILE P 104 O GLU A 122 ? O GLU P 126 
# 
_struct_site.id                   AC1 
_struct_site.pdbx_evidence_code   Software 
_struct_site.pdbx_auth_asym_id    ? 
_struct_site.pdbx_auth_comp_id    ? 
_struct_site.pdbx_auth_seq_id     ? 
_struct_site.pdbx_auth_ins_code   ? 
_struct_site.pdbx_num_residues    2 
_struct_site.details              'BINDING SITE FOR RESIDUE NI P1129' 
# 
loop_
_struct_site_gen.id 
_struct_site_gen.site_id 
_struct_site_gen.pdbx_num_res 
_struct_site_gen.label_comp_id 
_struct_site_gen.label_asym_id 
_struct_site_gen.label_seq_id 
_struct_site_gen.pdbx_auth_ins_code 
_struct_site_gen.auth_comp_id 
_struct_site_gen.auth_asym_id 
_struct_site_gen.auth_seq_id 
_struct_site_gen.label_atom_id 
_struct_site_gen.label_alt_id 
_struct_site_gen.symmetry 
_struct_site_gen.details 
1 AC1 2 ARG A 80 ? ARG P 84   . ? 1_555 ? 
2 AC1 2 HOH C .  ? HOH P 2103 . ? 1_555 ? 
# 
_pdbx_entry_details.entry_id                   1H04 
_pdbx_entry_details.compound_details           ? 
_pdbx_entry_details.source_details             ? 
_pdbx_entry_details.nonpolymer_details         ? 
_pdbx_entry_details.sequence_details           ? 
_pdbx_entry_details.has_ligand_of_interest     ? 
_pdbx_entry_details.has_protein_modification   Y 
# 
_pdbx_validate_symm_contact.id                1 
_pdbx_validate_symm_contact.PDB_model_num     1 
_pdbx_validate_symm_contact.auth_atom_id_1    O 
_pdbx_validate_symm_contact.auth_asym_id_1    P 
_pdbx_validate_symm_contact.auth_comp_id_1    HOH 
_pdbx_validate_symm_contact.auth_seq_id_1     2126 
_pdbx_validate_symm_contact.PDB_ins_code_1    ? 
_pdbx_validate_symm_contact.label_alt_id_1    ? 
_pdbx_validate_symm_contact.site_symmetry_1   1_555 
_pdbx_validate_symm_contact.auth_atom_id_2    O 
_pdbx_validate_symm_contact.auth_asym_id_2    P 
_pdbx_validate_symm_contact.auth_comp_id_2    HOH 
_pdbx_validate_symm_contact.auth_seq_id_2     2126 
_pdbx_validate_symm_contact.PDB_ins_code_2    ? 
_pdbx_validate_symm_contact.label_alt_id_2    ? 
_pdbx_validate_symm_contact.site_symmetry_2   2_556 
_pdbx_validate_symm_contact.dist              1.62 
# 
_pdbx_validate_torsion.id              1 
_pdbx_validate_torsion.PDB_model_num   1 
_pdbx_validate_torsion.auth_comp_id    ARG 
_pdbx_validate_torsion.auth_asym_id    P 
_pdbx_validate_torsion.auth_seq_id     90 
_pdbx_validate_torsion.PDB_ins_code    ? 
_pdbx_validate_torsion.label_alt_id    ? 
_pdbx_validate_torsion.phi             79.65 
_pdbx_validate_torsion.psi             -9.75 
# 
_pdbx_struct_special_symmetry.id              1 
_pdbx_struct_special_symmetry.PDB_model_num   1 
_pdbx_struct_special_symmetry.auth_asym_id    P 
_pdbx_struct_special_symmetry.auth_comp_id    HOH 
_pdbx_struct_special_symmetry.auth_seq_id     2122 
_pdbx_struct_special_symmetry.PDB_ins_code    ? 
_pdbx_struct_special_symmetry.label_asym_id   C 
_pdbx_struct_special_symmetry.label_comp_id   HOH 
_pdbx_struct_special_symmetry.label_seq_id    . 
# 
loop_
_pdbx_distant_solvent_atoms.id 
_pdbx_distant_solvent_atoms.PDB_model_num 
_pdbx_distant_solvent_atoms.auth_atom_id 
_pdbx_distant_solvent_atoms.label_alt_id 
_pdbx_distant_solvent_atoms.auth_asym_id 
_pdbx_distant_solvent_atoms.auth_comp_id 
_pdbx_distant_solvent_atoms.auth_seq_id 
_pdbx_distant_solvent_atoms.PDB_ins_code 
_pdbx_distant_solvent_atoms.neighbor_macromolecule_distance 
_pdbx_distant_solvent_atoms.neighbor_ligand_distance 
1 1 O ? P HOH 2004 ? 6.32 . 
2 1 O ? P HOH 2014 ? 7.50 . 
# 
loop_
_chem_comp_atom.comp_id 
_chem_comp_atom.atom_id 
_chem_comp_atom.type_symbol 
_chem_comp_atom.pdbx_aromatic_flag 
_chem_comp_atom.pdbx_stereo_config 
_chem_comp_atom.pdbx_ordinal 
ALA N    N  N N 1   
ALA CA   C  N S 2   
ALA C    C  N N 3   
ALA O    O  N N 4   
ALA CB   C  N N 5   
ALA OXT  O  N N 6   
ALA H    H  N N 7   
ALA H2   H  N N 8   
ALA HA   H  N N 9   
ALA HB1  H  N N 10  
ALA HB2  H  N N 11  
ALA HB3  H  N N 12  
ALA HXT  H  N N 13  
ARG N    N  N N 14  
ARG CA   C  N S 15  
ARG C    C  N N 16  
ARG O    O  N N 17  
ARG CB   C  N N 18  
ARG CG   C  N N 19  
ARG CD   C  N N 20  
ARG NE   N  N N 21  
ARG CZ   C  N N 22  
ARG NH1  N  N N 23  
ARG NH2  N  N N 24  
ARG OXT  O  N N 25  
ARG H    H  N N 26  
ARG H2   H  N N 27  
ARG HA   H  N N 28  
ARG HB2  H  N N 29  
ARG HB3  H  N N 30  
ARG HG2  H  N N 31  
ARG HG3  H  N N 32  
ARG HD2  H  N N 33  
ARG HD3  H  N N 34  
ARG HE   H  N N 35  
ARG HH11 H  N N 36  
ARG HH12 H  N N 37  
ARG HH21 H  N N 38  
ARG HH22 H  N N 39  
ARG HXT  H  N N 40  
ASN N    N  N N 41  
ASN CA   C  N S 42  
ASN C    C  N N 43  
ASN O    O  N N 44  
ASN CB   C  N N 45  
ASN CG   C  N N 46  
ASN OD1  O  N N 47  
ASN ND2  N  N N 48  
ASN OXT  O  N N 49  
ASN H    H  N N 50  
ASN H2   H  N N 51  
ASN HA   H  N N 52  
ASN HB2  H  N N 53  
ASN HB3  H  N N 54  
ASN HD21 H  N N 55  
ASN HD22 H  N N 56  
ASN HXT  H  N N 57  
ASP N    N  N N 58  
ASP CA   C  N S 59  
ASP C    C  N N 60  
ASP O    O  N N 61  
ASP CB   C  N N 62  
ASP CG   C  N N 63  
ASP OD1  O  N N 64  
ASP OD2  O  N N 65  
ASP OXT  O  N N 66  
ASP H    H  N N 67  
ASP H2   H  N N 68  
ASP HA   H  N N 69  
ASP HB2  H  N N 70  
ASP HB3  H  N N 71  
ASP HD2  H  N N 72  
ASP HXT  H  N N 73  
CYS N    N  N N 74  
CYS CA   C  N R 75  
CYS C    C  N N 76  
CYS O    O  N N 77  
CYS CB   C  N N 78  
CYS SG   S  N N 79  
CYS OXT  O  N N 80  
CYS H    H  N N 81  
CYS H2   H  N N 82  
CYS HA   H  N N 83  
CYS HB2  H  N N 84  
CYS HB3  H  N N 85  
CYS HG   H  N N 86  
CYS HXT  H  N N 87  
GLN N    N  N N 88  
GLN CA   C  N S 89  
GLN C    C  N N 90  
GLN O    O  N N 91  
GLN CB   C  N N 92  
GLN CG   C  N N 93  
GLN CD   C  N N 94  
GLN OE1  O  N N 95  
GLN NE2  N  N N 96  
GLN OXT  O  N N 97  
GLN H    H  N N 98  
GLN H2   H  N N 99  
GLN HA   H  N N 100 
GLN HB2  H  N N 101 
GLN HB3  H  N N 102 
GLN HG2  H  N N 103 
GLN HG3  H  N N 104 
GLN HE21 H  N N 105 
GLN HE22 H  N N 106 
GLN HXT  H  N N 107 
GLU N    N  N N 108 
GLU CA   C  N S 109 
GLU C    C  N N 110 
GLU O    O  N N 111 
GLU CB   C  N N 112 
GLU CG   C  N N 113 
GLU CD   C  N N 114 
GLU OE1  O  N N 115 
GLU OE2  O  N N 116 
GLU OXT  O  N N 117 
GLU H    H  N N 118 
GLU H2   H  N N 119 
GLU HA   H  N N 120 
GLU HB2  H  N N 121 
GLU HB3  H  N N 122 
GLU HG2  H  N N 123 
GLU HG3  H  N N 124 
GLU HE2  H  N N 125 
GLU HXT  H  N N 126 
GLY N    N  N N 127 
GLY CA   C  N N 128 
GLY C    C  N N 129 
GLY O    O  N N 130 
GLY OXT  O  N N 131 
GLY H    H  N N 132 
GLY H2   H  N N 133 
GLY HA2  H  N N 134 
GLY HA3  H  N N 135 
GLY HXT  H  N N 136 
HIS N    N  N N 137 
HIS CA   C  N S 138 
HIS C    C  N N 139 
HIS O    O  N N 140 
HIS CB   C  N N 141 
HIS CG   C  Y N 142 
HIS ND1  N  Y N 143 
HIS CD2  C  Y N 144 
HIS CE1  C  Y N 145 
HIS NE2  N  Y N 146 
HIS OXT  O  N N 147 
HIS H    H  N N 148 
HIS H2   H  N N 149 
HIS HA   H  N N 150 
HIS HB2  H  N N 151 
HIS HB3  H  N N 152 
HIS HD1  H  N N 153 
HIS HD2  H  N N 154 
HIS HE1  H  N N 155 
HIS HE2  H  N N 156 
HIS HXT  H  N N 157 
HOH O    O  N N 158 
HOH H1   H  N N 159 
HOH H2   H  N N 160 
ILE N    N  N N 161 
ILE CA   C  N S 162 
ILE C    C  N N 163 
ILE O    O  N N 164 
ILE CB   C  N S 165 
ILE CG1  C  N N 166 
ILE CG2  C  N N 167 
ILE CD1  C  N N 168 
ILE OXT  O  N N 169 
ILE H    H  N N 170 
ILE H2   H  N N 171 
ILE HA   H  N N 172 
ILE HB   H  N N 173 
ILE HG12 H  N N 174 
ILE HG13 H  N N 175 
ILE HG21 H  N N 176 
ILE HG22 H  N N 177 
ILE HG23 H  N N 178 
ILE HD11 H  N N 179 
ILE HD12 H  N N 180 
ILE HD13 H  N N 181 
ILE HXT  H  N N 182 
LEU N    N  N N 183 
LEU CA   C  N S 184 
LEU C    C  N N 185 
LEU O    O  N N 186 
LEU CB   C  N N 187 
LEU CG   C  N N 188 
LEU CD1  C  N N 189 
LEU CD2  C  N N 190 
LEU OXT  O  N N 191 
LEU H    H  N N 192 
LEU H2   H  N N 193 
LEU HA   H  N N 194 
LEU HB2  H  N N 195 
LEU HB3  H  N N 196 
LEU HG   H  N N 197 
LEU HD11 H  N N 198 
LEU HD12 H  N N 199 
LEU HD13 H  N N 200 
LEU HD21 H  N N 201 
LEU HD22 H  N N 202 
LEU HD23 H  N N 203 
LEU HXT  H  N N 204 
LYS N    N  N N 205 
LYS CA   C  N S 206 
LYS C    C  N N 207 
LYS O    O  N N 208 
LYS CB   C  N N 209 
LYS CG   C  N N 210 
LYS CD   C  N N 211 
LYS CE   C  N N 212 
LYS NZ   N  N N 213 
LYS OXT  O  N N 214 
LYS H    H  N N 215 
LYS H2   H  N N 216 
LYS HA   H  N N 217 
LYS HB2  H  N N 218 
LYS HB3  H  N N 219 
LYS HG2  H  N N 220 
LYS HG3  H  N N 221 
LYS HD2  H  N N 222 
LYS HD3  H  N N 223 
LYS HE2  H  N N 224 
LYS HE3  H  N N 225 
LYS HZ1  H  N N 226 
LYS HZ2  H  N N 227 
LYS HZ3  H  N N 228 
LYS HXT  H  N N 229 
MET N    N  N N 230 
MET CA   C  N S 231 
MET C    C  N N 232 
MET O    O  N N 233 
MET CB   C  N N 234 
MET CG   C  N N 235 
MET SD   S  N N 236 
MET CE   C  N N 237 
MET OXT  O  N N 238 
MET H    H  N N 239 
MET H2   H  N N 240 
MET HA   H  N N 241 
MET HB2  H  N N 242 
MET HB3  H  N N 243 
MET HG2  H  N N 244 
MET HG3  H  N N 245 
MET HE1  H  N N 246 
MET HE2  H  N N 247 
MET HE3  H  N N 248 
MET HXT  H  N N 249 
NI  NI   NI N N 250 
PHE N    N  N N 251 
PHE CA   C  N S 252 
PHE C    C  N N 253 
PHE O    O  N N 254 
PHE CB   C  N N 255 
PHE CG   C  Y N 256 
PHE CD1  C  Y N 257 
PHE CD2  C  Y N 258 
PHE CE1  C  Y N 259 
PHE CE2  C  Y N 260 
PHE CZ   C  Y N 261 
PHE OXT  O  N N 262 
PHE H    H  N N 263 
PHE H2   H  N N 264 
PHE HA   H  N N 265 
PHE HB2  H  N N 266 
PHE HB3  H  N N 267 
PHE HD1  H  N N 268 
PHE HD2  H  N N 269 
PHE HE1  H  N N 270 
PHE HE2  H  N N 271 
PHE HZ   H  N N 272 
PHE HXT  H  N N 273 
PRO N    N  N N 274 
PRO CA   C  N S 275 
PRO C    C  N N 276 
PRO O    O  N N 277 
PRO CB   C  N N 278 
PRO CG   C  N N 279 
PRO CD   C  N N 280 
PRO OXT  O  N N 281 
PRO H    H  N N 282 
PRO HA   H  N N 283 
PRO HB2  H  N N 284 
PRO HB3  H  N N 285 
PRO HG2  H  N N 286 
PRO HG3  H  N N 287 
PRO HD2  H  N N 288 
PRO HD3  H  N N 289 
PRO HXT  H  N N 290 
SER N    N  N N 291 
SER CA   C  N S 292 
SER C    C  N N 293 
SER O    O  N N 294 
SER CB   C  N N 295 
SER OG   O  N N 296 
SER OXT  O  N N 297 
SER H    H  N N 298 
SER H2   H  N N 299 
SER HA   H  N N 300 
SER HB2  H  N N 301 
SER HB3  H  N N 302 
SER HG   H  N N 303 
SER HXT  H  N N 304 
THR N    N  N N 305 
THR CA   C  N S 306 
THR C    C  N N 307 
THR O    O  N N 308 
THR CB   C  N R 309 
THR OG1  O  N N 310 
THR CG2  C  N N 311 
THR OXT  O  N N 312 
THR H    H  N N 313 
THR H2   H  N N 314 
THR HA   H  N N 315 
THR HB   H  N N 316 
THR HG1  H  N N 317 
THR HG21 H  N N 318 
THR HG22 H  N N 319 
THR HG23 H  N N 320 
THR HXT  H  N N 321 
TRP N    N  N N 322 
TRP CA   C  N S 323 
TRP C    C  N N 324 
TRP O    O  N N 325 
TRP CB   C  N N 326 
TRP CG   C  Y N 327 
TRP CD1  C  Y N 328 
TRP CD2  C  Y N 329 
TRP NE1  N  Y N 330 
TRP CE2  C  Y N 331 
TRP CE3  C  Y N 332 
TRP CZ2  C  Y N 333 
TRP CZ3  C  Y N 334 
TRP CH2  C  Y N 335 
TRP OXT  O  N N 336 
TRP H    H  N N 337 
TRP H2   H  N N 338 
TRP HA   H  N N 339 
TRP HB2  H  N N 340 
TRP HB3  H  N N 341 
TRP HD1  H  N N 342 
TRP HE1  H  N N 343 
TRP HE3  H  N N 344 
TRP HZ2  H  N N 345 
TRP HZ3  H  N N 346 
TRP HH2  H  N N 347 
TRP HXT  H  N N 348 
TYR N    N  N N 349 
TYR CA   C  N S 350 
TYR C    C  N N 351 
TYR O    O  N N 352 
TYR CB   C  N N 353 
TYR CG   C  Y N 354 
TYR CD1  C  Y N 355 
TYR CD2  C  Y N 356 
TYR CE1  C  Y N 357 
TYR CE2  C  Y N 358 
TYR CZ   C  Y N 359 
TYR OH   O  N N 360 
TYR OXT  O  N N 361 
TYR H    H  N N 362 
TYR H2   H  N N 363 
TYR HA   H  N N 364 
TYR HB2  H  N N 365 
TYR HB3  H  N N 366 
TYR HD1  H  N N 367 
TYR HD2  H  N N 368 
TYR HE1  H  N N 369 
TYR HE2  H  N N 370 
TYR HH   H  N N 371 
TYR HXT  H  N N 372 
VAL N    N  N N 373 
VAL CA   C  N S 374 
VAL C    C  N N 375 
VAL O    O  N N 376 
VAL CB   C  N N 377 
VAL CG1  C  N N 378 
VAL CG2  C  N N 379 
VAL OXT  O  N N 380 
VAL H    H  N N 381 
VAL H2   H  N N 382 
VAL HA   H  N N 383 
VAL HB   H  N N 384 
VAL HG11 H  N N 385 
VAL HG12 H  N N 386 
VAL HG13 H  N N 387 
VAL HG21 H  N N 388 
VAL HG22 H  N N 389 
VAL HG23 H  N N 390 
VAL HXT  H  N N 391 
# 
loop_
_chem_comp_bond.comp_id 
_chem_comp_bond.atom_id_1 
_chem_comp_bond.atom_id_2 
_chem_comp_bond.value_order 
_chem_comp_bond.pdbx_aromatic_flag 
_chem_comp_bond.pdbx_stereo_config 
_chem_comp_bond.pdbx_ordinal 
ALA N   CA   sing N N 1   
ALA N   H    sing N N 2   
ALA N   H2   sing N N 3   
ALA CA  C    sing N N 4   
ALA CA  CB   sing N N 5   
ALA CA  HA   sing N N 6   
ALA C   O    doub N N 7   
ALA C   OXT  sing N N 8   
ALA CB  HB1  sing N N 9   
ALA CB  HB2  sing N N 10  
ALA CB  HB3  sing N N 11  
ALA OXT HXT  sing N N 12  
ARG N   CA   sing N N 13  
ARG N   H    sing N N 14  
ARG N   H2   sing N N 15  
ARG CA  C    sing N N 16  
ARG CA  CB   sing N N 17  
ARG CA  HA   sing N N 18  
ARG C   O    doub N N 19  
ARG C   OXT  sing N N 20  
ARG CB  CG   sing N N 21  
ARG CB  HB2  sing N N 22  
ARG CB  HB3  sing N N 23  
ARG CG  CD   sing N N 24  
ARG CG  HG2  sing N N 25  
ARG CG  HG3  sing N N 26  
ARG CD  NE   sing N N 27  
ARG CD  HD2  sing N N 28  
ARG CD  HD3  sing N N 29  
ARG NE  CZ   sing N N 30  
ARG NE  HE   sing N N 31  
ARG CZ  NH1  sing N N 32  
ARG CZ  NH2  doub N N 33  
ARG NH1 HH11 sing N N 34  
ARG NH1 HH12 sing N N 35  
ARG NH2 HH21 sing N N 36  
ARG NH2 HH22 sing N N 37  
ARG OXT HXT  sing N N 38  
ASN N   CA   sing N N 39  
ASN N   H    sing N N 40  
ASN N   H2   sing N N 41  
ASN CA  C    sing N N 42  
ASN CA  CB   sing N N 43  
ASN CA  HA   sing N N 44  
ASN C   O    doub N N 45  
ASN C   OXT  sing N N 46  
ASN CB  CG   sing N N 47  
ASN CB  HB2  sing N N 48  
ASN CB  HB3  sing N N 49  
ASN CG  OD1  doub N N 50  
ASN CG  ND2  sing N N 51  
ASN ND2 HD21 sing N N 52  
ASN ND2 HD22 sing N N 53  
ASN OXT HXT  sing N N 54  
ASP N   CA   sing N N 55  
ASP N   H    sing N N 56  
ASP N   H2   sing N N 57  
ASP CA  C    sing N N 58  
ASP CA  CB   sing N N 59  
ASP CA  HA   sing N N 60  
ASP C   O    doub N N 61  
ASP C   OXT  sing N N 62  
ASP CB  CG   sing N N 63  
ASP CB  HB2  sing N N 64  
ASP CB  HB3  sing N N 65  
ASP CG  OD1  doub N N 66  
ASP CG  OD2  sing N N 67  
ASP OD2 HD2  sing N N 68  
ASP OXT HXT  sing N N 69  
CYS N   CA   sing N N 70  
CYS N   H    sing N N 71  
CYS N   H2   sing N N 72  
CYS CA  C    sing N N 73  
CYS CA  CB   sing N N 74  
CYS CA  HA   sing N N 75  
CYS C   O    doub N N 76  
CYS C   OXT  sing N N 77  
CYS CB  SG   sing N N 78  
CYS CB  HB2  sing N N 79  
CYS CB  HB3  sing N N 80  
CYS SG  HG   sing N N 81  
CYS OXT HXT  sing N N 82  
GLN N   CA   sing N N 83  
GLN N   H    sing N N 84  
GLN N   H2   sing N N 85  
GLN CA  C    sing N N 86  
GLN CA  CB   sing N N 87  
GLN CA  HA   sing N N 88  
GLN C   O    doub N N 89  
GLN C   OXT  sing N N 90  
GLN CB  CG   sing N N 91  
GLN CB  HB2  sing N N 92  
GLN CB  HB3  sing N N 93  
GLN CG  CD   sing N N 94  
GLN CG  HG2  sing N N 95  
GLN CG  HG3  sing N N 96  
GLN CD  OE1  doub N N 97  
GLN CD  NE2  sing N N 98  
GLN NE2 HE21 sing N N 99  
GLN NE2 HE22 sing N N 100 
GLN OXT HXT  sing N N 101 
GLU N   CA   sing N N 102 
GLU N   H    sing N N 103 
GLU N   H2   sing N N 104 
GLU CA  C    sing N N 105 
GLU CA  CB   sing N N 106 
GLU CA  HA   sing N N 107 
GLU C   O    doub N N 108 
GLU C   OXT  sing N N 109 
GLU CB  CG   sing N N 110 
GLU CB  HB2  sing N N 111 
GLU CB  HB3  sing N N 112 
GLU CG  CD   sing N N 113 
GLU CG  HG2  sing N N 114 
GLU CG  HG3  sing N N 115 
GLU CD  OE1  doub N N 116 
GLU CD  OE2  sing N N 117 
GLU OE2 HE2  sing N N 118 
GLU OXT HXT  sing N N 119 
GLY N   CA   sing N N 120 
GLY N   H    sing N N 121 
GLY N   H2   sing N N 122 
GLY CA  C    sing N N 123 
GLY CA  HA2  sing N N 124 
GLY CA  HA3  sing N N 125 
GLY C   O    doub N N 126 
GLY C   OXT  sing N N 127 
GLY OXT HXT  sing N N 128 
HIS N   CA   sing N N 129 
HIS N   H    sing N N 130 
HIS N   H2   sing N N 131 
HIS CA  C    sing N N 132 
HIS CA  CB   sing N N 133 
HIS CA  HA   sing N N 134 
HIS C   O    doub N N 135 
HIS C   OXT  sing N N 136 
HIS CB  CG   sing N N 137 
HIS CB  HB2  sing N N 138 
HIS CB  HB3  sing N N 139 
HIS CG  ND1  sing Y N 140 
HIS CG  CD2  doub Y N 141 
HIS ND1 CE1  doub Y N 142 
HIS ND1 HD1  sing N N 143 
HIS CD2 NE2  sing Y N 144 
HIS CD2 HD2  sing N N 145 
HIS CE1 NE2  sing Y N 146 
HIS CE1 HE1  sing N N 147 
HIS NE2 HE2  sing N N 148 
HIS OXT HXT  sing N N 149 
HOH O   H1   sing N N 150 
HOH O   H2   sing N N 151 
ILE N   CA   sing N N 152 
ILE N   H    sing N N 153 
ILE N   H2   sing N N 154 
ILE CA  C    sing N N 155 
ILE CA  CB   sing N N 156 
ILE CA  HA   sing N N 157 
ILE C   O    doub N N 158 
ILE C   OXT  sing N N 159 
ILE CB  CG1  sing N N 160 
ILE CB  CG2  sing N N 161 
ILE CB  HB   sing N N 162 
ILE CG1 CD1  sing N N 163 
ILE CG1 HG12 sing N N 164 
ILE CG1 HG13 sing N N 165 
ILE CG2 HG21 sing N N 166 
ILE CG2 HG22 sing N N 167 
ILE CG2 HG23 sing N N 168 
ILE CD1 HD11 sing N N 169 
ILE CD1 HD12 sing N N 170 
ILE CD1 HD13 sing N N 171 
ILE OXT HXT  sing N N 172 
LEU N   CA   sing N N 173 
LEU N   H    sing N N 174 
LEU N   H2   sing N N 175 
LEU CA  C    sing N N 176 
LEU CA  CB   sing N N 177 
LEU CA  HA   sing N N 178 
LEU C   O    doub N N 179 
LEU C   OXT  sing N N 180 
LEU CB  CG   sing N N 181 
LEU CB  HB2  sing N N 182 
LEU CB  HB3  sing N N 183 
LEU CG  CD1  sing N N 184 
LEU CG  CD2  sing N N 185 
LEU CG  HG   sing N N 186 
LEU CD1 HD11 sing N N 187 
LEU CD1 HD12 sing N N 188 
LEU CD1 HD13 sing N N 189 
LEU CD2 HD21 sing N N 190 
LEU CD2 HD22 sing N N 191 
LEU CD2 HD23 sing N N 192 
LEU OXT HXT  sing N N 193 
LYS N   CA   sing N N 194 
LYS N   H    sing N N 195 
LYS N   H2   sing N N 196 
LYS CA  C    sing N N 197 
LYS CA  CB   sing N N 198 
LYS CA  HA   sing N N 199 
LYS C   O    doub N N 200 
LYS C   OXT  sing N N 201 
LYS CB  CG   sing N N 202 
LYS CB  HB2  sing N N 203 
LYS CB  HB3  sing N N 204 
LYS CG  CD   sing N N 205 
LYS CG  HG2  sing N N 206 
LYS CG  HG3  sing N N 207 
LYS CD  CE   sing N N 208 
LYS CD  HD2  sing N N 209 
LYS CD  HD3  sing N N 210 
LYS CE  NZ   sing N N 211 
LYS CE  HE2  sing N N 212 
LYS CE  HE3  sing N N 213 
LYS NZ  HZ1  sing N N 214 
LYS NZ  HZ2  sing N N 215 
LYS NZ  HZ3  sing N N 216 
LYS OXT HXT  sing N N 217 
MET N   CA   sing N N 218 
MET N   H    sing N N 219 
MET N   H2   sing N N 220 
MET CA  C    sing N N 221 
MET CA  CB   sing N N 222 
MET CA  HA   sing N N 223 
MET C   O    doub N N 224 
MET C   OXT  sing N N 225 
MET CB  CG   sing N N 226 
MET CB  HB2  sing N N 227 
MET CB  HB3  sing N N 228 
MET CG  SD   sing N N 229 
MET CG  HG2  sing N N 230 
MET CG  HG3  sing N N 231 
MET SD  CE   sing N N 232 
MET CE  HE1  sing N N 233 
MET CE  HE2  sing N N 234 
MET CE  HE3  sing N N 235 
MET OXT HXT  sing N N 236 
PHE N   CA   sing N N 237 
PHE N   H    sing N N 238 
PHE N   H2   sing N N 239 
PHE CA  C    sing N N 240 
PHE CA  CB   sing N N 241 
PHE CA  HA   sing N N 242 
PHE C   O    doub N N 243 
PHE C   OXT  sing N N 244 
PHE CB  CG   sing N N 245 
PHE CB  HB2  sing N N 246 
PHE CB  HB3  sing N N 247 
PHE CG  CD1  doub Y N 248 
PHE CG  CD2  sing Y N 249 
PHE CD1 CE1  sing Y N 250 
PHE CD1 HD1  sing N N 251 
PHE CD2 CE2  doub Y N 252 
PHE CD2 HD2  sing N N 253 
PHE CE1 CZ   doub Y N 254 
PHE CE1 HE1  sing N N 255 
PHE CE2 CZ   sing Y N 256 
PHE CE2 HE2  sing N N 257 
PHE CZ  HZ   sing N N 258 
PHE OXT HXT  sing N N 259 
PRO N   CA   sing N N 260 
PRO N   CD   sing N N 261 
PRO N   H    sing N N 262 
PRO CA  C    sing N N 263 
PRO CA  CB   sing N N 264 
PRO CA  HA   sing N N 265 
PRO C   O    doub N N 266 
PRO C   OXT  sing N N 267 
PRO CB  CG   sing N N 268 
PRO CB  HB2  sing N N 269 
PRO CB  HB3  sing N N 270 
PRO CG  CD   sing N N 271 
PRO CG  HG2  sing N N 272 
PRO CG  HG3  sing N N 273 
PRO CD  HD2  sing N N 274 
PRO CD  HD3  sing N N 275 
PRO OXT HXT  sing N N 276 
SER N   CA   sing N N 277 
SER N   H    sing N N 278 
SER N   H2   sing N N 279 
SER CA  C    sing N N 280 
SER CA  CB   sing N N 281 
SER CA  HA   sing N N 282 
SER C   O    doub N N 283 
SER C   OXT  sing N N 284 
SER CB  OG   sing N N 285 
SER CB  HB2  sing N N 286 
SER CB  HB3  sing N N 287 
SER OG  HG   sing N N 288 
SER OXT HXT  sing N N 289 
THR N   CA   sing N N 290 
THR N   H    sing N N 291 
THR N   H2   sing N N 292 
THR CA  C    sing N N 293 
THR CA  CB   sing N N 294 
THR CA  HA   sing N N 295 
THR C   O    doub N N 296 
THR C   OXT  sing N N 297 
THR CB  OG1  sing N N 298 
THR CB  CG2  sing N N 299 
THR CB  HB   sing N N 300 
THR OG1 HG1  sing N N 301 
THR CG2 HG21 sing N N 302 
THR CG2 HG22 sing N N 303 
THR CG2 HG23 sing N N 304 
THR OXT HXT  sing N N 305 
TRP N   CA   sing N N 306 
TRP N   H    sing N N 307 
TRP N   H2   sing N N 308 
TRP CA  C    sing N N 309 
TRP CA  CB   sing N N 310 
TRP CA  HA   sing N N 311 
TRP C   O    doub N N 312 
TRP C   OXT  sing N N 313 
TRP CB  CG   sing N N 314 
TRP CB  HB2  sing N N 315 
TRP CB  HB3  sing N N 316 
TRP CG  CD1  doub Y N 317 
TRP CG  CD2  sing Y N 318 
TRP CD1 NE1  sing Y N 319 
TRP CD1 HD1  sing N N 320 
TRP CD2 CE2  doub Y N 321 
TRP CD2 CE3  sing Y N 322 
TRP NE1 CE2  sing Y N 323 
TRP NE1 HE1  sing N N 324 
TRP CE2 CZ2  sing Y N 325 
TRP CE3 CZ3  doub Y N 326 
TRP CE3 HE3  sing N N 327 
TRP CZ2 CH2  doub Y N 328 
TRP CZ2 HZ2  sing N N 329 
TRP CZ3 CH2  sing Y N 330 
TRP CZ3 HZ3  sing N N 331 
TRP CH2 HH2  sing N N 332 
TRP OXT HXT  sing N N 333 
TYR N   CA   sing N N 334 
TYR N   H    sing N N 335 
TYR N   H2   sing N N 336 
TYR CA  C    sing N N 337 
TYR CA  CB   sing N N 338 
TYR CA  HA   sing N N 339 
TYR C   O    doub N N 340 
TYR C   OXT  sing N N 341 
TYR CB  CG   sing N N 342 
TYR CB  HB2  sing N N 343 
TYR CB  HB3  sing N N 344 
TYR CG  CD1  doub Y N 345 
TYR CG  CD2  sing Y N 346 
TYR CD1 CE1  sing Y N 347 
TYR CD1 HD1  sing N N 348 
TYR CD2 CE2  doub Y N 349 
TYR CD2 HD2  sing N N 350 
TYR CE1 CZ   doub Y N 351 
TYR CE1 HE1  sing N N 352 
TYR CE2 CZ   sing Y N 353 
TYR CE2 HE2  sing N N 354 
TYR CZ  OH   sing N N 355 
TYR OH  HH   sing N N 356 
TYR OXT HXT  sing N N 357 
VAL N   CA   sing N N 358 
VAL N   H    sing N N 359 
VAL N   H2   sing N N 360 
VAL CA  C    sing N N 361 
VAL CA  CB   sing N N 362 
VAL CA  HA   sing N N 363 
VAL C   O    doub N N 364 
VAL C   OXT  sing N N 365 
VAL CB  CG1  sing N N 366 
VAL CB  CG2  sing N N 367 
VAL CB  HB   sing N N 368 
VAL CG1 HG11 sing N N 369 
VAL CG1 HG12 sing N N 370 
VAL CG1 HG13 sing N N 371 
VAL CG2 HG21 sing N N 372 
VAL CG2 HG22 sing N N 373 
VAL CG2 HG23 sing N N 374 
VAL OXT HXT  sing N N 375 
# 
_pdbx_initial_refinement_model.id               1 
_pdbx_initial_refinement_model.entity_id_list   ? 
_pdbx_initial_refinement_model.type             'experimental model' 
_pdbx_initial_refinement_model.source_name      PDB 
_pdbx_initial_refinement_model.accession_code   1H03 
_pdbx_initial_refinement_model.details          'PDB ENTRY 1H03' 
# 
_atom_sites.entry_id                    1H04 
_atom_sites.fract_transf_matrix[1][1]   -0.00180647 
_atom_sites.fract_transf_matrix[1][2]   0.00267009 
_atom_sites.fract_transf_matrix[1][3]   -0.00791904 
_atom_sites.fract_transf_matrix[2][1]   0.01602275 
_atom_sites.fract_transf_matrix[2][2]   0.04488297 
_atom_sites.fract_transf_matrix[2][3]   0.01147828 
_atom_sites.fract_transf_matrix[3][1]   0.01589908 
_atom_sites.fract_transf_matrix[3][2]   -0.00247113 
_atom_sites.fract_transf_matrix[3][3]   -0.01253108 
_atom_sites.fract_transf_vector[1]      0.073914 
_atom_sites.fract_transf_vector[2]      0.967909 
_atom_sites.fract_transf_vector[3]      0.594861 
# 
loop_
_atom_type.symbol 
C  
N  
NI 
O  
S  
# 
loop_
_atom_site.group_PDB 
_atom_site.id 
_atom_site.type_symbol 
_atom_site.label_atom_id 
_atom_site.label_alt_id 
_atom_site.label_comp_id 
_atom_site.label_asym_id 
_atom_site.label_entity_id 
_atom_site.label_seq_id 
_atom_site.pdbx_PDB_ins_code 
_atom_site.Cartn_x 
_atom_site.Cartn_y 
_atom_site.Cartn_z 
_atom_site.occupancy 
_atom_site.B_iso_or_equiv 
_atom_site.pdbx_formal_charge 
_atom_site.auth_seq_id 
_atom_site.auth_comp_id 
_atom_site.auth_asym_id 
_atom_site.auth_atom_id 
_atom_site.pdbx_PDB_model_num 
ATOM   1    N  N   . LYS A 1 1   ? 33.364  -4.703  11.398  1.00 27.00 ? 5    LYS P N   1 
ATOM   2    C  CA  . LYS A 1 1   ? 32.748  -4.586  12.749  1.00 25.04 ? 5    LYS P CA  1 
ATOM   3    C  C   . LYS A 1 1   ? 31.399  -3.886  12.628  1.00 22.63 ? 5    LYS P C   1 
ATOM   4    O  O   . LYS A 1 1   ? 30.562  -3.971  13.521  1.00 22.36 ? 5    LYS P O   1 
ATOM   5    C  CB  . LYS A 1 1   ? 33.683  -3.805  13.677  1.00 26.04 ? 5    LYS P CB  1 
ATOM   6    C  CG  . LYS A 1 1   ? 33.346  -3.908  15.159  1.00 30.45 ? 5    LYS P CG  1 
ATOM   7    C  CD  . LYS A 1 1   ? 32.363  -2.840  15.597  1.00 33.63 ? 5    LYS P CD  1 
ATOM   8    C  CE  . LYS A 1 1   ? 32.995  -1.451  15.570  1.00 35.93 ? 5    LYS P CE  1 
ATOM   9    N  NZ  . LYS A 1 1   ? 33.413  -1.019  14.207  1.00 38.22 ? 5    LYS P NZ  1 
ATOM   10   N  N   . SER A 1 2   ? 31.194  -3.202  11.508  1.00 21.49 ? 6    SER P N   1 
ATOM   11   C  CA  . SER A 1 2   ? 29.937  -2.502  11.266  1.00 20.37 ? 6    SER P CA  1 
ATOM   12   C  C   . SER A 1 2   ? 29.387  -2.755  9.869   1.00 18.04 ? 6    SER P C   1 
ATOM   13   O  O   . SER A 1 2   ? 30.131  -2.767  8.893   1.00 16.88 ? 6    SER P O   1 
ATOM   14   C  CB  . SER A 1 2   ? 30.115  -0.996  11.457  1.00 20.02 ? 6    SER P CB  1 
ATOM   15   O  OG  . SER A 1 2   ? 28.956  -0.303  11.025  1.00 21.61 ? 6    SER P OG  1 
ATOM   16   N  N   . CYS A 1 3   ? 28.080  -2.972  9.784   1.00 16.27 ? 7    CYS P N   1 
ATOM   17   C  CA  . CYS A 1 3   ? 27.438  -3.182  8.498   1.00 15.17 ? 7    CYS P CA  1 
ATOM   18   C  C   . CYS A 1 3   ? 27.231  -1.809  7.877   1.00 15.90 ? 7    CYS P C   1 
ATOM   19   O  O   . CYS A 1 3   ? 27.340  -0.791  8.560   1.00 14.89 ? 7    CYS P O   1 
ATOM   20   C  CB  . CYS A 1 3   ? 26.087  -3.889  8.674   1.00 16.72 ? 7    CYS P CB  1 
ATOM   21   S  SG  . CYS A 1 3   ? 26.257  -5.702  8.678   1.00 16.33 ? 7    CYS P SG  1 
ATOM   22   N  N   . PRO A 1 4   ? 26.957  -1.759  6.569   1.00 15.56 ? 8    PRO P N   1 
ATOM   23   C  CA  . PRO A 1 4   ? 26.738  -0.472  5.904   1.00 16.26 ? 8    PRO P CA  1 
ATOM   24   C  C   . PRO A 1 4   ? 25.385  0.124   6.281   1.00 16.46 ? 8    PRO P C   1 
ATOM   25   O  O   . PRO A 1 4   ? 24.473  -0.602  6.688   1.00 14.49 ? 8    PRO P O   1 
ATOM   26   C  CB  . PRO A 1 4   ? 26.815  -0.840  4.425   1.00 17.54 ? 8    PRO P CB  1 
ATOM   27   C  CG  . PRO A 1 4   ? 26.273  -2.236  4.408   1.00 18.56 ? 8    PRO P CG  1 
ATOM   28   C  CD  . PRO A 1 4   ? 26.968  -2.860  5.590   1.00 16.56 ? 8    PRO P CD  1 
ATOM   29   N  N   . ASN A 1 5   ? 25.257  1.445   6.163   1.00 16.44 ? 9    ASN P N   1 
ATOM   30   C  CA  . ASN A 1 5   ? 23.996  2.112   6.473   1.00 18.15 ? 9    ASN P CA  1 
ATOM   31   C  C   . ASN A 1 5   ? 22.916  1.374   5.669   1.00 18.96 ? 9    ASN P C   1 
ATOM   32   O  O   . ASN A 1 5   ? 23.060  1.177   4.464   1.00 20.50 ? 9    ASN P O   1 
ATOM   33   C  CB  . ASN A 1 5   ? 24.071  3.587   6.068   1.00 19.40 ? 9    ASN P CB  1 
ATOM   34   C  CG  . ASN A 1 5   ? 25.098  4.371   6.886   1.00 23.85 ? 9    ASN P CG  1 
ATOM   35   O  OD1 . ASN A 1 5   ? 25.611  5.398   6.437   1.00 27.79 ? 9    ASN P OD1 1 
ATOM   36   N  ND2 . ASN A 1 5   ? 25.387  3.895   8.094   1.00 23.26 ? 9    ASN P ND2 1 
ATOM   37   N  N   . PRO A 1 6   ? 21.829  0.948   6.335   1.00 19.30 ? 10   PRO P N   1 
ATOM   38   C  CA  . PRO A 1 6   ? 20.694  0.214   5.760   1.00 21.45 ? 10   PRO P CA  1 
ATOM   39   C  C   . PRO A 1 6   ? 20.108  0.693   4.436   1.00 22.39 ? 10   PRO P C   1 
ATOM   40   O  O   . PRO A 1 6   ? 19.727  -0.121  3.592   1.00 26.67 ? 10   PRO P O   1 
ATOM   41   C  CB  . PRO A 1 6   ? 19.660  0.254   6.880   1.00 20.60 ? 10   PRO P CB  1 
ATOM   42   C  CG  . PRO A 1 6   ? 20.508  0.229   8.107   1.00 21.54 ? 10   PRO P CG  1 
ATOM   43   C  CD  . PRO A 1 6   ? 21.577  1.241   7.759   1.00 20.77 ? 10   PRO P CD  1 
ATOM   44   N  N   . GLY A 1 7   ? 20.016  2.001   4.247   1.00 21.44 ? 11   GLY P N   1 
ATOM   45   C  CA  . GLY A 1 7   ? 19.440  2.491   3.009   1.00 20.15 ? 11   GLY P CA  1 
ATOM   46   C  C   . GLY A 1 7   ? 18.003  2.904   3.252   1.00 19.80 ? 11   GLY P C   1 
ATOM   47   O  O   . GLY A 1 7   ? 17.670  3.336   4.356   1.00 21.68 ? 11   GLY P O   1 
ATOM   48   N  N   . ALA A 1 8   ? 17.141  2.765   2.248   1.00 18.23 ? 12   ALA P N   1 
ATOM   49   C  CA  . ALA A 1 8   ? 15.749  3.168   2.423   1.00 17.80 ? 12   ALA P CA  1 
ATOM   50   C  C   . ALA A 1 8   ? 14.748  2.305   1.673   1.00 16.16 ? 12   ALA P C   1 
ATOM   51   O  O   . ALA A 1 8   ? 15.042  1.781   0.600   1.00 16.93 ? 12   ALA P O   1 
ATOM   52   C  CB  . ALA A 1 8   ? 15.584  4.630   2.006   1.00 21.07 ? 12   ALA P CB  1 
ATOM   53   N  N   . ILE A 1 9   ? 13.560  2.161   2.254   1.00 13.34 ? 13   ILE P N   1 
ATOM   54   C  CA  . ILE A 1 9   ? 12.486  1.390   1.640   1.00 12.70 ? 13   ILE P CA  1 
ATOM   55   C  C   . ILE A 1 9   ? 11.451  2.400   1.175   1.00 12.28 ? 13   ILE P C   1 
ATOM   56   O  O   . ILE A 1 9   ? 10.914  3.152   1.986   1.00 12.81 ? 13   ILE P O   1 
ATOM   57   C  CB  . ILE A 1 9   ? 11.781  0.443   2.647   1.00 10.86 ? 13   ILE P CB  1 
ATOM   58   C  CG1 . ILE A 1 9   ? 12.769  -0.570  3.226   1.00 15.56 ? 13   ILE P CG1 1 
ATOM   59   C  CG2 . ILE A 1 9   ? 10.650  -0.297  1.948   1.00 15.61 ? 13   ILE P CG2 1 
ATOM   60   C  CD1 . ILE A 1 9   ? 12.168  -1.469  4.299   1.00 13.71 ? 13   ILE P CD1 1 
ATOM   61   N  N   . ALA A 1 10  ? 11.173  2.434   -0.123  1.00 10.76 ? 14   ALA P N   1 
ATOM   62   C  CA  . ALA A 1 10  ? 10.176  3.367   -0.629  1.00 12.83 ? 14   ALA P CA  1 
ATOM   63   C  C   . ALA A 1 10  ? 8.832   2.944   -0.049  1.00 12.58 ? 14   ALA P C   1 
ATOM   64   O  O   . ALA A 1 10  ? 8.429   1.798   -0.199  1.00 13.86 ? 14   ALA P O   1 
ATOM   65   C  CB  . ALA A 1 10  ? 10.133  3.319   -2.155  1.00 15.62 ? 14   ALA P CB  1 
ATOM   66   N  N   . ASN A 1 11  ? 8.157   3.875   0.622   1.00 12.48 ? 15   ASN P N   1 
ATOM   67   C  CA  . ASN A 1 11  ? 6.859   3.630   1.238   1.00 11.87 ? 15   ASN P CA  1 
ATOM   68   C  C   . ASN A 1 11  ? 6.947   2.597   2.357   1.00 12.99 ? 15   ASN P C   1 
ATOM   69   O  O   . ASN A 1 11  ? 5.961   1.929   2.690   1.00 13.54 ? 15   ASN P O   1 
ATOM   70   C  CB  . ASN A 1 11  ? 5.840   3.183   0.181   1.00 13.15 ? 15   ASN P CB  1 
ATOM   71   C  CG  . ASN A 1 11  ? 5.521   4.282   -0.832  1.00 14.01 ? 15   ASN P CG  1 
ATOM   72   O  OD1 . ASN A 1 11  ? 5.707   4.105   -2.040  1.00 19.03 ? 15   ASN P OD1 1 
ATOM   73   N  ND2 . ASN A 1 11  ? 5.037   5.421   -0.341  1.00 15.34 ? 15   ASN P ND2 1 
ATOM   74   N  N   . GLY A 1 12  ? 8.140   2.482   2.936   1.00 12.21 ? 16   GLY P N   1 
ATOM   75   C  CA  . GLY A 1 12  ? 8.365   1.548   4.020   1.00 13.07 ? 16   GLY P CA  1 
ATOM   76   C  C   . GLY A 1 12  ? 9.165   2.199   5.134   1.00 14.05 ? 16   GLY P C   1 
ATOM   77   O  O   . GLY A 1 12  ? 9.533   3.370   5.045   1.00 14.95 ? 16   GLY P O   1 
ATOM   78   N  N   . GLN A 1 13  ? 9.444   1.438   6.186   1.00 13.22 ? 17   GLN P N   1 
ATOM   79   C  CA  . GLN A 1 13  ? 10.187  1.954   7.321   1.00 14.40 ? 17   GLN P CA  1 
ATOM   80   C  C   . GLN A 1 13  ? 11.197  0.933   7.802   1.00 13.19 ? 17   GLN P C   1 
ATOM   81   O  O   . GLN A 1 13  ? 10.962  -0.274  7.738   1.00 12.18 ? 17   GLN P O   1 
ATOM   82   C  CB  . GLN A 1 13  ? 9.223   2.310   8.462   1.00 18.33 ? 17   GLN P CB  1 
ATOM   83   C  CG  . GLN A 1 13  ? 8.955   3.801   8.611   1.00 28.65 ? 17   GLN P CG  1 
ATOM   84   C  CD  . GLN A 1 13  ? 9.910   4.473   9.583   1.00 30.59 ? 17   GLN P CD  1 
ATOM   85   O  OE1 . GLN A 1 13  ? 10.132  5.682   9.518   1.00 33.01 ? 17   GLN P OE1 1 
ATOM   86   N  NE2 . GLN A 1 13  ? 10.468  3.691   10.504  1.00 34.24 ? 17   GLN P NE2 1 
ATOM   87   N  N   . ILE A 1 14  ? 12.330  1.431   8.274   1.00 12.25 ? 18   ILE P N   1 
ATOM   88   C  CA  . ILE A 1 14  ? 13.389  0.586   8.783   1.00 11.71 ? 18   ILE P CA  1 
ATOM   89   C  C   . ILE A 1 14  ? 13.572  0.931   10.252  1.00 12.92 ? 18   ILE P C   1 
ATOM   90   O  O   . ILE A 1 14  ? 13.815  2.088   10.601  1.00 11.89 ? 18   ILE P O   1 
ATOM   91   C  CB  . ILE A 1 14  ? 14.719  0.847   8.034   1.00 11.00 ? 18   ILE P CB  1 
ATOM   92   C  CG1 . ILE A 1 14  ? 14.554  0.513   6.546   1.00 14.32 ? 18   ILE P CG1 1 
ATOM   93   C  CG2 . ILE A 1 14  ? 15.830  0.026   8.653   1.00 11.76 ? 18   ILE P CG2 1 
ATOM   94   C  CD1 . ILE A 1 14  ? 15.778  0.854   5.705   1.00 14.21 ? 18   ILE P CD1 1 
ATOM   95   N  N   . ASP A 1 15  ? 13.430  -0.069  11.114  1.00 10.79 ? 19   ASP P N   1 
ATOM   96   C  CA  . ASP A 1 15  ? 13.598  0.156   12.539  1.00 12.31 ? 19   ASP P CA  1 
ATOM   97   C  C   . ASP A 1 15  ? 14.968  -0.360  12.971  1.00 11.15 ? 19   ASP P C   1 
ATOM   98   O  O   . ASP A 1 15  ? 15.349  -1.486  12.643  1.00 11.74 ? 19   ASP P O   1 
ATOM   99   C  CB  . ASP A 1 15  ? 12.473  -0.539  13.308  1.00 13.43 ? 19   ASP P CB  1 
ATOM   100  C  CG  . ASP A 1 15  ? 11.112  0.083   13.025  1.00 15.60 ? 19   ASP P CG  1 
ATOM   101  O  OD1 . ASP A 1 15  ? 10.927  1.271   13.365  1.00 20.21 ? 19   ASP P OD1 1 
ATOM   102  O  OD2 . ASP A 1 15  ? 10.233  -0.604  12.457  1.00 18.61 ? 19   ASP P OD2 1 
ATOM   103  N  N   . VAL A 1 16  ? 15.714  0.478   13.681  1.00 11.43 ? 20   VAL P N   1 
ATOM   104  C  CA  . VAL A 1 16  ? 17.052  0.117   14.146  1.00 12.34 ? 20   VAL P CA  1 
ATOM   105  C  C   . VAL A 1 16  ? 17.113  0.306   15.659  1.00 12.26 ? 20   VAL P C   1 
ATOM   106  O  O   . VAL A 1 16  ? 17.514  1.361   16.145  1.00 10.96 ? 20   VAL P O   1 
ATOM   107  C  CB  . VAL A 1 16  ? 18.122  1.006   13.476  1.00 12.56 ? 20   VAL P CB  1 
ATOM   108  C  CG1 . VAL A 1 16  ? 19.515  0.497   13.807  1.00 15.63 ? 20   VAL P CG1 1 
ATOM   109  C  CG2 . VAL A 1 16  ? 17.899  1.032   11.965  1.00 14.54 ? 20   VAL P CG2 1 
ATOM   110  N  N   . PRO A 1 17  ? 16.713  -0.728  16.418  1.00 10.52 ? 21   PRO P N   1 
ATOM   111  C  CA  . PRO A 1 17  ? 16.696  -0.722  17.886  1.00 13.17 ? 21   PRO P CA  1 
ATOM   112  C  C   . PRO A 1 17  ? 18.043  -0.554  18.578  1.00 13.33 ? 21   PRO P C   1 
ATOM   113  O  O   . PRO A 1 17  ? 18.120  0.068   19.641  1.00 12.93 ? 21   PRO P O   1 
ATOM   114  C  CB  . PRO A 1 17  ? 16.055  -2.067  18.234  1.00 15.44 ? 21   PRO P CB  1 
ATOM   115  C  CG  . PRO A 1 17  ? 15.224  -2.388  17.016  1.00 16.66 ? 21   PRO P CG  1 
ATOM   116  C  CD  . PRO A 1 17  ? 16.142  -1.982  15.897  1.00 12.71 ? 21   PRO P CD  1 
ATOM   117  N  N   . GLY A 1 18  ? 19.099  -1.114  17.996  1.00 14.17 ? 22   GLY P N   1 
ATOM   118  C  CA  . GLY A 1 18  ? 20.401  -1.009  18.630  1.00 16.32 ? 22   GLY P CA  1 
ATOM   119  C  C   . GLY A 1 18  ? 21.612  -0.925  17.721  1.00 16.65 ? 22   GLY P C   1 
ATOM   120  O  O   . GLY A 1 18  ? 22.503  -1.769  17.794  1.00 18.43 ? 22   GLY P O   1 
ATOM   121  N  N   . GLY A 1 19  ? 21.648  0.094   16.869  1.00 16.54 ? 23   GLY P N   1 
ATOM   122  C  CA  . GLY A 1 19  ? 22.779  0.275   15.974  1.00 15.60 ? 23   GLY P CA  1 
ATOM   123  C  C   . GLY A 1 19  ? 22.844  -0.715  14.828  1.00 15.77 ? 23   GLY P C   1 
ATOM   124  O  O   . GLY A 1 19  ? 21.917  -1.500  14.624  1.00 13.81 ? 23   GLY P O   1 
ATOM   125  N  N   . ILE A 1 20  ? 23.938  -0.677  14.072  1.00 13.18 ? 24   ILE P N   1 
ATOM   126  C  CA  . ILE A 1 20  ? 24.100  -1.590  12.948  1.00 15.71 ? 24   ILE P CA  1 
ATOM   127  C  C   . ILE A 1 20  ? 25.458  -2.278  12.935  1.00 16.41 ? 24   ILE P C   1 
ATOM   128  O  O   . ILE A 1 20  ? 25.993  -2.600  11.873  1.00 16.13 ? 24   ILE P O   1 
ATOM   129  C  CB  . ILE A 1 20  ? 23.887  -0.871  11.590  1.00 15.84 ? 24   ILE P CB  1 
ATOM   130  C  CG1 . ILE A 1 20  ? 24.999  0.151   11.328  1.00 17.43 ? 24   ILE P CG1 1 
ATOM   131  C  CG2 . ILE A 1 20  ? 22.517  -0.206  11.576  1.00 15.02 ? 24   ILE P CG2 1 
ATOM   132  C  CD1 . ILE A 1 20  ? 24.948  1.383   12.185  1.00 26.83 ? 24   ILE P CD1 1 
ATOM   133  N  N   . LEU A 1 21  ? 26.013  -2.507  14.121  1.00 15.55 ? 25   LEU P N   1 
ATOM   134  C  CA  . LEU A 1 21  ? 27.298  -3.182  14.241  1.00 17.21 ? 25   LEU P CA  1 
ATOM   135  C  C   . LEU A 1 21  ? 27.102  -4.686  14.096  1.00 16.01 ? 25   LEU P C   1 
ATOM   136  O  O   . LEU A 1 21  ? 25.974  -5.176  14.098  1.00 17.05 ? 25   LEU P O   1 
ATOM   137  C  CB  . LEU A 1 21  ? 27.926  -2.889  15.606  1.00 17.61 ? 25   LEU P CB  1 
ATOM   138  C  CG  . LEU A 1 21  ? 28.333  -1.449  15.918  1.00 20.47 ? 25   LEU P CG  1 
ATOM   139  C  CD1 . LEU A 1 21  ? 28.943  -1.388  17.308  1.00 22.16 ? 25   LEU P CD1 1 
ATOM   140  C  CD2 . LEU A 1 21  ? 29.329  -0.956  14.885  1.00 23.23 ? 25   LEU P CD2 1 
ATOM   141  N  N   . PHE A 1 22  ? 28.208  -5.413  13.963  1.00 17.22 ? 26   PHE P N   1 
ATOM   142  C  CA  . PHE A 1 22  ? 28.160  -6.863  13.840  1.00 15.56 ? 26   PHE P CA  1 
ATOM   143  C  C   . PHE A 1 22  ? 27.270  -7.391  14.955  1.00 16.65 ? 26   PHE P C   1 
ATOM   144  O  O   . PHE A 1 22  ? 27.399  -6.966  16.101  1.00 16.87 ? 26   PHE P O   1 
ATOM   145  C  CB  . PHE A 1 22  ? 29.568  -7.442  13.986  1.00 17.69 ? 26   PHE P CB  1 
ATOM   146  C  CG  . PHE A 1 22  ? 29.602  -8.939  14.101  1.00 17.88 ? 26   PHE P CG  1 
ATOM   147  C  CD1 . PHE A 1 22  ? 29.232  -9.742  13.031  1.00 17.97 ? 26   PHE P CD1 1 
ATOM   148  C  CD2 . PHE A 1 22  ? 30.012  -9.545  15.284  1.00 19.96 ? 26   PHE P CD2 1 
ATOM   149  C  CE1 . PHE A 1 22  ? 29.268  -11.129 13.135  1.00 21.59 ? 26   PHE P CE1 1 
ATOM   150  C  CE2 . PHE A 1 22  ? 30.051  -10.934 15.399  1.00 21.53 ? 26   PHE P CE2 1 
ATOM   151  C  CZ  . PHE A 1 22  ? 29.679  -11.727 14.323  1.00 19.90 ? 26   PHE P CZ  1 
ATOM   152  N  N   . GLY A 1 23  ? 26.359  -8.300  14.616  1.00 16.12 ? 27   GLY P N   1 
ATOM   153  C  CA  . GLY A 1 23  ? 25.469  -8.871  15.613  1.00 17.26 ? 27   GLY P CA  1 
ATOM   154  C  C   . GLY A 1 23  ? 24.159  -8.132  15.853  1.00 15.60 ? 27   GLY P C   1 
ATOM   155  O  O   . GLY A 1 23  ? 23.325  -8.593  16.637  1.00 16.56 ? 27   GLY P O   1 
ATOM   156  N  N   . ALA A 1 24  ? 23.960  -6.998  15.189  1.00 15.38 ? 28   ALA P N   1 
ATOM   157  C  CA  . ALA A 1 24  ? 22.732  -6.225  15.370  1.00 14.90 ? 28   ALA P CA  1 
ATOM   158  C  C   . ALA A 1 24  ? 21.628  -6.633  14.402  1.00 14.87 ? 28   ALA P C   1 
ATOM   159  O  O   . ALA A 1 24  ? 21.893  -7.194  13.341  1.00 13.08 ? 28   ALA P O   1 
ATOM   160  C  CB  . ALA A 1 24  ? 23.023  -4.735  15.215  1.00 17.67 ? 28   ALA P CB  1 
ATOM   161  N  N   . THR A 1 25  ? 20.388  -6.337  14.774  1.00 12.55 ? 29   THR P N   1 
ATOM   162  C  CA  . THR A 1 25  ? 19.242  -6.666  13.937  1.00 12.03 ? 29   THR P CA  1 
ATOM   163  C  C   . THR A 1 25  ? 18.419  -5.425  13.628  1.00 10.56 ? 29   THR P C   1 
ATOM   164  O  O   . THR A 1 25  ? 18.291  -4.537  14.471  1.00 12.24 ? 29   THR P O   1 
ATOM   165  C  CB  . THR A 1 25  ? 18.304  -7.680  14.640  1.00 12.57 ? 29   THR P CB  1 
ATOM   166  O  OG1 . THR A 1 25  ? 19.000  -8.909  14.866  1.00 12.18 ? 29   THR P OG1 1 
ATOM   167  C  CG2 . THR A 1 25  ? 17.069  -7.944  13.794  1.00 13.03 ? 29   THR P CG2 1 
ATOM   168  N  N   . ILE A 1 26  ? 17.873  -5.362  12.415  1.00 8.68  ? 30   ILE P N   1 
ATOM   169  C  CA  . ILE A 1 26  ? 17.002  -4.264  12.022  1.00 8.64  ? 30   ILE P CA  1 
ATOM   170  C  C   . ILE A 1 26  ? 15.715  -4.909  11.512  1.00 8.96  ? 30   ILE P C   1 
ATOM   171  O  O   . ILE A 1 26  ? 15.735  -6.053  11.047  1.00 11.04 ? 30   ILE P O   1 
ATOM   172  C  CB  . ILE A 1 26  ? 17.645  -3.365  10.934  1.00 8.35  ? 30   ILE P CB  1 
ATOM   173  C  CG1 . ILE A 1 26  ? 18.003  -4.182  9.691   1.00 9.21  ? 30   ILE P CG1 1 
ATOM   174  C  CG2 . ILE A 1 26  ? 18.916  -2.720  11.497  1.00 8.82  ? 30   ILE P CG2 1 
ATOM   175  C  CD1 . ILE A 1 26  ? 18.595  -3.329  8.566   1.00 9.00  ? 30   ILE P CD1 1 
ATOM   176  N  N   . SER A 1 27  ? 14.600  -4.190  11.619  1.00 9.48  ? 31   SER P N   1 
ATOM   177  C  CA  . SER A 1 27  ? 13.301  -4.722  11.210  1.00 10.44 ? 31   SER P CA  1 
ATOM   178  C  C   . SER A 1 27  ? 12.597  -3.828  10.216  1.00 11.38 ? 31   SER P C   1 
ATOM   179  O  O   . SER A 1 27  ? 12.818  -2.624  10.196  1.00 11.77 ? 31   SER P O   1 
ATOM   180  C  CB  . SER A 1 27  ? 12.413  -4.916  12.438  1.00 13.04 ? 31   SER P CB  1 
ATOM   181  O  OG  . SER A 1 27  ? 13.015  -5.833  13.326  1.00 23.63 ? 31   SER P OG  1 
ATOM   182  N  N   . PHE A 1 28  ? 11.727  -4.413  9.402   1.00 9.23  ? 32   PHE P N   1 
ATOM   183  C  CA  . PHE A 1 28  ? 11.039  -3.633  8.387   1.00 9.54  ? 32   PHE P CA  1 
ATOM   184  C  C   . PHE A 1 28  ? 9.521   -3.730  8.437   1.00 9.63  ? 32   PHE P C   1 
ATOM   185  O  O   . PHE A 1 28  ? 8.949   -4.724  8.889   1.00 9.45  ? 32   PHE P O   1 
ATOM   186  C  CB  . PHE A 1 28  ? 11.509  -4.069  6.998   1.00 9.47  ? 32   PHE P CB  1 
ATOM   187  C  CG  . PHE A 1 28  ? 12.981  -4.379  6.921   1.00 9.50  ? 32   PHE P CG  1 
ATOM   188  C  CD1 . PHE A 1 28  ? 13.929  -3.392  7.158   1.00 11.18 ? 32   PHE P CD1 1 
ATOM   189  C  CD2 . PHE A 1 28  ? 13.415  -5.665  6.611   1.00 10.30 ? 32   PHE P CD2 1 
ATOM   190  C  CE1 . PHE A 1 28  ? 15.295  -3.681  7.087   1.00 12.81 ? 32   PHE P CE1 1 
ATOM   191  C  CE2 . PHE A 1 28  ? 14.774  -5.967  6.538   1.00 11.82 ? 32   PHE P CE2 1 
ATOM   192  C  CZ  . PHE A 1 28  ? 15.718  -4.973  6.776   1.00 12.33 ? 32   PHE P CZ  1 
ATOM   193  N  N   . SER A 1 29  ? 8.883   -2.677  7.947   1.00 9.49  ? 33   SER P N   1 
ATOM   194  C  CA  . SER A 1 29  ? 7.435   -2.605  7.879   1.00 11.34 ? 33   SER P CA  1 
ATOM   195  C  C   . SER A 1 29  ? 7.091   -1.663  6.738   1.00 13.49 ? 33   SER P C   1 
ATOM   196  O  O   . SER A 1 29  ? 7.936   -0.885  6.294   1.00 14.12 ? 33   SER P O   1 
ATOM   197  C  CB  . SER A 1 29  ? 6.861   -2.069  9.188   1.00 12.86 ? 33   SER P CB  1 
ATOM   198  O  OG  . SER A 1 29  ? 7.377   -0.780  9.475   1.00 19.40 ? 33   SER P OG  1 
ATOM   199  N  N   . CYS A 1 30  ? 5.860   -1.741  6.254   1.00 14.52 ? 34   CYS P N   1 
ATOM   200  C  CA  . CYS A 1 30  ? 5.434   -0.870  5.172   1.00 16.40 ? 34   CYS P CA  1 
ATOM   201  C  C   . CYS A 1 30  ? 4.405   0.133   5.674   1.00 18.53 ? 34   CYS P C   1 
ATOM   202  O  O   . CYS A 1 30  ? 3.721   -0.112  6.674   1.00 21.39 ? 34   CYS P O   1 
ATOM   203  C  CB  . CYS A 1 30  ? 4.839   -1.688  4.028   1.00 16.94 ? 34   CYS P CB  1 
ATOM   204  S  SG  . CYS A 1 30  ? 6.030   -2.760  3.168   1.00 16.60 ? 34   CYS P SG  1 
ATOM   205  N  N   . ASN A 1 31  ? 4.308   1.265   4.983   1.00 18.07 ? 35   ASN P N   1 
ATOM   206  C  CA  . ASN A 1 31  ? 3.357   2.305   5.348   1.00 18.45 ? 35   ASN P CA  1 
ATOM   207  C  C   . ASN A 1 31  ? 1.954   1.825   5.016   1.00 16.96 ? 35   ASN P C   1 
ATOM   208  O  O   . ASN A 1 31  ? 1.776   0.919   4.198   1.00 15.95 ? 35   ASN P O   1 
ATOM   209  C  CB  . ASN A 1 31  ? 3.658   3.594   4.578   1.00 19.99 ? 35   ASN P CB  1 
ATOM   210  C  CG  . ASN A 1 31  ? 5.043   4.139   4.870   1.00 21.21 ? 35   ASN P CG  1 
ATOM   211  O  OD1 . ASN A 1 31  ? 5.490   5.100   4.245   1.00 22.47 ? 35   ASN P OD1 1 
ATOM   212  N  ND2 . ASN A 1 31  ? 5.726   3.531   5.824   1.00 22.13 ? 35   ASN P ND2 1 
ATOM   213  N  N   . THR A 1 32  ? 0.960   2.432   5.655   1.00 18.59 ? 36   THR P N   1 
ATOM   214  C  CA  . THR A 1 32  ? -0.429  2.066   5.424   1.00 17.99 ? 36   THR P CA  1 
ATOM   215  C  C   . THR A 1 32  ? -0.736  2.208   3.943   1.00 16.49 ? 36   THR P C   1 
ATOM   216  O  O   . THR A 1 32  ? -0.406  3.224   3.332   1.00 17.11 ? 36   THR P O   1 
ATOM   217  C  CB  . THR A 1 32  ? -1.380  2.977   6.214   1.00 21.15 ? 36   THR P CB  1 
ATOM   218  O  OG1 . THR A 1 32  ? -1.112  2.844   7.615   1.00 23.63 ? 36   THR P OG1 1 
ATOM   219  C  CG2 . THR A 1 32  ? -2.833  2.606   5.926   1.00 17.45 ? 36   THR P CG2 1 
ATOM   220  N  N   . GLY A 1 33  ? -1.360  1.187   3.372   1.00 15.72 ? 37   GLY P N   1 
ATOM   221  C  CA  . GLY A 1 33  ? -1.688  1.218   1.963   1.00 15.21 ? 37   GLY P CA  1 
ATOM   222  C  C   . GLY A 1 33  ? -0.691  0.424   1.136   1.00 15.91 ? 37   GLY P C   1 
ATOM   223  O  O   . GLY A 1 33  ? -0.859  0.285   -0.074  1.00 14.40 ? 37   GLY P O   1 
ATOM   224  N  N   . TYR A 1 34  ? 0.345   -0.100  1.784   1.00 13.94 ? 38   TYR P N   1 
ATOM   225  C  CA  . TYR A 1 34  ? 1.356   -0.893  1.083   1.00 14.14 ? 38   TYR P CA  1 
ATOM   226  C  C   . TYR A 1 34  ? 1.589   -2.258  1.723   1.00 15.94 ? 38   TYR P C   1 
ATOM   227  O  O   . TYR A 1 34  ? 1.435   -2.422  2.931   1.00 15.50 ? 38   TYR P O   1 
ATOM   228  C  CB  . TYR A 1 34  ? 2.682   -0.135  1.016   1.00 12.70 ? 38   TYR P CB  1 
ATOM   229  C  CG  . TYR A 1 34  ? 2.587   1.155   0.244   1.00 14.09 ? 38   TYR P CG  1 
ATOM   230  C  CD1 . TYR A 1 34  ? 1.980   2.279   0.802   1.00 14.69 ? 38   TYR P CD1 1 
ATOM   231  C  CD2 . TYR A 1 34  ? 3.057   1.240   -1.067  1.00 14.85 ? 38   TYR P CD2 1 
ATOM   232  C  CE1 . TYR A 1 34  ? 1.836   3.450   0.078   1.00 14.92 ? 38   TYR P CE1 1 
ATOM   233  C  CE2 . TYR A 1 34  ? 2.917   2.413   -1.801  1.00 14.48 ? 38   TYR P CE2 1 
ATOM   234  C  CZ  . TYR A 1 34  ? 2.304   3.510   -1.221  1.00 18.19 ? 38   TYR P CZ  1 
ATOM   235  O  OH  . TYR A 1 34  ? 2.145   4.668   -1.940  1.00 20.17 ? 38   TYR P OH  1 
ATOM   236  N  N   . LYS A 1 35  ? 1.980   -3.225  0.897   1.00 15.07 ? 39   LYS P N   1 
ATOM   237  C  CA  . LYS A 1 35  ? 2.238   -4.588  1.345   1.00 16.20 ? 39   LYS P CA  1 
ATOM   238  C  C   . LYS A 1 35  ? 3.727   -4.901  1.235   1.00 16.30 ? 39   LYS P C   1 
ATOM   239  O  O   . LYS A 1 35  ? 4.373   -4.531  0.251   1.00 14.82 ? 39   LYS P O   1 
ATOM   240  C  CB  . LYS A 1 35  ? 1.449   -5.570  0.481   1.00 19.79 ? 39   LYS P CB  1 
ATOM   241  C  CG  . LYS A 1 35  ? 1.397   -6.984  1.029   1.00 22.19 ? 39   LYS P CG  1 
ATOM   242  C  CD  . LYS A 1 35  ? 0.619   -7.908  0.098   1.00 25.39 ? 39   LYS P CD  1 
ATOM   243  C  CE  . LYS A 1 35  ? 0.180   -9.174  0.828   1.00 30.99 ? 39   LYS P CE  1 
ATOM   244  N  NZ  . LYS A 1 35  ? 1.306   -9.839  1.539   1.00 31.29 ? 39   LYS P NZ  1 
ATOM   245  N  N   . LEU A 1 36  ? 4.263   -5.594  2.236   1.00 15.45 ? 40   LEU P N   1 
ATOM   246  C  CA  . LEU A 1 36  ? 5.679   -5.949  2.250   1.00 14.13 ? 40   LEU P CA  1 
ATOM   247  C  C   . LEU A 1 36  ? 5.963   -7.223  1.459   1.00 14.42 ? 40   LEU P C   1 
ATOM   248  O  O   . LEU A 1 36  ? 5.311   -8.250  1.650   1.00 15.61 ? 40   LEU P O   1 
ATOM   249  C  CB  . LEU A 1 36  ? 6.160   -6.112  3.701   1.00 13.94 ? 40   LEU P CB  1 
ATOM   250  C  CG  . LEU A 1 36  ? 7.660   -6.283  3.985   1.00 13.83 ? 40   LEU P CG  1 
ATOM   251  C  CD1 . LEU A 1 36  ? 7.939   -5.910  5.432   1.00 13.53 ? 40   LEU P CD1 1 
ATOM   252  C  CD2 . LEU A 1 36  ? 8.110   -7.706  3.714   1.00 15.39 ? 40   LEU P CD2 1 
ATOM   253  N  N   . ALA A 1 37  ? 6.938   -7.141  0.560   1.00 14.39 ? 41   ALA P N   1 
ATOM   254  C  CA  . ALA A 1 37  ? 7.338   -8.281  -0.250  1.00 13.82 ? 41   ALA P CA  1 
ATOM   255  C  C   . ALA A 1 37  ? 8.842   -8.455  -0.055  1.00 14.67 ? 41   ALA P C   1 
ATOM   256  O  O   . ALA A 1 37  ? 9.633   -7.603  -0.466  1.00 14.55 ? 41   ALA P O   1 
ATOM   257  C  CB  . ALA A 1 37  ? 7.006   -8.028  -1.728  1.00 18.83 ? 41   ALA P CB  1 
ATOM   258  N  N   . GLY A 1 38  ? 9.229   -9.549  0.595   1.00 13.99 ? 42   GLY P N   1 
ATOM   259  C  CA  . GLY A 1 38  ? 10.635  -9.797  0.849   1.00 13.76 ? 42   GLY P CA  1 
ATOM   260  C  C   . GLY A 1 38  ? 10.912  -10.062 2.320   1.00 15.46 ? 42   GLY P C   1 
ATOM   261  O  O   . GLY A 1 38  ? 10.055  -10.585 3.033   1.00 14.56 ? 42   GLY P O   1 
ATOM   262  N  N   . SER A 1 39  ? 12.107  -9.699  2.780   1.00 13.38 ? 43   SER P N   1 
ATOM   263  C  CA  . SER A 1 39  ? 12.484  -9.930  4.174   1.00 15.56 ? 43   SER P CA  1 
ATOM   264  C  C   . SER A 1 39  ? 11.756  -9.018  5.153   1.00 13.63 ? 43   SER P C   1 
ATOM   265  O  O   . SER A 1 39  ? 11.390  -7.891  4.812   1.00 11.55 ? 43   SER P O   1 
ATOM   266  C  CB  . SER A 1 39  ? 13.994  -9.748  4.349   1.00 18.03 ? 43   SER P CB  1 
ATOM   267  O  OG  . SER A 1 39  ? 14.712  -10.663 3.542   1.00 23.67 ? 43   SER P OG  1 
ATOM   268  N  N   . THR A 1 40  ? 11.562  -9.521  6.370   1.00 12.92 ? 44   THR P N   1 
ATOM   269  C  CA  . THR A 1 40  ? 10.895  -8.784  7.436   1.00 12.10 ? 44   THR P CA  1 
ATOM   270  C  C   . THR A 1 40  ? 11.913  -8.233  8.444   1.00 11.58 ? 44   THR P C   1 
ATOM   271  O  O   . THR A 1 40  ? 11.576  -7.400  9.287   1.00 11.14 ? 44   THR P O   1 
ATOM   272  C  CB  . THR A 1 40  ? 9.860   -9.681  8.170   1.00 14.16 ? 44   THR P CB  1 
ATOM   273  O  OG1 . THR A 1 40  ? 10.471  -10.919 8.545   1.00 18.22 ? 44   THR P OG1 1 
ATOM   274  C  CG2 . THR A 1 40  ? 8.680   -9.975  7.268   1.00 16.01 ? 44   THR P CG2 1 
ATOM   275  N  N   . SER A 1 41  ? 13.152  -8.716  8.365   1.00 10.67 ? 45   SER P N   1 
ATOM   276  C  CA  . SER A 1 41  ? 14.229  -8.238  9.233   1.00 10.51 ? 45   SER P CA  1 
ATOM   277  C  C   . SER A 1 41  ? 15.567  -8.631  8.616   1.00 9.49  ? 45   SER P C   1 
ATOM   278  O  O   . SER A 1 41  ? 15.607  -9.405  7.659   1.00 11.69 ? 45   SER P O   1 
ATOM   279  C  CB  . SER A 1 41  ? 14.109  -8.812  10.654  1.00 12.47 ? 45   SER P CB  1 
ATOM   280  O  OG  . SER A 1 41  ? 14.440  -10.189 10.715  1.00 12.25 ? 45   SER P OG  1 
ATOM   281  N  N   . SER A 1 42  ? 16.658  -8.082  9.143   1.00 10.64 ? 46   SER P N   1 
ATOM   282  C  CA  . SER A 1 42  ? 17.989  -8.390  8.632   1.00 9.32  ? 46   SER P CA  1 
ATOM   283  C  C   . SER A 1 42  ? 18.991  -8.361  9.786   1.00 11.14 ? 46   SER P C   1 
ATOM   284  O  O   . SER A 1 42  ? 18.886  -7.534  10.692  1.00 11.91 ? 46   SER P O   1 
ATOM   285  C  CB  . SER A 1 42  ? 18.387  -7.383  7.546   1.00 10.39 ? 46   SER P CB  1 
ATOM   286  O  OG  . SER A 1 42  ? 19.552  -7.813  6.839   1.00 9.97  ? 46   SER P OG  1 
ATOM   287  N  N   . PHE A 1 43  ? 19.963  -9.266  9.737   1.00 12.53 ? 47   PHE P N   1 
ATOM   288  C  CA  . PHE A 1 43  ? 20.975  -9.407  10.782  1.00 13.81 ? 47   PHE P CA  1 
ATOM   289  C  C   . PHE A 1 43  ? 22.354  -9.043  10.237  1.00 13.96 ? 47   PHE P C   1 
ATOM   290  O  O   . PHE A 1 43  ? 22.686  -9.416  9.116   1.00 12.71 ? 47   PHE P O   1 
ATOM   291  C  CB  . PHE A 1 43  ? 20.967  -10.864 11.262  1.00 15.53 ? 47   PHE P CB  1 
ATOM   292  C  CG  . PHE A 1 43  ? 21.980  -11.174 12.320  1.00 16.08 ? 47   PHE P CG  1 
ATOM   293  C  CD1 . PHE A 1 43  ? 21.813  -10.715 13.622  1.00 16.58 ? 47   PHE P CD1 1 
ATOM   294  C  CD2 . PHE A 1 43  ? 23.091  -11.956 12.022  1.00 18.99 ? 47   PHE P CD2 1 
ATOM   295  C  CE1 . PHE A 1 43  ? 22.743  -11.035 14.617  1.00 17.54 ? 47   PHE P CE1 1 
ATOM   296  C  CE2 . PHE A 1 43  ? 24.026  -12.280 13.009  1.00 18.68 ? 47   PHE P CE2 1 
ATOM   297  C  CZ  . PHE A 1 43  ? 23.851  -11.819 14.305  1.00 17.75 ? 47   PHE P CZ  1 
ATOM   298  N  N   . CYS A 1 44  ? 23.152  -8.319  11.019  1.00 13.02 ? 48   CYS P N   1 
ATOM   299  C  CA  . CYS A 1 44  ? 24.492  -7.949  10.565  1.00 12.28 ? 48   CYS P CA  1 
ATOM   300  C  C   . CYS A 1 44  ? 25.458  -9.086  10.883  1.00 14.17 ? 48   CYS P C   1 
ATOM   301  O  O   . CYS A 1 44  ? 25.836  -9.298  12.036  1.00 11.67 ? 48   CYS P O   1 
ATOM   302  C  CB  . CYS A 1 44  ? 24.967  -6.651  11.229  1.00 13.99 ? 48   CYS P CB  1 
ATOM   303  S  SG  . CYS A 1 44  ? 26.617  -6.163  10.620  1.00 12.98 ? 48   CYS P SG  1 
ATOM   304  N  N   . LEU A 1 45  ? 25.857  -9.822  9.854   1.00 13.26 ? 49   LEU P N   1 
ATOM   305  C  CA  . LEU A 1 45  ? 26.754  -10.951 10.047  1.00 13.90 ? 49   LEU P CA  1 
ATOM   306  C  C   . LEU A 1 45  ? 28.043  -10.832 9.259   1.00 12.72 ? 49   LEU P C   1 
ATOM   307  O  O   . LEU A 1 45  ? 28.298  -9.826  8.596   1.00 12.71 ? 49   LEU P O   1 
ATOM   308  C  CB  . LEU A 1 45  ? 26.031  -12.243 9.656   1.00 13.08 ? 49   LEU P CB  1 
ATOM   309  C  CG  . LEU A 1 45  ? 25.344  -12.268 8.283   1.00 12.78 ? 49   LEU P CG  1 
ATOM   310  C  CD1 . LEU A 1 45  ? 26.387  -12.288 7.167   1.00 11.71 ? 49   LEU P CD1 1 
ATOM   311  C  CD2 . LEU A 1 45  ? 24.456  -13.500 8.182   1.00 14.80 ? 49   LEU P CD2 1 
ATOM   312  N  N   . ILE A 1 46  ? 28.864  -11.871 9.352   1.00 14.77 ? 50   ILE P N   1 
ATOM   313  C  CA  . ILE A 1 46  ? 30.114  -11.924 8.612   1.00 14.99 ? 50   ILE P CA  1 
ATOM   314  C  C   . ILE A 1 46  ? 29.980  -13.064 7.607   1.00 14.09 ? 50   ILE P C   1 
ATOM   315  O  O   . ILE A 1 46  ? 29.534  -14.159 7.948   1.00 13.85 ? 50   ILE P O   1 
ATOM   316  C  CB  . ILE A 1 46  ? 31.325  -12.208 9.530   1.00 16.75 ? 50   ILE P CB  1 
ATOM   317  C  CG1 . ILE A 1 46  ? 31.562  -11.026 10.472  1.00 19.17 ? 50   ILE P CG1 1 
ATOM   318  C  CG2 . ILE A 1 46  ? 32.576  -12.444 8.684   1.00 18.71 ? 50   ILE P CG2 1 
ATOM   319  C  CD1 . ILE A 1 46  ? 32.671  -11.259 11.478  1.00 24.84 ? 50   ILE P CD1 1 
ATOM   320  N  N   . SER A 1 47  ? 30.338  -12.790 6.361   1.00 12.69 ? 51   SER P N   1 
ATOM   321  C  CA  . SER A 1 47  ? 30.291  -13.793 5.305   1.00 11.86 ? 51   SER P CA  1 
ATOM   322  C  C   . SER A 1 47  ? 31.606  -13.609 4.558   1.00 12.42 ? 51   SER P C   1 
ATOM   323  O  O   . SER A 1 47  ? 31.832  -12.563 3.942   1.00 10.81 ? 51   SER P O   1 
ATOM   324  C  CB  . SER A 1 47  ? 29.097  -13.540 4.381   1.00 13.67 ? 51   SER P CB  1 
ATOM   325  O  OG  . SER A 1 47  ? 28.974  -14.561 3.403   1.00 17.91 ? 51   SER P OG  1 
ATOM   326  N  N   . GLY A 1 48  ? 32.482  -14.608 4.628   1.00 13.60 ? 52   GLY P N   1 
ATOM   327  C  CA  . GLY A 1 48  ? 33.775  -14.480 3.976   1.00 12.87 ? 52   GLY P CA  1 
ATOM   328  C  C   . GLY A 1 48  ? 34.528  -13.406 4.733   1.00 14.44 ? 52   GLY P C   1 
ATOM   329  O  O   . GLY A 1 48  ? 34.659  -13.488 5.953   1.00 14.33 ? 52   GLY P O   1 
ATOM   330  N  N   . SER A 1 49  ? 35.017  -12.390 4.033   1.00 12.88 ? 53   SER P N   1 
ATOM   331  C  CA  . SER A 1 49  ? 35.727  -11.298 4.692   1.00 12.61 ? 53   SER P CA  1 
ATOM   332  C  C   . SER A 1 49  ? 34.792  -10.099 4.847   1.00 13.29 ? 53   SER P C   1 
ATOM   333  O  O   . SER A 1 49  ? 35.199  -9.044  5.335   1.00 12.66 ? 53   SER P O   1 
ATOM   334  C  CB  . SER A 1 49  ? 36.957  -10.883 3.876   1.00 13.72 ? 53   SER P CB  1 
ATOM   335  O  OG  . SER A 1 49  ? 37.918  -11.915 3.849   1.00 12.77 ? 53   SER P OG  1 
ATOM   336  N  N   . SER A 1 50  ? 33.536  -10.272 4.442   1.00 11.63 ? 54   SER P N   1 
ATOM   337  C  CA  . SER A 1 50  ? 32.550  -9.201  4.515   1.00 13.44 ? 54   SER P CA  1 
ATOM   338  C  C   . SER A 1 50  ? 31.696  -9.167  5.774   1.00 12.99 ? 54   SER P C   1 
ATOM   339  O  O   . SER A 1 50  ? 31.299  -10.196 6.305   1.00 15.55 ? 54   SER P O   1 
ATOM   340  C  CB  . SER A 1 50  ? 31.590  -9.273  3.317   1.00 14.16 ? 54   SER P CB  1 
ATOM   341  O  OG  . SER A 1 50  ? 32.193  -8.860  2.105   1.00 15.42 ? 54   SER P OG  1 
ATOM   342  N  N   . VAL A 1 51  ? 31.432  -7.957  6.250   1.00 12.62 ? 55   VAL P N   1 
ATOM   343  C  CA  . VAL A 1 51  ? 30.539  -7.751  7.379   1.00 11.92 ? 55   VAL P CA  1 
ATOM   344  C  C   . VAL A 1 51  ? 29.384  -7.195  6.565   1.00 11.18 ? 55   VAL P C   1 
ATOM   345  O  O   . VAL A 1 51  ? 29.502  -6.121  5.976   1.00 11.85 ? 55   VAL P O   1 
ATOM   346  C  CB  . VAL A 1 51  ? 31.065  -6.676  8.356   1.00 14.66 ? 55   VAL P CB  1 
ATOM   347  C  CG1 . VAL A 1 51  ? 30.063  -6.467  9.485   1.00 13.26 ? 55   VAL P CG1 1 
ATOM   348  C  CG2 . VAL A 1 51  ? 32.414  -7.105  8.920   1.00 17.61 ? 55   VAL P CG2 1 
ATOM   349  N  N   . GLN A 1 52  ? 28.279  -7.930  6.499   1.00 11.85 ? 56   GLN P N   1 
ATOM   350  C  CA  . GLN A 1 52  ? 27.151  -7.503  5.685   1.00 11.24 ? 56   GLN P CA  1 
ATOM   351  C  C   . GLN A 1 52  ? 25.805  -7.919  6.259   1.00 10.63 ? 56   GLN P C   1 
ATOM   352  O  O   . GLN A 1 52  ? 25.734  -8.736  7.171   1.00 12.22 ? 56   GLN P O   1 
ATOM   353  C  CB  . GLN A 1 52  ? 27.290  -8.106  4.284   1.00 12.13 ? 56   GLN P CB  1 
ATOM   354  C  CG  . GLN A 1 52  ? 27.235  -9.634  4.279   1.00 16.21 ? 56   GLN P CG  1 
ATOM   355  C  CD  . GLN A 1 52  ? 27.353  -10.248 2.885   1.00 19.45 ? 56   GLN P CD  1 
ATOM   356  O  OE1 . GLN A 1 52  ? 26.837  -11.339 2.634   1.00 20.67 ? 56   GLN P OE1 1 
ATOM   357  N  NE2 . GLN A 1 52  ? 28.042  -9.557  1.981   1.00 18.96 ? 56   GLN P NE2 1 
ATOM   358  N  N   . TRP A 1 53  ? 24.741  -7.354  5.697   1.00 10.62 ? 57   TRP P N   1 
ATOM   359  C  CA  . TRP A 1 53  ? 23.384  -7.668  6.117   1.00 10.04 ? 57   TRP P CA  1 
ATOM   360  C  C   . TRP A 1 53  ? 23.007  -9.037  5.567   1.00 10.61 ? 57   TRP P C   1 
ATOM   361  O  O   . TRP A 1 53  ? 23.278  -9.352  4.408   1.00 11.79 ? 57   TRP P O   1 
ATOM   362  C  CB  . TRP A 1 53  ? 22.409  -6.608  5.595   1.00 10.54 ? 57   TRP P CB  1 
ATOM   363  C  CG  . TRP A 1 53  ? 22.613  -5.280  6.247   1.00 10.16 ? 57   TRP P CG  1 
ATOM   364  C  CD1 . TRP A 1 53  ? 23.158  -4.158  5.687   1.00 8.55  ? 57   TRP P CD1 1 
ATOM   365  C  CD2 . TRP A 1 53  ? 22.358  -4.963  7.615   1.00 10.33 ? 57   TRP P CD2 1 
ATOM   366  N  NE1 . TRP A 1 53  ? 23.262  -3.160  6.632   1.00 10.72 ? 57   TRP P NE1 1 
ATOM   367  C  CE2 . TRP A 1 53  ? 22.778  -3.632  7.826   1.00 11.05 ? 57   TRP P CE2 1 
ATOM   368  C  CE3 . TRP A 1 53  ? 21.817  -5.680  8.692   1.00 12.12 ? 57   TRP P CE3 1 
ATOM   369  C  CZ2 . TRP A 1 53  ? 22.676  -3.002  9.069   1.00 12.82 ? 57   TRP P CZ2 1 
ATOM   370  C  CZ3 . TRP A 1 53  ? 21.714  -5.050  9.932   1.00 11.17 ? 57   TRP P CZ3 1 
ATOM   371  C  CH2 . TRP A 1 53  ? 22.143  -3.725  10.107  1.00 12.68 ? 57   TRP P CH2 1 
ATOM   372  N  N   . SER A 1 54  ? 22.391  -9.851  6.410   1.00 8.33  ? 58   SER P N   1 
ATOM   373  C  CA  . SER A 1 54  ? 21.978  -11.190 6.018   1.00 11.01 ? 58   SER P CA  1 
ATOM   374  C  C   . SER A 1 54  ? 20.934  -11.156 4.904   1.00 12.07 ? 58   SER P C   1 
ATOM   375  O  O   . SER A 1 54  ? 20.979  -11.959 3.967   1.00 13.19 ? 58   SER P O   1 
ATOM   376  C  CB  . SER A 1 54  ? 21.388  -11.917 7.226   1.00 10.37 ? 58   SER P CB  1 
ATOM   377  O  OG  . SER A 1 54  ? 20.211  -11.259 7.672   1.00 13.80 ? 58   SER P OG  1 
ATOM   378  N  N   . ASP A 1 55  ? 20.001  -10.215 5.016   1.00 13.03 ? 59   ASP P N   1 
ATOM   379  C  CA  . ASP A 1 55  ? 18.895  -10.079 4.066   1.00 13.41 ? 59   ASP P CA  1 
ATOM   380  C  C   . ASP A 1 55  ? 18.824  -8.712  3.403   1.00 12.55 ? 59   ASP P C   1 
ATOM   381  O  O   . ASP A 1 55  ? 19.140  -7.699  4.022   1.00 12.94 ? 59   ASP P O   1 
ATOM   382  C  CB  . ASP A 1 55  ? 17.556  -10.271 4.786   1.00 17.46 ? 59   ASP P CB  1 
ATOM   383  C  CG  . ASP A 1 55  ? 17.417  -11.624 5.436   1.00 18.81 ? 59   ASP P CG  1 
ATOM   384  O  OD1 . ASP A 1 55  ? 18.341  -12.045 6.165   1.00 21.36 ? 59   ASP P OD1 1 
ATOM   385  O  OD2 . ASP A 1 55  ? 16.362  -12.257 5.231   1.00 20.60 ? 59   ASP P OD2 1 
ATOM   386  N  N   . PRO A 1 56  ? 18.370  -8.666  2.143   1.00 11.74 ? 60   PRO P N   1 
ATOM   387  C  CA  . PRO A 1 56  ? 18.255  -7.383  1.446   1.00 11.61 ? 60   PRO P CA  1 
ATOM   388  C  C   . PRO A 1 56  ? 16.959  -6.707  1.899   1.00 11.96 ? 60   PRO P C   1 
ATOM   389  O  O   . PRO A 1 56  ? 16.044  -7.378  2.378   1.00 10.71 ? 60   PRO P O   1 
ATOM   390  C  CB  . PRO A 1 56  ? 18.200  -7.793  -0.024  1.00 12.84 ? 60   PRO P CB  1 
ATOM   391  C  CG  . PRO A 1 56  ? 17.478  -9.114  0.035   1.00 12.08 ? 60   PRO P CG  1 
ATOM   392  C  CD  . PRO A 1 56  ? 18.136  -9.793  1.219   1.00 10.80 ? 60   PRO P CD  1 
ATOM   393  N  N   . LEU A 1 57  ? 16.889  -5.388  1.767   1.00 10.64 ? 61   LEU P N   1 
ATOM   394  C  CA  . LEU A 1 57  ? 15.682  -4.653  2.146   1.00 9.59  ? 61   LEU P CA  1 
ATOM   395  C  C   . LEU A 1 57  ? 14.502  -5.131  1.310   1.00 11.18 ? 61   LEU P C   1 
ATOM   396  O  O   . LEU A 1 57  ? 14.651  -5.422  0.121   1.00 11.82 ? 61   LEU P O   1 
ATOM   397  C  CB  . LEU A 1 57  ? 15.859  -3.154  1.893   1.00 9.00  ? 61   LEU P CB  1 
ATOM   398  C  CG  . LEU A 1 57  ? 16.896  -2.403  2.723   1.00 12.32 ? 61   LEU P CG  1 
ATOM   399  C  CD1 . LEU A 1 57  ? 17.040  -0.988  2.185   1.00 14.40 ? 61   LEU P CD1 1 
ATOM   400  C  CD2 . LEU A 1 57  ? 16.456  -2.377  4.179   1.00 13.65 ? 61   LEU P CD2 1 
ATOM   401  N  N   . PRO A 1 58  ? 13.311  -5.216  1.918   1.00 9.42  ? 62   PRO P N   1 
ATOM   402  C  CA  . PRO A 1 58  ? 12.136  -5.659  1.169   1.00 10.85 ? 62   PRO P CA  1 
ATOM   403  C  C   . PRO A 1 58  ? 11.571  -4.514  0.342   1.00 9.79  ? 62   PRO P C   1 
ATOM   404  O  O   . PRO A 1 58  ? 12.085  -3.388  0.370   1.00 11.52 ? 62   PRO P O   1 
ATOM   405  C  CB  . PRO A 1 58  ? 11.171  -6.080  2.269   1.00 7.13  ? 62   PRO P CB  1 
ATOM   406  C  CG  . PRO A 1 58  ? 11.465  -5.054  3.350   1.00 8.45  ? 62   PRO P CG  1 
ATOM   407  C  CD  . PRO A 1 58  ? 12.988  -5.045  3.348   1.00 11.90 ? 62   PRO P CD  1 
ATOM   408  N  N   . GLU A 1 59  ? 10.514  -4.816  -0.399  1.00 9.63  ? 63   GLU P N   1 
ATOM   409  C  CA  . GLU A 1 59  ? 9.830   -3.828  -1.212  1.00 13.56 ? 63   GLU P CA  1 
ATOM   410  C  C   . GLU A 1 59  ? 8.452   -3.639  -0.604  1.00 12.74 ? 63   GLU P C   1 
ATOM   411  O  O   . GLU A 1 59  ? 7.887   -4.579  -0.037  1.00 13.01 ? 63   GLU P O   1 
ATOM   412  C  CB  . GLU A 1 59  ? 9.672   -4.326  -2.646  1.00 17.19 ? 63   GLU P CB  1 
ATOM   413  C  CG  . GLU A 1 59  ? 10.908  -4.172  -3.504  1.00 23.87 ? 63   GLU P CG  1 
ATOM   414  C  CD  . GLU A 1 59  ? 10.780  -4.884  -4.835  1.00 27.98 ? 63   GLU P CD  1 
ATOM   415  O  OE1 . GLU A 1 59  ? 9.680   -4.849  -5.422  1.00 29.31 ? 63   GLU P OE1 1 
ATOM   416  O  OE2 . GLU A 1 59  ? 11.781  -5.472  -5.301  1.00 31.56 ? 63   GLU P OE2 1 
ATOM   417  N  N   . CYS A 1 60  ? 7.920   -2.429  -0.714  1.00 12.32 ? 64   CYS P N   1 
ATOM   418  C  CA  . CYS A 1 60  ? 6.587   -2.134  -0.204  1.00 12.21 ? 64   CYS P CA  1 
ATOM   419  C  C   . CYS A 1 60  ? 5.747   -1.752  -1.413  1.00 13.08 ? 64   CYS P C   1 
ATOM   420  O  O   . CYS A 1 60  ? 5.867   -0.646  -1.943  1.00 13.58 ? 64   CYS P O   1 
ATOM   421  C  CB  . CYS A 1 60  ? 6.642   -0.990  0.806   1.00 10.73 ? 64   CYS P CB  1 
ATOM   422  S  SG  . CYS A 1 60  ? 7.390   -1.465  2.396   1.00 12.53 ? 64   CYS P SG  1 
ATOM   423  N  N   . ARG A 1 61  ? 4.912   -2.685  -1.856  1.00 14.44 ? 65   ARG P N   1 
ATOM   424  C  CA  . ARG A 1 61  ? 4.081   -2.474  -3.030  1.00 15.66 ? 65   ARG P CA  1 
ATOM   425  C  C   . ARG A 1 61  ? 2.699   -1.951  -2.699  1.00 15.01 ? 65   ARG P C   1 
ATOM   426  O  O   . ARG A 1 61  ? 2.076   -2.376  -1.729  1.00 16.02 ? 65   ARG P O   1 
ATOM   427  C  CB  . ARG A 1 61  ? 3.979   -3.778  -3.820  1.00 18.42 ? 65   ARG P CB  1 
ATOM   428  C  CG  . ARG A 1 61  ? 5.338   -4.304  -4.242  1.00 21.87 ? 65   ARG P CG  1 
ATOM   429  C  CD  . ARG A 1 61  ? 5.225   -5.623  -4.965  1.00 24.74 ? 65   ARG P CD  1 
ATOM   430  N  NE  . ARG A 1 61  ? 6.537   -6.138  -5.336  1.00 28.86 ? 65   ARG P NE  1 
ATOM   431  C  CZ  . ARG A 1 61  ? 6.729   -7.298  -5.950  1.00 28.83 ? 65   ARG P CZ  1 
ATOM   432  N  NH1 . ARG A 1 61  ? 5.689   -8.060  -6.260  1.00 30.72 ? 65   ARG P NH1 1 
ATOM   433  N  NH2 . ARG A 1 61  ? 7.958   -7.696  -6.254  1.00 32.42 ? 65   ARG P NH2 1 
ATOM   434  N  N   . GLU A 1 62  ? 2.227   -1.024  -3.521  1.00 14.40 ? 66   GLU P N   1 
ATOM   435  C  CA  . GLU A 1 62  ? 0.923   -0.416  -3.308  1.00 16.21 ? 66   GLU P CA  1 
ATOM   436  C  C   . GLU A 1 62  ? -0.215  -1.424  -3.391  1.00 14.55 ? 66   GLU P C   1 
ATOM   437  O  O   . GLU A 1 62  ? -0.240  -2.284  -4.273  1.00 15.13 ? 66   GLU P O   1 
ATOM   438  C  CB  . GLU A 1 62  ? 0.688   0.706   -4.325  1.00 16.03 ? 66   GLU P CB  1 
ATOM   439  C  CG  . GLU A 1 62  ? -0.623  1.461   -4.126  1.00 17.98 ? 66   GLU P CG  1 
ATOM   440  C  CD  . GLU A 1 62  ? -0.724  2.701   -4.999  1.00 22.14 ? 66   GLU P CD  1 
ATOM   441  O  OE1 . GLU A 1 62  ? -1.723  3.443   -4.871  1.00 24.50 ? 66   GLU P OE1 1 
ATOM   442  O  OE2 . GLU A 1 62  ? 0.194   2.935   -5.811  1.00 21.58 ? 66   GLU P OE2 1 
ATOM   443  N  N   . ILE A 1 63  ? -1.146  -1.311  -2.451  1.00 13.89 ? 67   ILE P N   1 
ATOM   444  C  CA  . ILE A 1 63  ? -2.318  -2.174  -2.400  1.00 13.88 ? 67   ILE P CA  1 
ATOM   445  C  C   . ILE A 1 63  ? -3.390  -1.508  -3.260  1.00 12.69 ? 67   ILE P C   1 
ATOM   446  O  O   . ILE A 1 63  ? -3.738  -0.356  -3.033  1.00 15.07 ? 67   ILE P O   1 
ATOM   447  C  CB  . ILE A 1 63  ? -2.828  -2.310  -0.949  1.00 13.65 ? 67   ILE P CB  1 
ATOM   448  C  CG1 . ILE A 1 63  ? -1.794  -3.067  -0.113  1.00 12.92 ? 67   ILE P CG1 1 
ATOM   449  C  CG2 . ILE A 1 63  ? -4.181  -3.015  -0.921  1.00 11.83 ? 67   ILE P CG2 1 
ATOM   450  C  CD1 . ILE A 1 63  ? -2.108  -3.105  1.372   1.00 13.78 ? 67   ILE P CD1 1 
ATOM   451  N  N   . TYR A 1 64  ? -3.907  -2.229  -4.249  1.00 11.43 ? 68   TYR P N   1 
ATOM   452  C  CA  . TYR A 1 64  ? -4.921  -1.662  -5.128  1.00 14.18 ? 68   TYR P CA  1 
ATOM   453  C  C   . TYR A 1 64  ? -6.308  -2.257  -4.908  1.00 14.36 ? 68   TYR P C   1 
ATOM   454  O  O   . TYR A 1 64  ? -6.443  -3.435  -4.591  1.00 13.23 ? 68   TYR P O   1 
ATOM   455  C  CB  . TYR A 1 64  ? -4.545  -1.885  -6.596  1.00 15.72 ? 68   TYR P CB  1 
ATOM   456  C  CG  . TYR A 1 64  ? -3.293  -1.176  -7.061  1.00 17.51 ? 68   TYR P CG  1 
ATOM   457  C  CD1 . TYR A 1 64  ? -3.203  0.212   -7.034  1.00 18.31 ? 68   TYR P CD1 1 
ATOM   458  C  CD2 . TYR A 1 64  ? -2.206  -1.897  -7.554  1.00 22.54 ? 68   TYR P CD2 1 
ATOM   459  C  CE1 . TYR A 1 64  ? -2.064  0.868   -7.487  1.00 20.17 ? 68   TYR P CE1 1 
ATOM   460  C  CE2 . TYR A 1 64  ? -1.061  -1.252  -8.013  1.00 21.52 ? 68   TYR P CE2 1 
ATOM   461  C  CZ  . TYR A 1 64  ? -0.998  0.131   -7.975  1.00 23.50 ? 68   TYR P CZ  1 
ATOM   462  O  OH  . TYR A 1 64  ? 0.129   0.776   -8.430  1.00 24.21 ? 68   TYR P OH  1 
ATOM   463  N  N   . CYS A 1 65  ? -7.334  -1.429  -5.074  1.00 12.41 ? 69   CYS P N   1 
ATOM   464  C  CA  . CYS A 1 65  ? -8.701  -1.907  -4.960  1.00 11.46 ? 69   CYS P CA  1 
ATOM   465  C  C   . CYS A 1 65  ? -9.072  -2.416  -6.344  1.00 12.86 ? 69   CYS P C   1 
ATOM   466  O  O   . CYS A 1 65  ? -8.446  -2.046  -7.337  1.00 13.54 ? 69   CYS P O   1 
ATOM   467  C  CB  . CYS A 1 65  ? -9.655  -0.773  -4.574  1.00 13.12 ? 69   CYS P CB  1 
ATOM   468  S  SG  . CYS A 1 65  ? -9.653  -0.414  -2.795  1.00 13.44 ? 69   CYS P SG  1 
ATOM   469  N  N   . PRO A 1 66  ? -10.079 -3.291  -6.430  1.00 13.64 ? 70   PRO P N   1 
ATOM   470  C  CA  . PRO A 1 66  ? -10.452 -3.779  -7.755  1.00 13.31 ? 70   PRO P CA  1 
ATOM   471  C  C   . PRO A 1 66  ? -11.126 -2.627  -8.489  1.00 11.62 ? 70   PRO P C   1 
ATOM   472  O  O   . PRO A 1 66  ? -11.430 -1.595  -7.886  1.00 10.70 ? 70   PRO P O   1 
ATOM   473  C  CB  . PRO A 1 66  ? -11.421 -4.916  -7.440  1.00 16.22 ? 70   PRO P CB  1 
ATOM   474  C  CG  . PRO A 1 66  ? -12.075 -4.452  -6.172  1.00 18.12 ? 70   PRO P CG  1 
ATOM   475  C  CD  . PRO A 1 66  ? -10.895 -3.923  -5.379  1.00 15.78 ? 70   PRO P CD  1 
ATOM   476  N  N   . ALA A 1 67  ? -11.344 -2.787  -9.784  1.00 10.74 ? 71   ALA P N   1 
ATOM   477  C  CA  . ALA A 1 67  ? -12.004 -1.745  -10.549 1.00 11.11 ? 71   ALA P CA  1 
ATOM   478  C  C   . ALA A 1 67  ? -13.340 -1.425  -9.870  1.00 11.32 ? 71   ALA P C   1 
ATOM   479  O  O   . ALA A 1 67  ? -14.045 -2.323  -9.411  1.00 10.92 ? 71   ALA P O   1 
ATOM   480  C  CB  . ALA A 1 67  ? -12.232 -2.220  -11.979 1.00 16.34 ? 71   ALA P CB  1 
ATOM   481  N  N   . PRO A 1 68  ? -13.690 -0.137  -9.769  1.00 12.26 ? 72   PRO P N   1 
ATOM   482  C  CA  . PRO A 1 68  ? -14.960 0.209   -9.133  1.00 12.34 ? 72   PRO P CA  1 
ATOM   483  C  C   . PRO A 1 68  ? -16.144 -0.181  -10.009 1.00 13.18 ? 72   PRO P C   1 
ATOM   484  O  O   . PRO A 1 68  ? -16.021 -0.313  -11.222 1.00 12.05 ? 72   PRO P O   1 
ATOM   485  C  CB  . PRO A 1 68  ? -14.850 1.717   -8.947  1.00 14.01 ? 72   PRO P CB  1 
ATOM   486  C  CG  . PRO A 1 68  ? -14.028 2.128   -10.135 1.00 13.34 ? 72   PRO P CG  1 
ATOM   487  C  CD  . PRO A 1 68  ? -12.939 1.076   -10.136 1.00 12.51 ? 72   PRO P CD  1 
ATOM   488  N  N   . PRO A 1 69  ? -17.315 -0.378  -9.397  1.00 13.45 ? 73   PRO P N   1 
ATOM   489  C  CA  . PRO A 1 69  ? -18.477 -0.753  -10.197 1.00 13.66 ? 73   PRO P CA  1 
ATOM   490  C  C   . PRO A 1 69  ? -19.045 0.406   -10.998 1.00 13.97 ? 73   PRO P C   1 
ATOM   491  O  O   . PRO A 1 69  ? -18.957 1.562   -10.588 1.00 14.61 ? 73   PRO P O   1 
ATOM   492  C  CB  . PRO A 1 69  ? -19.461 -1.264  -9.151  1.00 16.96 ? 73   PRO P CB  1 
ATOM   493  C  CG  . PRO A 1 69  ? -19.137 -0.410  -7.955  1.00 14.97 ? 73   PRO P CG  1 
ATOM   494  C  CD  . PRO A 1 69  ? -17.622 -0.427  -7.958  1.00 15.02 ? 73   PRO P CD  1 
ATOM   495  N  N   . GLN A 1 70  ? -19.601 0.086   -12.162 1.00 15.99 ? 74   GLN P N   1 
ATOM   496  C  CA  . GLN A 1 70  ? -20.238 1.083   -13.010 1.00 14.11 ? 74   GLN P CA  1 
ATOM   497  C  C   . GLN A 1 70  ? -21.684 1.033   -12.548 1.00 15.55 ? 74   GLN P C   1 
ATOM   498  O  O   . GLN A 1 70  ? -22.095 0.055   -11.918 1.00 16.79 ? 74   GLN P O   1 
ATOM   499  C  CB  . GLN A 1 70  ? -20.172 0.667   -14.487 1.00 16.47 ? 74   GLN P CB  1 
ATOM   500  C  CG  . GLN A 1 70  ? -18.764 0.544   -15.054 1.00 15.15 ? 74   GLN P CG  1 
ATOM   501  C  CD  . GLN A 1 70  ? -18.106 1.888   -15.287 1.00 16.38 ? 74   GLN P CD  1 
ATOM   502  O  OE1 . GLN A 1 70  ? -16.875 1.999   -15.290 1.00 18.41 ? 74   GLN P OE1 1 
ATOM   503  N  NE2 . GLN A 1 70  ? -18.920 2.920   -15.499 1.00 12.92 ? 74   GLN P NE2 1 
ATOM   504  N  N   . ILE A 1 71  ? -22.458 2.070   -12.841 1.00 15.76 ? 75   ILE P N   1 
ATOM   505  C  CA  . ILE A 1 71  ? -23.860 2.056   -12.453 1.00 17.33 ? 75   ILE P CA  1 
ATOM   506  C  C   . ILE A 1 71  ? -24.706 2.454   -13.644 1.00 15.65 ? 75   ILE P C   1 
ATOM   507  O  O   . ILE A 1 71  ? -24.280 3.255   -14.476 1.00 17.03 ? 75   ILE P O   1 
ATOM   508  C  CB  . ILE A 1 71  ? -24.156 3.012   -11.267 1.00 15.69 ? 75   ILE P CB  1 
ATOM   509  C  CG1 . ILE A 1 71  ? -24.109 4.476   -11.715 1.00 16.82 ? 75   ILE P CG1 1 
ATOM   510  C  CG2 . ILE A 1 71  ? -23.160 2.751   -10.136 1.00 16.45 ? 75   ILE P CG2 1 
ATOM   511  C  CD1 . ILE A 1 71  ? -22.757 4.973   -12.132 1.00 25.82 ? 75   ILE P CD1 1 
ATOM   512  N  N   . ASP A 1 72  ? -25.898 1.877   -13.736 1.00 16.30 ? 76   ASP P N   1 
ATOM   513  C  CA  . ASP A 1 72  ? -26.794 2.185   -14.839 1.00 16.16 ? 76   ASP P CA  1 
ATOM   514  C  C   . ASP A 1 72  ? -27.223 3.647   -14.793 1.00 15.67 ? 76   ASP P C   1 
ATOM   515  O  O   . ASP A 1 72  ? -27.489 4.192   -13.722 1.00 15.67 ? 76   ASP P O   1 
ATOM   516  C  CB  . ASP A 1 72  ? -28.034 1.287   -14.786 1.00 18.29 ? 76   ASP P CB  1 
ATOM   517  C  CG  . ASP A 1 72  ? -27.688 -0.193  -14.804 1.00 22.50 ? 76   ASP P CG  1 
ATOM   518  O  OD1 . ASP A 1 72  ? -26.672 -0.571  -15.427 1.00 24.20 ? 76   ASP P OD1 1 
ATOM   519  O  OD2 . ASP A 1 72  ? -28.446 -0.984  -14.209 1.00 25.63 ? 76   ASP P OD2 1 
ATOM   520  N  N   . ASN A 1 73  ? -27.273 4.281   -15.961 1.00 13.83 ? 77   ASN P N   1 
ATOM   521  C  CA  . ASN A 1 73  ? -27.700 5.670   -16.070 1.00 13.78 ? 77   ASN P CA  1 
ATOM   522  C  C   . ASN A 1 73  ? -26.836 6.646   -15.286 1.00 13.69 ? 77   ASN P C   1 
ATOM   523  O  O   . ASN A 1 73  ? -27.302 7.703   -14.848 1.00 15.42 ? 77   ASN P O   1 
ATOM   524  C  CB  . ASN A 1 73  ? -29.154 5.783   -15.617 1.00 15.91 ? 77   ASN P CB  1 
ATOM   525  C  CG  . ASN A 1 73  ? -30.071 4.892   -16.419 1.00 17.32 ? 77   ASN P CG  1 
ATOM   526  O  OD1 . ASN A 1 73  ? -30.228 5.078   -17.622 1.00 15.75 ? 77   ASN P OD1 1 
ATOM   527  N  ND2 . ASN A 1 73  ? -30.674 3.910   -15.759 1.00 17.02 ? 77   ASN P ND2 1 
ATOM   528  N  N   . GLY A 1 74  ? -25.569 6.292   -15.122 1.00 14.79 ? 78   GLY P N   1 
ATOM   529  C  CA  . GLY A 1 74  ? -24.655 7.153   -14.399 1.00 15.19 ? 78   GLY P CA  1 
ATOM   530  C  C   . GLY A 1 74  ? -23.251 6.928   -14.909 1.00 16.49 ? 78   GLY P C   1 
ATOM   531  O  O   . GLY A 1 74  ? -23.004 5.983   -15.666 1.00 12.74 ? 78   GLY P O   1 
ATOM   532  N  N   . ILE A 1 75  ? -22.331 7.792   -14.501 1.00 15.31 ? 79   ILE P N   1 
ATOM   533  C  CA  . ILE A 1 75  ? -20.948 7.675   -14.930 1.00 16.41 ? 79   ILE P CA  1 
ATOM   534  C  C   . ILE A 1 75  ? -19.998 7.979   -13.785 1.00 16.71 ? 79   ILE P C   1 
ATOM   535  O  O   . ILE A 1 75  ? -20.378 8.609   -12.798 1.00 16.51 ? 79   ILE P O   1 
ATOM   536  C  CB  . ILE A 1 75  ? -20.630 8.670   -16.062 0.50 15.59 ? 79   ILE P CB  1 
ATOM   537  C  CG1 . ILE A 1 75  ? -20.764 10.100  -15.533 0.50 17.53 ? 79   ILE P CG1 1 
ATOM   538  C  CG2 . ILE A 1 75  ? -21.568 8.447   -17.235 0.50 14.40 ? 79   ILE P CG2 1 
ATOM   539  C  CD1 . ILE A 1 75  ? -20.354 11.169  -16.516 1.00 21.55 ? 79   ILE P CD1 1 
ATOM   540  N  N   . ILE A 1 76  ? -18.762 7.514   -13.930 1.00 16.58 ? 80   ILE P N   1 
ATOM   541  C  CA  . ILE A 1 76  ? -17.713 7.767   -12.957 1.00 15.75 ? 80   ILE P CA  1 
ATOM   542  C  C   . ILE A 1 76  ? -16.981 8.979   -13.521 1.00 18.08 ? 80   ILE P C   1 
ATOM   543  O  O   . ILE A 1 76  ? -16.627 8.998   -14.697 1.00 18.89 ? 80   ILE P O   1 
ATOM   544  C  CB  . ILE A 1 76  ? -16.723 6.586   -12.867 1.00 15.80 ? 80   ILE P CB  1 
ATOM   545  C  CG1 . ILE A 1 76  ? -17.394 5.401   -12.167 1.00 13.44 ? 80   ILE P CG1 1 
ATOM   546  C  CG2 . ILE A 1 76  ? -15.447 7.022   -12.144 1.00 14.32 ? 80   ILE P CG2 1 
ATOM   547  C  CD1 . ILE A 1 76  ? -16.498 4.182   -12.027 1.00 14.89 ? 80   ILE P CD1 1 
ATOM   548  N  N   . GLN A 1 77  ? -16.760 9.994   -12.697 1.00 18.34 ? 81   GLN P N   1 
ATOM   549  C  CA  . GLN A 1 77  ? -16.081 11.191  -13.174 1.00 21.08 ? 81   GLN P CA  1 
ATOM   550  C  C   . GLN A 1 77  ? -14.567 11.015  -13.293 1.00 22.55 ? 81   GLN P C   1 
ATOM   551  O  O   . GLN A 1 77  ? -13.811 11.417  -12.414 1.00 26.96 ? 81   GLN P O   1 
ATOM   552  C  CB  . GLN A 1 77  ? -16.424 12.371  -12.261 1.00 21.22 ? 81   GLN P CB  1 
ATOM   553  C  CG  . GLN A 1 77  ? -17.927 12.641  -12.197 1.00 24.71 ? 81   GLN P CG  1 
ATOM   554  C  CD  . GLN A 1 77  ? -18.276 13.858  -11.368 1.00 28.47 ? 81   GLN P CD  1 
ATOM   555  O  OE1 . GLN A 1 77  ? -17.744 14.050  -10.278 1.00 30.11 ? 81   GLN P OE1 1 
ATOM   556  N  NE2 . GLN A 1 77  ? -19.188 14.679  -11.875 1.00 29.59 ? 81   GLN P NE2 1 
ATOM   557  N  N   . GLY A 1 78  ? -14.130 10.408  -14.393 1.00 22.27 ? 82   GLY P N   1 
ATOM   558  C  CA  . GLY A 1 78  ? -12.709 10.194  -14.609 1.00 21.70 ? 82   GLY P CA  1 
ATOM   559  C  C   . GLY A 1 78  ? -12.170 9.005   -13.836 1.00 21.54 ? 82   GLY P C   1 
ATOM   560  O  O   . GLY A 1 78  ? -11.668 9.153   -12.722 1.00 23.24 ? 82   GLY P O   1 
ATOM   561  N  N   . GLU A 1 79  ? -12.267 7.821   -14.430 1.00 20.85 ? 83   GLU P N   1 
ATOM   562  C  CA  . GLU A 1 79  ? -11.794 6.610   -13.780 1.00 18.68 ? 83   GLU P CA  1 
ATOM   563  C  C   . GLU A 1 79  ? -10.280 6.463   -13.895 1.00 19.21 ? 83   GLU P C   1 
ATOM   564  O  O   . GLU A 1 79  ? -9.694  6.765   -14.936 1.00 22.20 ? 83   GLU P O   1 
ATOM   565  C  CB  . GLU A 1 79  ? -12.481 5.387   -14.393 1.00 20.90 ? 83   GLU P CB  1 
ATOM   566  C  CG  . GLU A 1 79  ? -12.193 4.081   -13.659 1.00 21.65 ? 83   GLU P CG  1 
ATOM   567  C  CD  . GLU A 1 79  ? -13.025 2.927   -14.173 1.00 24.08 ? 83   GLU P CD  1 
ATOM   568  O  OE1 . GLU A 1 79  ? -12.900 1.812   -13.623 1.00 22.97 ? 83   GLU P OE1 1 
ATOM   569  O  OE2 . GLU A 1 79  ? -13.806 3.132   -15.127 1.00 24.88 ? 83   GLU P OE2 1 
ATOM   570  N  N   . ARG A 1 80  ? -9.645  6.004   -12.822 1.00 15.27 ? 84   ARG P N   1 
ATOM   571  C  CA  . ARG A 1 80  ? -8.202  5.810   -12.829 1.00 15.64 ? 84   ARG P CA  1 
ATOM   572  C  C   . ARG A 1 80  ? -7.917  4.363   -13.208 1.00 16.22 ? 84   ARG P C   1 
ATOM   573  O  O   . ARG A 1 80  ? -8.776  3.495   -13.047 1.00 16.29 ? 84   ARG P O   1 
ATOM   574  C  CB  . ARG A 1 80  ? -7.619  6.086   -11.441 1.00 15.42 ? 84   ARG P CB  1 
ATOM   575  C  CG  . ARG A 1 80  ? -7.863  7.486   -10.896 1.00 14.23 ? 84   ARG P CG  1 
ATOM   576  C  CD  . ARG A 1 80  ? -7.387  7.569   -9.451  1.00 14.18 ? 84   ARG P CD  1 
ATOM   577  N  NE  . ARG A 1 80  ? -7.672  8.855   -8.820  1.00 16.45 ? 84   ARG P NE  1 
ATOM   578  C  CZ  . ARG A 1 80  ? -6.795  9.847   -8.704  1.00 18.11 ? 84   ARG P CZ  1 
ATOM   579  N  NH1 . ARG A 1 80  ? -5.564  9.714   -9.176  1.00 16.60 ? 84   ARG P NH1 1 
ATOM   580  N  NH2 . ARG A 1 80  ? -7.149  10.972  -8.104  1.00 17.44 ? 84   ARG P NH2 1 
ATOM   581  N  N   . ASP A 1 81  ? -6.717  4.104   -13.717 1.00 16.31 ? 85   ASP P N   1 
ATOM   582  C  CA  . ASP A 1 81  ? -6.332  2.743   -14.077 1.00 18.78 ? 85   ASP P CA  1 
ATOM   583  C  C   . ASP A 1 81  ? -6.117  1.948   -12.797 1.00 17.83 ? 85   ASP P C   1 
ATOM   584  O  O   . ASP A 1 81  ? -6.369  0.742   -12.747 1.00 19.24 ? 85   ASP P O   1 
ATOM   585  C  CB  . ASP A 1 81  ? -5.030  2.749   -14.874 1.00 20.77 ? 85   ASP P CB  1 
ATOM   586  C  CG  . ASP A 1 81  ? -5.211  3.255   -16.286 1.00 20.56 ? 85   ASP P CG  1 
ATOM   587  O  OD1 . ASP A 1 81  ? -4.186  3.482   -16.958 1.00 26.05 ? 85   ASP P OD1 1 
ATOM   588  O  OD2 . ASP A 1 81  ? -6.370  3.419   -16.723 1.00 23.97 ? 85   ASP P OD2 1 
ATOM   589  N  N   . HIS A 1 82  ? -5.645  2.642   -11.764 1.00 17.04 ? 86   HIS P N   1 
ATOM   590  C  CA  . HIS A 1 82  ? -5.368  2.026   -10.471 1.00 17.79 ? 86   HIS P CA  1 
ATOM   591  C  C   . HIS A 1 82  ? -5.862  2.903   -9.329  1.00 16.31 ? 86   HIS P C   1 
ATOM   592  O  O   . HIS A 1 82  ? -5.678  4.121   -9.355  1.00 15.35 ? 86   HIS P O   1 
ATOM   593  C  CB  . HIS A 1 82  ? -3.863  1.818   -10.299 1.00 21.06 ? 86   HIS P CB  1 
ATOM   594  C  CG  . HIS A 1 82  ? -3.256  0.898   -11.310 1.00 24.67 ? 86   HIS P CG  1 
ATOM   595  N  ND1 . HIS A 1 82  ? -3.608  -0.430  -11.414 1.00 27.30 ? 86   HIS P ND1 1 
ATOM   596  C  CD2 . HIS A 1 82  ? -2.317  1.113   -12.262 1.00 27.67 ? 86   HIS P CD2 1 
ATOM   597  C  CE1 . HIS A 1 82  ? -2.914  -0.995  -12.386 1.00 29.41 ? 86   HIS P CE1 1 
ATOM   598  N  NE2 . HIS A 1 82  ? -2.121  -0.079  -12.917 1.00 29.73 ? 86   HIS P NE2 1 
ATOM   599  N  N   . TYR A 1 83  ? -6.488  2.279   -8.333  1.00 14.15 ? 87   TYR P N   1 
ATOM   600  C  CA  . TYR A 1 83  ? -6.980  2.991   -7.156  1.00 13.45 ? 87   TYR P CA  1 
ATOM   601  C  C   . TYR A 1 83  ? -6.272  2.458   -5.919  1.00 13.48 ? 87   TYR P C   1 
ATOM   602  O  O   . TYR A 1 83  ? -6.290  1.256   -5.661  1.00 14.11 ? 87   TYR P O   1 
ATOM   603  C  CB  . TYR A 1 83  ? -8.487  2.799   -6.974  1.00 11.70 ? 87   TYR P CB  1 
ATOM   604  C  CG  . TYR A 1 83  ? -9.335  3.564   -7.957  1.00 14.79 ? 87   TYR P CG  1 
ATOM   605  C  CD1 . TYR A 1 83  ? -9.816  2.955   -9.112  1.00 15.30 ? 87   TYR P CD1 1 
ATOM   606  C  CD2 . TYR A 1 83  ? -9.660  4.900   -7.729  1.00 15.56 ? 87   TYR P CD2 1 
ATOM   607  C  CE1 . TYR A 1 83  ? -10.607 3.657   -10.015 1.00 16.95 ? 87   TYR P CE1 1 
ATOM   608  C  CE2 . TYR A 1 83  ? -10.445 5.611   -8.628  1.00 18.95 ? 87   TYR P CE2 1 
ATOM   609  C  CZ  . TYR A 1 83  ? -10.918 4.980   -9.767  1.00 17.73 ? 87   TYR P CZ  1 
ATOM   610  O  OH  . TYR A 1 83  ? -11.720 5.660   -10.649 1.00 17.85 ? 87   TYR P OH  1 
ATOM   611  N  N   . GLY A 1 84  ? -5.643  3.355   -5.163  1.00 13.46 ? 88   GLY P N   1 
ATOM   612  C  CA  . GLY A 1 84  ? -4.946  2.960   -3.953  1.00 13.82 ? 88   GLY P CA  1 
ATOM   613  C  C   . GLY A 1 84  ? -5.630  3.507   -2.709  1.00 13.30 ? 88   GLY P C   1 
ATOM   614  O  O   . GLY A 1 84  ? -6.639  4.211   -2.811  1.00 14.53 ? 88   GLY P O   1 
ATOM   615  N  N   . TYR A 1 85  ? -5.082  3.188   -1.538  1.00 12.42 ? 89   TYR P N   1 
ATOM   616  C  CA  . TYR A 1 85  ? -5.642  3.635   -0.265  1.00 13.50 ? 89   TYR P CA  1 
ATOM   617  C  C   . TYR A 1 85  ? -5.939  5.139   -0.220  1.00 12.90 ? 89   TYR P C   1 
ATOM   618  O  O   . TYR A 1 85  ? -5.097  5.957   -0.586  1.00 13.26 ? 89   TYR P O   1 
ATOM   619  C  CB  . TYR A 1 85  ? -4.694  3.269   0.885   1.00 12.60 ? 89   TYR P CB  1 
ATOM   620  C  CG  . TYR A 1 85  ? -5.267  3.555   2.259   1.00 13.07 ? 89   TYR P CG  1 
ATOM   621  C  CD1 . TYR A 1 85  ? -6.492  3.015   2.649   1.00 13.94 ? 89   TYR P CD1 1 
ATOM   622  C  CD2 . TYR A 1 85  ? -4.597  4.386   3.158   1.00 13.75 ? 89   TYR P CD2 1 
ATOM   623  C  CE1 . TYR A 1 85  ? -7.040  3.298   3.896   1.00 15.21 ? 89   TYR P CE1 1 
ATOM   624  C  CE2 . TYR A 1 85  ? -5.138  4.674   4.413   1.00 15.52 ? 89   TYR P CE2 1 
ATOM   625  C  CZ  . TYR A 1 85  ? -6.358  4.130   4.770   1.00 16.15 ? 89   TYR P CZ  1 
ATOM   626  O  OH  . TYR A 1 85  ? -6.908  4.431   5.992   1.00 14.50 ? 89   TYR P OH  1 
ATOM   627  N  N   . ARG A 1 86  ? -7.145  5.477   0.231   1.00 11.64 ? 90   ARG P N   1 
ATOM   628  C  CA  . ARG A 1 86  ? -7.615  6.855   0.361   1.00 14.05 ? 90   ARG P CA  1 
ATOM   629  C  C   . ARG A 1 86  ? -8.099  7.522   -0.924  1.00 12.94 ? 90   ARG P C   1 
ATOM   630  O  O   . ARG A 1 86  ? -8.670  8.605   -0.876  1.00 13.22 ? 90   ARG P O   1 
ATOM   631  C  CB  . ARG A 1 86  ? -6.548  7.727   1.031   1.00 15.88 ? 90   ARG P CB  1 
ATOM   632  C  CG  . ARG A 1 86  ? -6.507  7.568   2.540   1.00 22.60 ? 90   ARG P CG  1 
ATOM   633  C  CD  . ARG A 1 86  ? -5.359  8.333   3.180   1.00 22.66 ? 90   ARG P CD  1 
ATOM   634  N  NE  . ARG A 1 86  ? -4.070  7.776   2.790   1.00 28.14 ? 90   ARG P NE  1 
ATOM   635  C  CZ  . ARG A 1 86  ? -2.998  7.747   3.574   1.00 27.78 ? 90   ARG P CZ  1 
ATOM   636  N  NH1 . ARG A 1 86  ? -3.056  8.244   4.800   1.00 27.56 ? 90   ARG P NH1 1 
ATOM   637  N  NH2 . ARG A 1 86  ? -1.869  7.216   3.130   1.00 25.56 ? 90   ARG P NH2 1 
ATOM   638  N  N   . GLN A 1 87  ? -7.874  6.888   -2.069  1.00 11.84 ? 91   GLN P N   1 
ATOM   639  C  CA  . GLN A 1 87  ? -8.340  7.450   -3.335  1.00 11.92 ? 91   GLN P CA  1 
ATOM   640  C  C   . GLN A 1 87  ? -9.816  7.107   -3.463  1.00 12.37 ? 91   GLN P C   1 
ATOM   641  O  O   . GLN A 1 87  ? -10.268 6.096   -2.931  1.00 13.05 ? 91   GLN P O   1 
ATOM   642  C  CB  . GLN A 1 87  ? -7.536  6.877   -4.505  1.00 11.59 ? 91   GLN P CB  1 
ATOM   643  C  CG  . GLN A 1 87  ? -6.059  7.273   -4.443  1.00 14.41 ? 91   GLN P CG  1 
ATOM   644  C  CD  . GLN A 1 87  ? -5.300  6.981   -5.724  1.00 16.60 ? 91   GLN P CD  1 
ATOM   645  O  OE1 . GLN A 1 87  ? -5.255  5.844   -6.190  1.00 18.98 ? 91   GLN P OE1 1 
ATOM   646  N  NE2 . GLN A 1 87  ? -4.687  8.010   -6.293  1.00 17.85 ? 91   GLN P NE2 1 
ATOM   647  N  N   . SER A 1 88  ? -10.570 7.939   -4.170  1.00 13.26 ? 92   SER P N   1 
ATOM   648  C  CA  . SER A 1 88  ? -12.003 7.709   -4.292  1.00 14.46 ? 92   SER P CA  1 
ATOM   649  C  C   . SER A 1 88  ? -12.533 7.842   -5.703  1.00 14.22 ? 92   SER P C   1 
ATOM   650  O  O   . SER A 1 88  ? -11.846 8.345   -6.593  1.00 14.50 ? 92   SER P O   1 
ATOM   651  C  CB  . SER A 1 88  ? -12.746 8.715   -3.424  1.00 16.61 ? 92   SER P CB  1 
ATOM   652  O  OG  . SER A 1 88  ? -12.507 10.029  -3.905  1.00 19.18 ? 92   SER P OG  1 
ATOM   653  N  N   . VAL A 1 89  ? -13.768 7.391   -5.894  1.00 11.70 ? 93   VAL P N   1 
ATOM   654  C  CA  . VAL A 1 89  ? -14.432 7.507   -7.183  1.00 13.89 ? 93   VAL P CA  1 
ATOM   655  C  C   . VAL A 1 89  ? -15.729 8.251   -6.911  1.00 14.21 ? 93   VAL P C   1 
ATOM   656  O  O   . VAL A 1 89  ? -16.436 7.956   -5.942  1.00 14.69 ? 93   VAL P O   1 
ATOM   657  C  CB  . VAL A 1 89  ? -14.751 6.123   -7.819  0.50 15.27 ? 93   VAL P CB  1 
ATOM   658  C  CG1 . VAL A 1 89  ? -13.543 5.220   -7.721  0.50 16.87 ? 93   VAL P CG1 1 
ATOM   659  C  CG2 . VAL A 1 89  ? -15.941 5.486   -7.152  0.50 16.37 ? 93   VAL P CG2 1 
ATOM   660  N  N   . THR A 1 90  ? -16.031 9.237   -7.743  1.00 14.55 ? 94   THR P N   1 
ATOM   661  C  CA  . THR A 1 90  ? -17.251 10.004  -7.574  1.00 14.55 ? 94   THR P CA  1 
ATOM   662  C  C   . THR A 1 90  ? -18.150 9.776   -8.781  1.00 14.06 ? 94   THR P C   1 
ATOM   663  O  O   . THR A 1 90  ? -17.702 9.887   -9.923  1.00 16.40 ? 94   THR P O   1 
ATOM   664  C  CB  . THR A 1 90  ? -16.953 11.504  -7.430  1.00 14.39 ? 94   THR P CB  1 
ATOM   665  O  OG1 . THR A 1 90  ? -16.106 11.712  -6.291  1.00 16.93 ? 94   THR P OG1 1 
ATOM   666  C  CG2 . THR A 1 90  ? -18.243 12.284  -7.232  1.00 17.61 ? 94   THR P CG2 1 
ATOM   667  N  N   . TYR A 1 91  ? -19.409 9.442   -8.513  1.00 13.38 ? 95   TYR P N   1 
ATOM   668  C  CA  . TYR A 1 91  ? -20.392 9.173   -9.551  1.00 14.56 ? 95   TYR P CA  1 
ATOM   669  C  C   . TYR A 1 91  ? -21.342 10.339  -9.791  1.00 16.11 ? 95   TYR P C   1 
ATOM   670  O  O   . TYR A 1 91  ? -21.547 11.190  -8.924  1.00 18.01 ? 95   TYR P O   1 
ATOM   671  C  CB  . TYR A 1 91  ? -21.252 7.954   -9.188  1.00 14.60 ? 95   TYR P CB  1 
ATOM   672  C  CG  . TYR A 1 91  ? -20.502 6.657   -8.990  1.00 12.14 ? 95   TYR P CG  1 
ATOM   673  C  CD1 . TYR A 1 91  ? -19.874 6.367   -7.781  1.00 12.48 ? 95   TYR P CD1 1 
ATOM   674  C  CD2 . TYR A 1 91  ? -20.445 5.705   -10.006 1.00 13.78 ? 95   TYR P CD2 1 
ATOM   675  C  CE1 . TYR A 1 91  ? -19.213 5.160   -7.587  1.00 11.38 ? 95   TYR P CE1 1 
ATOM   676  C  CE2 . TYR A 1 91  ? -19.784 4.497   -9.826  1.00 14.20 ? 95   TYR P CE2 1 
ATOM   677  C  CZ  . TYR A 1 91  ? -19.171 4.228   -8.616  1.00 13.49 ? 95   TYR P CZ  1 
ATOM   678  O  OH  . TYR A 1 91  ? -18.517 3.029   -8.437  1.00 16.74 ? 95   TYR P OH  1 
ATOM   679  N  N   . ALA A 1 92  ? -21.931 10.347  -10.981 1.00 15.14 ? 96   ALA P N   1 
ATOM   680  C  CA  . ALA A 1 92  ? -22.901 11.359  -11.373 1.00 16.45 ? 96   ALA P CA  1 
ATOM   681  C  C   . ALA A 1 92  ? -23.962 10.647  -12.200 1.00 17.45 ? 96   ALA P C   1 
ATOM   682  O  O   . ALA A 1 92  ? -23.641 9.751   -12.981 1.00 17.83 ? 96   ALA P O   1 
ATOM   683  C  CB  . ALA A 1 92  ? -22.232 12.441  -12.206 1.00 15.91 ? 96   ALA P CB  1 
ATOM   684  N  N   . CYS A 1 93  ? -25.221 11.026  -12.015 1.00 18.58 ? 97   CYS P N   1 
ATOM   685  C  CA  . CYS A 1 93  ? -26.303 10.422  -12.780 1.00 18.50 ? 97   CYS P CA  1 
ATOM   686  C  C   . CYS A 1 93  ? -26.521 11.231  -14.050 1.00 21.56 ? 97   CYS P C   1 
ATOM   687  O  O   . CYS A 1 93  ? -26.237 12.429  -14.081 1.00 21.56 ? 97   CYS P O   1 
ATOM   688  C  CB  . CYS A 1 93  ? -27.597 10.393  -11.966 1.00 20.23 ? 97   CYS P CB  1 
ATOM   689  S  SG  . CYS A 1 93  ? -27.561 9.300   -10.512 1.00 21.53 ? 97   CYS P SG  1 
ATOM   690  N  N   . ASN A 1 94  ? -27.022 10.578  -15.094 1.00 20.29 ? 98   ASN P N   1 
ATOM   691  C  CA  . ASN A 1 94  ? -27.273 11.257  -16.357 1.00 23.21 ? 98   ASN P CA  1 
ATOM   692  C  C   . ASN A 1 94  ? -28.530 12.113  -16.296 1.00 24.77 ? 98   ASN P C   1 
ATOM   693  O  O   . ASN A 1 94  ? -29.309 12.038  -15.344 1.00 23.59 ? 98   ASN P O   1 
ATOM   694  C  CB  . ASN A 1 94  ? -27.415 10.245  -17.497 1.00 22.57 ? 98   ASN P CB  1 
ATOM   695  C  CG  . ASN A 1 94  ? -26.200 9.363   -17.646 1.00 23.20 ? 98   ASN P CG  1 
ATOM   696  O  OD1 . ASN A 1 94  ? -25.098 9.735   -17.245 1.00 20.18 ? 98   ASN P OD1 1 
ATOM   697  N  ND2 . ASN A 1 94  ? -26.388 8.192   -18.243 1.00 19.09 ? 98   ASN P ND2 1 
ATOM   698  N  N   . LYS A 1 95  ? -28.712 12.929  -17.329 1.00 26.12 ? 99   LYS P N   1 
ATOM   699  C  CA  . LYS A 1 95  ? -29.868 13.809  -17.440 1.00 28.53 ? 99   LYS P CA  1 
ATOM   700  C  C   . LYS A 1 95  ? -31.165 13.031  -17.236 1.00 28.41 ? 99   LYS P C   1 
ATOM   701  O  O   . LYS A 1 95  ? -31.389 12.005  -17.876 1.00 28.06 ? 99   LYS P O   1 
ATOM   702  C  CB  . LYS A 1 95  ? -29.870 14.476  -18.821 1.00 29.95 ? 99   LYS P CB  1 
ATOM   703  C  CG  . LYS A 1 95  ? -31.186 15.118  -19.222 1.00 32.76 ? 99   LYS P CG  1 
ATOM   704  C  CD  . LYS A 1 95  ? -31.779 14.414  -20.437 1.00 35.78 ? 99   LYS P CD  1 
ATOM   705  C  CE  . LYS A 1 95  ? -33.153 14.959  -20.794 1.00 37.36 ? 99   LYS P CE  1 
ATOM   706  N  NZ  . LYS A 1 95  ? -33.727 14.267  -21.981 1.00 39.83 ? 99   LYS P NZ  1 
ATOM   707  N  N   . GLY A 1 96  ? -32.007 13.516  -16.329 1.00 28.87 ? 100  GLY P N   1 
ATOM   708  C  CA  . GLY A 1 96  ? -33.278 12.861  -16.076 1.00 29.73 ? 100  GLY P CA  1 
ATOM   709  C  C   . GLY A 1 96  ? -33.303 11.870  -14.928 1.00 29.54 ? 100  GLY P C   1 
ATOM   710  O  O   . GLY A 1 96  ? -34.372 11.395  -14.544 1.00 29.84 ? 100  GLY P O   1 
ATOM   711  N  N   . PHE A 1 97  ? -32.138 11.548  -14.377 1.00 29.02 ? 101  PHE P N   1 
ATOM   712  C  CA  . PHE A 1 97  ? -32.079 10.604  -13.267 1.00 29.22 ? 101  PHE P CA  1 
ATOM   713  C  C   . PHE A 1 97  ? -31.578 11.269  -11.995 1.00 29.72 ? 101  PHE P C   1 
ATOM   714  O  O   . PHE A 1 97  ? -30.676 12.108  -12.036 1.00 29.74 ? 101  PHE P O   1 
ATOM   715  C  CB  . PHE A 1 97  ? -31.171 9.418   -13.611 1.00 27.70 ? 101  PHE P CB  1 
ATOM   716  C  CG  . PHE A 1 97  ? -31.686 8.561   -14.729 1.00 25.80 ? 101  PHE P CG  1 
ATOM   717  C  CD1 . PHE A 1 97  ? -31.625 9.001   -16.046 1.00 24.95 ? 101  PHE P CD1 1 
ATOM   718  C  CD2 . PHE A 1 97  ? -32.245 7.317   -14.464 1.00 26.65 ? 101  PHE P CD2 1 
ATOM   719  C  CE1 . PHE A 1 97  ? -32.114 8.213   -17.085 1.00 23.94 ? 101  PHE P CE1 1 
ATOM   720  C  CE2 . PHE A 1 97  ? -32.738 6.520   -15.496 1.00 24.47 ? 101  PHE P CE2 1 
ATOM   721  C  CZ  . PHE A 1 97  ? -32.671 6.972   -16.808 1.00 24.90 ? 101  PHE P CZ  1 
ATOM   722  N  N   . THR A 1 98  ? -32.170 10.893  -10.867 1.00 30.19 ? 102  THR P N   1 
ATOM   723  C  CA  . THR A 1 98  ? -31.772 11.441  -9.577  1.00 31.03 ? 102  THR P CA  1 
ATOM   724  C  C   . THR A 1 98  ? -30.981 10.387  -8.817  1.00 30.20 ? 102  THR P C   1 
ATOM   725  O  O   . THR A 1 98  ? -31.337 9.208   -8.815  1.00 30.59 ? 102  THR P O   1 
ATOM   726  C  CB  . THR A 1 98  ? -32.990 11.845  -8.728  1.00 31.95 ? 102  THR P CB  1 
ATOM   727  O  OG1 . THR A 1 98  ? -33.790 10.688  -8.462  1.00 35.85 ? 102  THR P OG1 1 
ATOM   728  C  CG2 . THR A 1 98  ? -33.827 12.877  -9.458  1.00 32.03 ? 102  THR P CG2 1 
ATOM   729  N  N   . MET A 1 99  ? -29.908 10.820  -8.168  1.00 29.81 ? 103  MET P N   1 
ATOM   730  C  CA  . MET A 1 99  ? -29.058 9.914   -7.419  1.00 28.53 ? 103  MET P CA  1 
ATOM   731  C  C   . MET A 1 99  ? -29.628 9.526   -6.062  1.00 28.69 ? 103  MET P C   1 
ATOM   732  O  O   . MET A 1 99  ? -30.218 10.347  -5.356  1.00 28.88 ? 103  MET P O   1 
ATOM   733  C  CB  . MET A 1 99  ? -27.678 10.537  -7.226  1.00 26.98 ? 103  MET P CB  1 
ATOM   734  C  CG  . MET A 1 99  ? -26.678 9.611   -6.563  1.00 27.28 ? 103  MET P CG  1 
ATOM   735  S  SD  . MET A 1 99  ? -25.053 10.361  -6.502  1.00 27.68 ? 103  MET P SD  1 
ATOM   736  C  CE  . MET A 1 99  ? -24.568 10.204  -8.209  1.00 28.91 ? 103  MET P CE  1 
ATOM   737  N  N   . ILE A 1 100 ? -29.437 8.260   -5.713  1.00 27.03 ? 104  ILE P N   1 
ATOM   738  C  CA  . ILE A 1 100 ? -29.887 7.710   -4.447  1.00 26.04 ? 104  ILE P CA  1 
ATOM   739  C  C   . ILE A 1 100 ? -28.695 6.958   -3.859  1.00 24.94 ? 104  ILE P C   1 
ATOM   740  O  O   . ILE A 1 100 ? -28.190 6.022   -4.476  1.00 23.76 ? 104  ILE P O   1 
ATOM   741  C  CB  . ILE A 1 100 ? -31.050 6.718   -4.653  1.00 26.77 ? 104  ILE P CB  1 
ATOM   742  C  CG1 . ILE A 1 100 ? -32.249 7.447   -5.262  1.00 30.00 ? 104  ILE P CG1 1 
ATOM   743  C  CG2 . ILE A 1 100 ? -31.428 6.075   -3.326  1.00 28.04 ? 104  ILE P CG2 1 
ATOM   744  C  CD1 . ILE A 1 100 ? -33.440 6.550   -5.543  1.00 32.88 ? 104  ILE P CD1 1 
ATOM   745  N  N   . GLY A 1 101 ? -28.234 7.378   -2.685  1.00 22.78 ? 105  GLY P N   1 
ATOM   746  C  CA  . GLY A 1 101 ? -27.102 6.709   -2.064  1.00 22.71 ? 105  GLY P CA  1 
ATOM   747  C  C   . GLY A 1 101 ? -25.818 7.521   -2.043  1.00 22.81 ? 105  GLY P C   1 
ATOM   748  O  O   . GLY A 1 101 ? -25.805 8.692   -2.424  1.00 23.51 ? 105  GLY P O   1 
ATOM   749  N  N   . GLU A 1 102 ? -24.735 6.886   -1.601  1.00 23.14 ? 106  GLU P N   1 
ATOM   750  C  CA  . GLU A 1 102 ? -23.420 7.517   -1.501  1.00 25.46 ? 106  GLU P CA  1 
ATOM   751  C  C   . GLU A 1 102 ? -22.942 8.136   -2.813  1.00 22.98 ? 106  GLU P C   1 
ATOM   752  O  O   . GLU A 1 102 ? -22.953 7.491   -3.854  1.00 22.85 ? 106  GLU P O   1 
ATOM   753  C  CB  . GLU A 1 102 ? -22.374 6.494   -1.045  1.00 27.54 ? 106  GLU P CB  1 
ATOM   754  C  CG  . GLU A 1 102 ? -22.740 5.720   0.206   1.00 35.17 ? 106  GLU P CG  1 
ATOM   755  C  CD  . GLU A 1 102 ? -21.607 4.826   0.684   1.00 38.73 ? 106  GLU P CD  1 
ATOM   756  O  OE1 . GLU A 1 102 ? -21.773 4.150   1.724   1.00 41.94 ? 106  GLU P OE1 1 
ATOM   757  O  OE2 . GLU A 1 102 ? -20.548 4.803   0.020   1.00 39.80 ? 106  GLU P OE2 1 
ATOM   758  N  N   . HIS A 1 103 ? -22.498 9.385   -2.741  1.00 22.96 ? 107  HIS P N   1 
ATOM   759  C  CA  . HIS A 1 103 ? -21.998 10.115  -3.900  1.00 21.92 ? 107  HIS P CA  1 
ATOM   760  C  C   . HIS A 1 103 ? -20.581 9.645   -4.274  1.00 19.74 ? 107  HIS P C   1 
ATOM   761  O  O   . HIS A 1 103 ? -20.246 9.525   -5.456  1.00 20.38 ? 107  HIS P O   1 
ATOM   762  C  CB  . HIS A 1 103 ? -22.005 11.613  -3.569  1.00 28.23 ? 107  HIS P CB  1 
ATOM   763  C  CG  . HIS A 1 103 ? -21.565 12.499  -4.691  1.00 32.34 ? 107  HIS P CG  1 
ATOM   764  N  ND1 . HIS A 1 103 ? -22.040 12.366  -5.979  1.00 35.50 ? 107  HIS P ND1 1 
ATOM   765  C  CD2 . HIS A 1 103 ? -20.742 13.575  -4.703  1.00 35.19 ? 107  HIS P CD2 1 
ATOM   766  C  CE1 . HIS A 1 103 ? -21.529 13.322  -6.735  1.00 36.64 ? 107  HIS P CE1 1 
ATOM   767  N  NE2 . HIS A 1 103 ? -20.739 14.070  -5.984  1.00 35.85 ? 107  HIS P NE2 1 
ATOM   768  N  N   . SER A 1 104 ? -19.760 9.371   -3.265  1.00 16.91 ? 108  SER P N   1 
ATOM   769  C  CA  . SER A 1 104 ? -18.386 8.917   -3.487  1.00 15.49 ? 108  SER P CA  1 
ATOM   770  C  C   . SER A 1 104 ? -18.052 7.707   -2.626  1.00 15.21 ? 108  SER P C   1 
ATOM   771  O  O   . SER A 1 104 ? -18.565 7.574   -1.516  1.00 16.46 ? 108  SER P O   1 
ATOM   772  C  CB  . SER A 1 104 ? -17.393 10.035  -3.142  1.00 15.51 ? 108  SER P CB  1 
ATOM   773  O  OG  . SER A 1 104 ? -17.575 11.180  -3.951  1.00 17.84 ? 108  SER P OG  1 
ATOM   774  N  N   . ILE A 1 105 ? -17.205 6.816   -3.141  1.00 10.80 ? 109  ILE P N   1 
ATOM   775  C  CA  . ILE A 1 105 ? -16.774 5.650   -2.370  1.00 12.59 ? 109  ILE P CA  1 
ATOM   776  C  C   . ILE A 1 105 ? -15.258 5.711   -2.334  1.00 12.13 ? 109  ILE P C   1 
ATOM   777  O  O   . ILE A 1 105 ? -14.645 6.280   -3.234  1.00 11.93 ? 109  ILE P O   1 
ATOM   778  C  CB  . ILE A 1 105 ? -17.250 4.317   -2.991  1.00 13.26 ? 109  ILE P CB  1 
ATOM   779  C  CG1 . ILE A 1 105 ? -16.641 4.120   -4.377  1.00 17.13 ? 109  ILE P CG1 1 
ATOM   780  C  CG2 . ILE A 1 105 ? -18.766 4.305   -3.052  1.00 18.21 ? 109  ILE P CG2 1 
ATOM   781  C  CD1 . ILE A 1 105 ? -17.038 2.806   -5.037  1.00 19.90 ? 109  ILE P CD1 1 
ATOM   782  N  N   . TYR A 1 106 ? -14.657 5.136   -1.298  1.00 9.19  ? 110  TYR P N   1 
ATOM   783  C  CA  . TYR A 1 106 ? -13.213 5.183   -1.131  1.00 8.49  ? 110  TYR P CA  1 
ATOM   784  C  C   . TYR A 1 106 ? -12.533 3.825   -1.088  1.00 10.99 ? 110  TYR P C   1 
ATOM   785  O  O   . TYR A 1 106 ? -13.105 2.836   -0.621  1.00 11.45 ? 110  TYR P O   1 
ATOM   786  C  CB  . TYR A 1 106 ? -12.868 5.926   0.161   1.00 11.43 ? 110  TYR P CB  1 
ATOM   787  C  CG  . TYR A 1 106 ? -13.184 7.402   0.145   1.00 10.24 ? 110  TYR P CG  1 
ATOM   788  C  CD1 . TYR A 1 106 ? -12.174 8.345   -0.034  1.00 15.18 ? 110  TYR P CD1 1 
ATOM   789  C  CD2 . TYR A 1 106 ? -14.491 7.856   0.319   1.00 13.05 ? 110  TYR P CD2 1 
ATOM   790  C  CE1 . TYR A 1 106 ? -12.455 9.709   -0.038  1.00 16.72 ? 110  TYR P CE1 1 
ATOM   791  C  CE2 . TYR A 1 106 ? -14.784 9.216   0.315   1.00 15.53 ? 110  TYR P CE2 1 
ATOM   792  C  CZ  . TYR A 1 106 ? -13.760 10.133  0.138   1.00 16.17 ? 110  TYR P CZ  1 
ATOM   793  O  OH  . TYR A 1 106 ? -14.039 11.474  0.137   1.00 18.66 ? 110  TYR P OH  1 
ATOM   794  N  N   . CYS A 1 107 ? -11.291 3.791   -1.562  1.00 9.86  ? 111  CYS P N   1 
ATOM   795  C  CA  . CYS A 1 107 ? -10.529 2.558   -1.552  1.00 8.49  ? 111  CYS P CA  1 
ATOM   796  C  C   . CYS A 1 107 ? -9.933  2.421   -0.156  1.00 9.10  ? 111  CYS P C   1 
ATOM   797  O  O   . CYS A 1 107 ? -9.164  3.272   0.288   1.00 9.93  ? 111  CYS P O   1 
ATOM   798  C  CB  . CYS A 1 107 ? -9.433  2.597   -2.621  1.00 9.66  ? 111  CYS P CB  1 
ATOM   799  S  SG  . CYS A 1 107 ? -8.353  1.135   -2.594  1.00 12.15 ? 111  CYS P SG  1 
ATOM   800  N  N   . THR A 1 108 ? -10.322 1.357   0.541   1.00 9.11  ? 112  THR P N   1 
ATOM   801  C  CA  . THR A 1 108 ? -9.858  1.093   1.901   1.00 10.67 ? 112  THR P CA  1 
ATOM   802  C  C   . THR A 1 108 ? -9.062  -0.199  1.902   1.00 12.46 ? 112  THR P C   1 
ATOM   803  O  O   . THR A 1 108 ? -8.970  -0.877  0.874   1.00 11.36 ? 112  THR P O   1 
ATOM   804  C  CB  . THR A 1 108 ? -11.049 0.911   2.857   1.00 10.00 ? 112  THR P CB  1 
ATOM   805  O  OG1 . THR A 1 108 ? -11.662 -0.363  2.610   1.00 12.33 ? 112  THR P OG1 1 
ATOM   806  C  CG2 . THR A 1 108 ? -12.085 2.004   2.622   1.00 11.35 ? 112  THR P CG2 1 
ATOM   807  N  N   . VAL A 1 109 ? -8.488  -0.550  3.050   1.00 10.85 ? 113  VAL P N   1 
ATOM   808  C  CA  . VAL A 1 109 ? -7.731  -1.793  3.139   1.00 11.74 ? 113  VAL P CA  1 
ATOM   809  C  C   . VAL A 1 109 ? -8.347  -2.716  4.185   1.00 12.78 ? 113  VAL P C   1 
ATOM   810  O  O   . VAL A 1 109 ? -8.670  -2.301  5.305   1.00 13.87 ? 113  VAL P O   1 
ATOM   811  C  CB  . VAL A 1 109 ? -6.239  -1.551  3.478   1.00 14.83 ? 113  VAL P CB  1 
ATOM   812  C  CG1 . VAL A 1 109 ? -5.593  -0.669  2.409   1.00 13.71 ? 113  VAL P CG1 1 
ATOM   813  C  CG2 . VAL A 1 109 ? -6.106  -0.902  4.832   1.00 17.23 ? 113  VAL P CG2 1 
ATOM   814  N  N   . ASN A 1 110 ? -8.536  -3.969  3.790   1.00 13.59 ? 114  ASN P N   1 
ATOM   815  C  CA  . ASN A 1 110 ? -9.105  -4.987  4.664   1.00 14.17 ? 114  ASN P CA  1 
ATOM   816  C  C   . ASN A 1 110 ? -8.166  -6.180  4.569   1.00 14.23 ? 114  ASN P C   1 
ATOM   817  O  O   . ASN A 1 110 ? -8.115  -6.861  3.549   1.00 13.73 ? 114  ASN P O   1 
ATOM   818  C  CB  . ASN A 1 110 ? -10.521 -5.353  4.192   1.00 15.80 ? 114  ASN P CB  1 
ATOM   819  C  CG  . ASN A 1 110 ? -11.134 -6.500  4.985   1.00 20.17 ? 114  ASN P CG  1 
ATOM   820  O  OD1 . ASN A 1 110 ? -10.680 -6.834  6.080   1.00 18.33 ? 114  ASN P OD1 1 
ATOM   821  N  ND2 . ASN A 1 110 ? -12.184 -7.098  4.435   1.00 17.31 ? 114  ASN P ND2 1 
ATOM   822  N  N   . ASN A 1 111 ? -7.392  -6.394  5.627   1.00 16.57 ? 115  ASN P N   1 
ATOM   823  C  CA  . ASN A 1 111 ? -6.429  -7.487  5.680   1.00 20.09 ? 115  ASN P CA  1 
ATOM   824  C  C   . ASN A 1 111 ? -5.474  -7.474  4.491   1.00 18.72 ? 115  ASN P C   1 
ATOM   825  O  O   . ASN A 1 111 ? -5.382  -8.453  3.756   1.00 20.64 ? 115  ASN P O   1 
ATOM   826  C  CB  . ASN A 1 111 ? -7.152  -8.834  5.740   1.00 21.53 ? 115  ASN P CB  1 
ATOM   827  C  CG  . ASN A 1 111 ? -6.218  -9.981  6.085   1.00 25.89 ? 115  ASN P CG  1 
ATOM   828  O  OD1 . ASN A 1 111 ? -5.434  -9.894  7.033   1.00 28.23 ? 115  ASN P OD1 1 
ATOM   829  N  ND2 . ASN A 1 111 ? -6.301  -11.066 5.322   1.00 26.36 ? 115  ASN P ND2 1 
ATOM   830  N  N   . ASP A 1 112 ? -4.771  -6.360  4.305   1.00 19.68 ? 116  ASP P N   1 
ATOM   831  C  CA  . ASP A 1 112 ? -3.808  -6.217  3.216   1.00 19.29 ? 116  ASP P CA  1 
ATOM   832  C  C   . ASP A 1 112 ? -4.369  -6.345  1.802   1.00 19.19 ? 116  ASP P C   1 
ATOM   833  O  O   . ASP A 1 112 ? -3.634  -6.646  0.859   1.00 17.91 ? 116  ASP P O   1 
ATOM   834  C  CB  . ASP A 1 112 ? -2.661  -7.212  3.386   1.00 24.50 ? 116  ASP P CB  1 
ATOM   835  C  CG  . ASP A 1 112 ? -1.707  -6.807  4.483   1.00 28.52 ? 116  ASP P CG  1 
ATOM   836  O  OD1 . ASP A 1 112 ? -1.314  -5.621  4.513   1.00 31.43 ? 116  ASP P OD1 1 
ATOM   837  O  OD2 . ASP A 1 112 ? -1.344  -7.673  5.308   1.00 33.39 ? 116  ASP P OD2 1 
ATOM   838  N  N   . ALA A 1 113 ? -5.666  -6.119  1.651   1.00 15.76 ? 117  ALA P N   1 
ATOM   839  C  CA  . ALA A 1 113 ? -6.285  -6.176  0.337   1.00 14.29 ? 117  ALA P CA  1 
ATOM   840  C  C   . ALA A 1 113 ? -7.113  -4.914  0.154   1.00 13.06 ? 117  ALA P C   1 
ATOM   841  O  O   . ALA A 1 113 ? -7.684  -4.391  1.115   1.00 12.12 ? 117  ALA P O   1 
ATOM   842  C  CB  . ALA A 1 113 ? -7.172  -7.413  0.216   1.00 15.68 ? 117  ALA P CB  1 
ATOM   843  N  N   . GLY A 1 114 ? -7.163  -4.414  -1.073  1.00 12.01 ? 118  GLY P N   1 
ATOM   844  C  CA  . GLY A 1 114 ? -7.949  -3.225  -1.342  1.00 11.75 ? 118  GLY P CA  1 
ATOM   845  C  C   . GLY A 1 114 ? -9.429  -3.567  -1.367  1.00 13.39 ? 118  GLY P C   1 
ATOM   846  O  O   . GLY A 1 114 ? -9.840  -4.528  -2.016  1.00 12.89 ? 118  GLY P O   1 
ATOM   847  N  N   . GLU A 1 115 ? -10.231 -2.773  -0.662  1.00 9.96  ? 119  GLU P N   1 
ATOM   848  C  CA  . GLU A 1 115 ? -11.672 -3.001  -0.588  1.00 10.64 ? 119  GLU P CA  1 
ATOM   849  C  C   . GLU A 1 115 ? -12.405 -1.673  -0.653  1.00 8.68  ? 119  GLU P C   1 
ATOM   850  O  O   . GLU A 1 115 ? -12.037 -0.734  0.053   1.00 10.31 ? 119  GLU P O   1 
ATOM   851  C  CB  . GLU A 1 115 ? -12.016 -3.705  0.729   1.00 9.86  ? 119  GLU P CB  1 
ATOM   852  C  CG  . GLU A 1 115 ? -13.437 -4.245  0.813   1.00 14.55 ? 119  GLU P CG  1 
ATOM   853  C  CD  . GLU A 1 115 ? -13.706 -4.967  2.130   1.00 13.49 ? 119  GLU P CD  1 
ATOM   854  O  OE1 . GLU A 1 115 ? -13.994 -4.291  3.144   1.00 14.06 ? 119  GLU P OE1 1 
ATOM   855  O  OE2 . GLU A 1 115 ? -13.614 -6.211  2.150   1.00 15.66 ? 119  GLU P OE2 1 
ATOM   856  N  N   . TRP A 1 116 ? -13.431 -1.578  -1.496  1.00 7.87  ? 120  TRP P N   1 
ATOM   857  C  CA  . TRP A 1 116 ? -14.185 -0.332  -1.583  1.00 9.50  ? 120  TRP P CA  1 
ATOM   858  C  C   . TRP A 1 116 ? -14.982 -0.132  -0.297  1.00 9.27  ? 120  TRP P C   1 
ATOM   859  O  O   . TRP A 1 116 ? -15.532 -1.082  0.257   1.00 10.10 ? 120  TRP P O   1 
ATOM   860  C  CB  . TRP A 1 116 ? -15.104 -0.335  -2.808  1.00 9.72  ? 120  TRP P CB  1 
ATOM   861  C  CG  . TRP A 1 116 ? -14.325 -0.200  -4.079  1.00 11.55 ? 120  TRP P CG  1 
ATOM   862  C  CD1 . TRP A 1 116 ? -14.021 -1.191  -4.962  1.00 12.85 ? 120  TRP P CD1 1 
ATOM   863  C  CD2 . TRP A 1 116 ? -13.654 0.979   -4.550  1.00 13.55 ? 120  TRP P CD2 1 
ATOM   864  N  NE1 . TRP A 1 116 ? -13.195 -0.707  -5.953  1.00 11.11 ? 120  TRP P NE1 1 
ATOM   865  C  CE2 . TRP A 1 116 ? -12.956 0.623   -5.723  1.00 13.62 ? 120  TRP P CE2 1 
ATOM   866  C  CE3 . TRP A 1 116 ? -13.575 2.303   -4.092  1.00 13.70 ? 120  TRP P CE3 1 
ATOM   867  C  CZ2 . TRP A 1 116 ? -12.180 1.538   -6.446  1.00 13.50 ? 120  TRP P CZ2 1 
ATOM   868  C  CZ3 . TRP A 1 116 ? -12.802 3.216   -4.811  1.00 14.11 ? 120  TRP P CZ3 1 
ATOM   869  C  CH2 . TRP A 1 116 ? -12.117 2.825   -5.976  1.00 14.24 ? 120  TRP P CH2 1 
ATOM   870  N  N   . SER A 1 117 ? -15.041 1.111   0.169   1.00 10.78 ? 121  SER P N   1 
ATOM   871  C  CA  . SER A 1 117 ? -15.719 1.444   1.419   1.00 9.50  ? 121  SER P CA  1 
ATOM   872  C  C   . SER A 1 117 ? -17.203 1.120   1.481   1.00 11.87 ? 121  SER P C   1 
ATOM   873  O  O   . SER A 1 117 ? -17.736 0.833   2.551   1.00 14.69 ? 121  SER P O   1 
ATOM   874  C  CB  . SER A 1 117 ? -15.529 2.932   1.738   1.00 12.42 ? 121  SER P CB  1 
ATOM   875  O  OG  . SER A 1 117 ? -16.126 3.748   0.746   1.00 8.73  ? 121  SER P OG  1 
ATOM   876  N  N   . GLY A 1 118 ? -17.878 1.172   0.343   1.00 9.43  ? 122  GLY P N   1 
ATOM   877  C  CA  . GLY A 1 118 ? -19.299 0.896   0.351   1.00 11.05 ? 122  GLY P CA  1 
ATOM   878  C  C   . GLY A 1 118 ? -19.841 0.625   -1.030  1.00 12.18 ? 122  GLY P C   1 
ATOM   879  O  O   . GLY A 1 118 ? -19.071 0.510   -1.987  1.00 12.91 ? 122  GLY P O   1 
ATOM   880  N  N   . PRO A 1 119 ? -21.171 0.517   -1.167  1.00 12.72 ? 123  PRO P N   1 
ATOM   881  C  CA  . PRO A 1 119 ? -21.805 0.253   -2.458  1.00 13.98 ? 123  PRO P CA  1 
ATOM   882  C  C   . PRO A 1 119 ? -21.920 1.546   -3.251  1.00 14.78 ? 123  PRO P C   1 
ATOM   883  O  O   . PRO A 1 119 ? -21.919 2.636   -2.677  1.00 15.11 ? 123  PRO P O   1 
ATOM   884  C  CB  . PRO A 1 119 ? -23.169 -0.284  -2.054  1.00 13.25 ? 123  PRO P CB  1 
ATOM   885  C  CG  . PRO A 1 119 ? -23.497 0.584   -0.882  1.00 13.33 ? 123  PRO P CG  1 
ATOM   886  C  CD  . PRO A 1 119 ? -22.186 0.634   -0.103  1.00 14.80 ? 123  PRO P CD  1 
ATOM   887  N  N   . PRO A 1 120 ? -22.005 1.445   -4.585  1.00 15.88 ? 124  PRO P N   1 
ATOM   888  C  CA  . PRO A 1 120 ? -22.127 2.649   -5.404  1.00 15.69 ? 124  PRO P CA  1 
ATOM   889  C  C   . PRO A 1 120 ? -23.559 3.165   -5.284  1.00 16.84 ? 124  PRO P C   1 
ATOM   890  O  O   . PRO A 1 120 ? -24.445 2.446   -4.826  1.00 15.52 ? 124  PRO P O   1 
ATOM   891  C  CB  . PRO A 1 120 ? -21.832 2.130   -6.805  1.00 17.50 ? 124  PRO P CB  1 
ATOM   892  C  CG  . PRO A 1 120 ? -22.475 0.773   -6.771  1.00 14.62 ? 124  PRO P CG  1 
ATOM   893  C  CD  . PRO A 1 120 ? -21.995 0.236   -5.429  1.00 15.44 ? 124  PRO P CD  1 
ATOM   894  N  N   . PRO A 1 121 ? -23.802 4.420   -5.682  1.00 16.96 ? 125  PRO P N   1 
ATOM   895  C  CA  . PRO A 1 121 ? -25.155 4.971   -5.601  1.00 17.73 ? 125  PRO P CA  1 
ATOM   896  C  C   . PRO A 1 121 ? -26.028 4.414   -6.718  1.00 19.49 ? 125  PRO P C   1 
ATOM   897  O  O   . PRO A 1 121 ? -25.559 3.672   -7.583  1.00 18.84 ? 125  PRO P O   1 
ATOM   898  C  CB  . PRO A 1 121 ? -24.923 6.469   -5.747  1.00 18.69 ? 125  PRO P CB  1 
ATOM   899  C  CG  . PRO A 1 121 ? -23.744 6.524   -6.653  1.00 16.95 ? 125  PRO P CG  1 
ATOM   900  C  CD  . PRO A 1 121 ? -22.839 5.458   -6.086  1.00 15.70 ? 125  PRO P CD  1 
ATOM   901  N  N   . GLU A 1 122 ? -27.302 4.770   -6.692  1.00 21.36 ? 126  GLU P N   1 
ATOM   902  C  CA  . GLU A 1 122 ? -28.235 4.312   -7.705  1.00 23.15 ? 126  GLU P CA  1 
ATOM   903  C  C   . GLU A 1 122 ? -28.782 5.534   -8.420  1.00 23.07 ? 126  GLU P C   1 
ATOM   904  O  O   . GLU A 1 122 ? -28.904 6.605   -7.822  1.00 23.77 ? 126  GLU P O   1 
ATOM   905  C  CB  . GLU A 1 122 ? -29.382 3.546   -7.041  1.00 27.08 ? 126  GLU P CB  1 
ATOM   906  C  CG  . GLU A 1 122 ? -30.490 3.104   -7.983  1.00 33.46 ? 126  GLU P CG  1 
ATOM   907  C  CD  . GLU A 1 122 ? -31.665 2.495   -7.237  1.00 37.52 ? 126  GLU P CD  1 
ATOM   908  O  OE1 . GLU A 1 122 ? -31.447 1.520   -6.490  1.00 40.94 ? 126  GLU P OE1 1 
ATOM   909  O  OE2 . GLU A 1 122 ? -32.803 2.990   -7.394  1.00 39.76 ? 126  GLU P OE2 1 
ATOM   910  N  N   . CYS A 1 123 ? -29.097 5.387   -9.702  1.00 21.73 ? 127  CYS P N   1 
ATOM   911  C  CA  . CYS A 1 123 ? -29.662 6.489   -10.465 1.00 22.18 ? 127  CYS P CA  1 
ATOM   912  C  C   . CYS A 1 123 ? -31.071 6.098   -10.900 1.00 25.00 ? 127  CYS P C   1 
ATOM   913  O  O   . CYS A 1 123 ? -31.245 5.231   -11.756 1.00 24.30 ? 127  CYS P O   1 
ATOM   914  C  CB  . CYS A 1 123 ? -28.797 6.793   -11.688 1.00 22.48 ? 127  CYS P CB  1 
ATOM   915  S  SG  . CYS A 1 123 ? -27.154 7.469   -11.291 1.00 19.82 ? 127  CYS P SG  1 
ATOM   916  N  N   . ARG A 1 124 ? -32.078 6.731   -10.302 1.00 26.00 ? 128  ARG P N   1 
ATOM   917  C  CA  . ARG A 1 124 ? -33.450 6.406   -10.653 1.00 29.36 ? 128  ARG P CA  1 
ATOM   918  C  C   . ARG A 1 124 ? -34.167 7.491   -11.434 1.00 30.50 ? 128  ARG P C   1 
ATOM   919  O  O   . ARG A 1 124 ? -33.744 8.665   -11.363 1.00 32.17 ? 128  ARG P O   1 
ATOM   920  N  N   . GLY A 1 125 ? -35.167 7.169   -12.110 1.00 32.39 ? 129  GLY P N   1 
HETATM 921  NI NI  . NI  B 2 .   ? -10.728 -5.860  -13.155 1.00 44.64 ? 1129 NI  P NI  1 
HETATM 922  O  O   . HOH C 3 .   ? 28.745  1.688   8.203   1.00 44.90 ? 2001 HOH P O   1 
HETATM 923  O  O   . HOH C 3 .   ? 29.198  4.129   5.993   1.00 47.92 ? 2002 HOH P O   1 
HETATM 924  O  O   . HOH C 3 .   ? 30.685  1.062   4.956   1.00 41.26 ? 2003 HOH P O   1 
HETATM 925  O  O   . HOH C 3 .   ? 5.182   10.788  -3.666  1.00 43.96 ? 2004 HOH P O   1 
HETATM 926  O  O   . HOH C 3 .   ? 27.616  2.700   4.479   1.00 33.27 ? 2005 HOH P O   1 
HETATM 927  O  O   . HOH C 3 .   ? 12.575  6.488   -0.202  1.00 41.16 ? 2006 HOH P O   1 
HETATM 928  O  O   . HOH C 3 .   ? 21.754  4.591   1.220   1.00 41.80 ? 2007 HOH P O   1 
HETATM 929  O  O   . HOH C 3 .   ? 20.359  -1.622  1.697   1.00 20.79 ? 2008 HOH P O   1 
HETATM 930  O  O   . HOH C 3 .   ? 8.872   7.995   -2.051  1.00 45.42 ? 2009 HOH P O   1 
HETATM 931  O  O   . HOH C 3 .   ? 12.733  3.481   4.592   1.00 21.80 ? 2010 HOH P O   1 
HETATM 932  O  O   . HOH C 3 .   ? 11.234  5.930   2.285   1.00 30.86 ? 2011 HOH P O   1 
HETATM 933  O  O   . HOH C 3 .   ? 23.324  -7.874  20.390  1.00 53.84 ? 2012 HOH P O   1 
HETATM 934  O  O   . HOH C 3 .   ? 9.334   -0.140  -1.699  1.00 16.95 ? 2013 HOH P O   1 
HETATM 935  O  O   . HOH C 3 .   ? 28.975  -18.115 14.295  1.00 39.99 ? 2014 HOH P O   1 
HETATM 936  O  O   . HOH C 3 .   ? 8.631   6.591   0.990   1.00 33.38 ? 2015 HOH P O   1 
HETATM 937  O  O   . HOH C 3 .   ? 3.990   6.042   2.040   1.00 24.47 ? 2016 HOH P O   1 
HETATM 938  O  O   . HOH C 3 .   ? 26.709  -8.577  19.479  1.00 45.10 ? 2017 HOH P O   1 
HETATM 939  O  O   . HOH C 3 .   ? 3.189   8.928   -1.595  1.00 43.68 ? 2018 HOH P O   1 
HETATM 940  O  O   . HOH C 3 .   ? 8.812   5.722   4.299   1.00 37.02 ? 2019 HOH P O   1 
HETATM 941  O  O   . HOH C 3 .   ? 11.064  6.969   7.390   1.00 44.81 ? 2020 HOH P O   1 
HETATM 942  O  O   . HOH C 3 .   ? 15.926  4.015   9.998   1.00 22.59 ? 2021 HOH P O   1 
HETATM 943  O  O   . HOH C 3 .   ? 13.396  4.521   7.374   1.00 41.30 ? 2022 HOH P O   1 
HETATM 944  O  O   . HOH C 3 .   ? 15.787  1.563   20.571  1.00 10.32 ? 2023 HOH P O   1 
HETATM 945  O  O   . HOH C 3 .   ? 24.982  -2.359  16.802  1.00 16.85 ? 2024 HOH P O   1 
HETATM 946  O  O   . HOH C 3 .   ? 22.845  -5.128  18.899  1.00 34.93 ? 2025 HOH P O   1 
HETATM 947  O  O   . HOH C 3 .   ? 25.607  1.516   15.023  1.00 22.17 ? 2026 HOH P O   1 
HETATM 948  O  O   . HOH C 3 .   ? 27.141  -14.699 13.889  1.00 43.21 ? 2027 HOH P O   1 
HETATM 949  O  O   . HOH C 3 .   ? 25.719  -5.235  18.233  1.00 40.85 ? 2028 HOH P O   1 
HETATM 950  O  O   . HOH C 3 .   ? 29.843  -6.270  17.411  1.00 42.26 ? 2029 HOH P O   1 
HETATM 951  O  O   . HOH C 3 .   ? 23.712  -10.113 18.658  1.00 26.81 ? 2030 HOH P O   1 
HETATM 952  O  O   . HOH C 3 .   ? 15.382  -5.332  15.510  1.00 41.03 ? 2031 HOH P O   1 
HETATM 953  O  O   . HOH C 3 .   ? 19.673  -2.632  15.819  1.00 16.64 ? 2032 HOH P O   1 
HETATM 954  O  O   . HOH C 3 .   ? 20.413  -9.073  17.146  1.00 16.36 ? 2033 HOH P O   1 
HETATM 955  O  O   . HOH C 3 .   ? 12.329  -5.980  15.706  1.00 18.89 ? 2034 HOH P O   1 
HETATM 956  O  O   . HOH C 3 .   ? 4.748   -10.972 -9.299  1.00 45.25 ? 2035 HOH P O   1 
HETATM 957  O  O   . HOH C 3 .   ? -17.971 -4.432  -9.076  1.00 46.44 ? 2036 HOH P O   1 
HETATM 958  O  O   . HOH C 3 .   ? 4.040   -3.719  6.773   1.00 26.62 ? 2037 HOH P O   1 
HETATM 959  O  O   . HOH C 3 .   ? -12.669 -1.595  -15.896 1.00 46.37 ? 2038 HOH P O   1 
HETATM 960  O  O   . HOH C 3 .   ? 5.297   8.527   3.220   1.00 39.37 ? 2039 HOH P O   1 
HETATM 961  O  O   . HOH C 3 .   ? 2.089   4.802   7.731   1.00 42.30 ? 2040 HOH P O   1 
HETATM 962  O  O   . HOH C 3 .   ? -2.286  -1.619  4.789   1.00 36.44 ? 2041 HOH P O   1 
HETATM 963  O  O   . HOH C 3 .   ? 3.140   4.394   -4.573  1.00 45.52 ? 2042 HOH P O   1 
HETATM 964  O  O   . HOH C 3 .   ? 3.207   -7.839  -2.758  1.00 39.95 ? 2043 HOH P O   1 
HETATM 965  O  O   . HOH C 3 .   ? 2.535   -6.646  4.666   1.00 45.08 ? 2044 HOH P O   1 
HETATM 966  O  O   . HOH C 3 .   ? 11.378  -8.044  -2.371  1.00 30.36 ? 2045 HOH P O   1 
HETATM 967  O  O   . HOH C 3 .   ? -16.175 15.691  -3.459  1.00 42.32 ? 2046 HOH P O   1 
HETATM 968  O  O   . HOH C 3 .   ? 7.790   -11.965 3.840   1.00 36.44 ? 2047 HOH P O   1 
HETATM 969  O  O   . HOH C 3 .   ? 7.626   -11.618 0.892   1.00 28.56 ? 2048 HOH P O   1 
HETATM 970  O  O   . HOH C 3 .   ? 13.773  -13.785 2.126   1.00 39.20 ? 2049 HOH P O   1 
HETATM 971  O  O   . HOH C 3 .   ? 13.912  -8.555  0.907   1.00 23.67 ? 2050 HOH P O   1 
HETATM 972  O  O   . HOH C 3 .   ? 9.373   -6.831  10.965  1.00 10.13 ? 2051 HOH P O   1 
HETATM 973  O  O   . HOH C 3 .   ? 11.819  -11.317 10.608  1.00 16.32 ? 2052 HOH P O   1 
HETATM 974  O  O   . HOH C 3 .   ? -31.606 18.132  -16.591 1.00 42.73 ? 2053 HOH P O   1 
HETATM 975  O  O   . HOH C 3 .   ? 16.874  -11.078 10.870  1.00 26.39 ? 2054 HOH P O   1 
HETATM 976  O  O   . HOH C 3 .   ? 28.434  -14.155 11.506  1.00 25.55 ? 2055 HOH P O   1 
HETATM 977  O  O   . HOH C 3 .   ? 27.393  -16.480 7.203   1.00 44.40 ? 2056 HOH P O   1 
HETATM 978  O  O   . HOH C 3 .   ? 30.851  -16.760 2.464   1.00 38.48 ? 2057 HOH P O   1 
HETATM 979  O  O   . HOH C 3 .   ? 31.959  -17.323 6.133   1.00 37.57 ? 2058 HOH P O   1 
HETATM 980  O  O   . HOH C 3 .   ? 39.830  -11.158 5.528   1.00 24.31 ? 2059 HOH P O   1 
HETATM 981  O  O   . HOH C 3 .   ? 35.888  -6.206  5.330   1.00 15.76 ? 2060 HOH P O   1 
HETATM 982  O  O   . HOH C 3 .   ? -20.215 -3.071  -5.227  1.00 27.70 ? 2061 HOH P O   1 
HETATM 983  O  O   . HOH C 3 .   ? -27.955 4.120   0.831   1.00 39.51 ? 2062 HOH P O   1 
HETATM 984  O  O   . HOH C 3 .   ? 29.167  -4.697  3.434   1.00 31.46 ? 2063 HOH P O   1 
HETATM 985  O  O   . HOH C 3 .   ? 33.262  -5.867  5.008   1.00 19.45 ? 2064 HOH P O   1 
HETATM 986  O  O   . HOH C 3 .   ? -29.590 -0.977  -9.582  1.00 43.24 ? 2065 HOH P O   1 
HETATM 987  O  O   . HOH C 3 .   ? 28.751  -6.788  1.104   1.00 28.28 ? 2066 HOH P O   1 
HETATM 988  O  O   . HOH C 3 .   ? 24.667  -13.713 3.981   1.00 39.87 ? 2067 HOH P O   1 
HETATM 989  O  O   . HOH C 3 .   ? 25.557  -5.397  3.532   1.00 23.59 ? 2068 HOH P O   1 
HETATM 990  O  O   . HOH C 3 .   ? 21.864  -11.198 0.753   1.00 42.23 ? 2069 HOH P O   1 
HETATM 991  O  O   . HOH C 3 .   ? 19.561  -5.079  4.543   1.00 33.56 ? 2070 HOH P O   1 
HETATM 992  O  O   . HOH C 3 .   ? 14.059  -15.532 5.671   1.00 38.01 ? 2071 HOH P O   1 
HETATM 993  O  O   . HOH C 3 .   ? 6.539   1.633   -3.427  1.00 29.93 ? 2072 HOH P O   1 
HETATM 994  O  O   . HOH C 3 .   ? 7.587   -9.763  -8.945  1.00 50.08 ? 2073 HOH P O   1 
HETATM 995  O  O   . HOH C 3 .   ? 3.865   -0.449  -6.046  1.00 30.78 ? 2074 HOH P O   1 
HETATM 996  O  O   . HOH C 3 .   ? -2.945  -5.388  -7.039  1.00 43.05 ? 2075 HOH P O   1 
HETATM 997  O  O   . HOH C 3 .   ? -2.584  1.639   -1.770  1.00 13.81 ? 2076 HOH P O   1 
HETATM 998  O  O   . HOH C 3 .   ? -7.443  -0.190  -8.883  1.00 22.64 ? 2077 HOH P O   1 
HETATM 999  O  O   . HOH C 3 .   ? -15.758 -3.327  -7.473  1.00 17.58 ? 2078 HOH P O   1 
HETATM 1000 O  O   . HOH C 3 .   ? -16.354 -4.537  -11.133 1.00 45.40 ? 2079 HOH P O   1 
HETATM 1001 O  O   . HOH C 3 .   ? -7.964  -3.097  -11.839 1.00 39.43 ? 2080 HOH P O   1 
HETATM 1002 O  O   . HOH C 3 .   ? -15.183 0.121   -13.782 1.00 24.90 ? 2081 HOH P O   1 
HETATM 1003 O  O   . HOH C 3 .   ? -15.000 -2.592  -13.697 1.00 49.94 ? 2082 HOH P O   1 
HETATM 1004 O  O   . HOH C 3 .   ? -19.373 -2.862  -13.060 1.00 35.17 ? 2083 HOH P O   1 
HETATM 1005 O  O   . HOH C 3 .   ? -21.028 4.184   -14.357 1.00 12.49 ? 2084 HOH P O   1 
HETATM 1006 O  O   . HOH C 3 .   ? -23.713 -0.027  -16.051 1.00 34.06 ? 2085 HOH P O   1 
HETATM 1007 O  O   . HOH C 3 .   ? -26.998 -3.148  -13.386 1.00 42.20 ? 2086 HOH P O   1 
HETATM 1008 O  O   . HOH C 3 .   ? -32.039 -1.843  -12.468 1.00 50.22 ? 2087 HOH P O   1 
HETATM 1009 O  O   . HOH C 3 .   ? -29.257 7.209   -19.020 1.00 19.11 ? 2088 HOH P O   1 
HETATM 1010 O  O   . HOH C 3 .   ? -18.315 5.759   -16.095 1.00 22.74 ? 2089 HOH P O   1 
HETATM 1011 O  O   . HOH C 3 .   ? -17.071 16.082  -8.767  1.00 41.89 ? 2090 HOH P O   1 
HETATM 1012 O  O   . HOH C 3 .   ? -11.914 8.209   -10.397 1.00 21.36 ? 2091 HOH P O   1 
HETATM 1013 O  O   . HOH C 3 .   ? -10.131 1.339   -12.961 1.00 26.36 ? 2092 HOH P O   1 
HETATM 1014 O  O   . HOH C 3 .   ? -10.165 11.898  -9.797  1.00 26.04 ? 2093 HOH P O   1 
HETATM 1015 O  O   . HOH C 3 .   ? -8.853  3.845   -16.506 1.00 35.62 ? 2094 HOH P O   1 
HETATM 1016 O  O   . HOH C 3 .   ? -4.093  5.111   -12.085 1.00 22.45 ? 2095 HOH P O   1 
HETATM 1017 O  O   . HOH C 3 .   ? -4.040  6.469   -8.789  1.00 34.67 ? 2096 HOH P O   1 
HETATM 1018 O  O   . HOH C 3 .   ? -3.006  5.981   -2.908  1.00 35.01 ? 2097 HOH P O   1 
HETATM 1019 O  O   . HOH C 3 .   ? -1.811  4.887   -1.004  1.00 45.53 ? 2098 HOH P O   1 
HETATM 1020 O  O   . HOH C 3 .   ? -2.877  7.486   0.145   1.00 44.47 ? 2099 HOH P O   1 
HETATM 1021 O  O   . HOH C 3 .   ? -7.766  11.085  -0.598  1.00 25.41 ? 2100 HOH P O   1 
HETATM 1022 O  O   . HOH C 3 .   ? -0.035  5.772   4.240   1.00 33.61 ? 2101 HOH P O   1 
HETATM 1023 O  O   . HOH C 3 .   ? -2.172  8.855   -7.682  1.00 41.41 ? 2102 HOH P O   1 
HETATM 1024 O  O   . HOH C 3 .   ? -3.328  11.836  -5.532  1.00 39.46 ? 2103 HOH P O   1 
HETATM 1025 O  O   . HOH C 3 .   ? -9.103  10.111  -5.345  1.00 19.15 ? 2104 HOH P O   1 
HETATM 1026 O  O   . HOH C 3 .   ? -10.473 11.499  -2.246  1.00 41.75 ? 2105 HOH P O   1 
HETATM 1027 O  O   . HOH C 3 .   ? -14.231 12.026  -2.878  1.00 36.89 ? 2106 HOH P O   1 
HETATM 1028 O  O   . HOH C 3 .   ? -13.951 9.924   -9.303  1.00 20.89 ? 2107 HOH P O   1 
HETATM 1029 O  O   . HOH C 3 .   ? -13.322 11.334  -6.665  1.00 32.86 ? 2108 HOH P O   1 
HETATM 1030 O  O   . HOH C 3 .   ? -26.140 13.370  -10.104 1.00 36.10 ? 2109 HOH P O   1 
HETATM 1031 O  O   . HOH C 3 .   ? -30.472 9.938   -19.644 1.00 41.89 ? 2110 HOH P O   1 
HETATM 1032 O  O   . HOH C 3 .   ? -31.817 16.119  -14.449 1.00 43.71 ? 2111 HOH P O   1 
HETATM 1033 O  O   . HOH C 3 .   ? -29.008 14.128  -12.818 1.00 42.93 ? 2112 HOH P O   1 
HETATM 1034 O  O   . HOH C 3 .   ? -25.022 10.757  0.569   1.00 42.44 ? 2113 HOH P O   1 
HETATM 1035 O  O   . HOH C 3 .   ? -21.680 2.206   4.186   1.00 45.50 ? 2114 HOH P O   1 
HETATM 1036 O  O   . HOH C 3 .   ? -25.033 12.814  -3.992  1.00 40.30 ? 2115 HOH P O   1 
HETATM 1037 O  O   . HOH C 3 .   ? -12.399 13.135  -0.615  1.00 34.04 ? 2116 HOH P O   1 
HETATM 1038 O  O   . HOH C 3 .   ? -15.735 11.691  2.413   1.00 14.13 ? 2117 HOH P O   1 
HETATM 1039 O  O   . HOH C 3 .   ? -7.119  -1.130  7.321   1.00 17.78 ? 2118 HOH P O   1 
HETATM 1040 O  O   . HOH C 3 .   ? -9.362  -8.898  2.843   1.00 32.41 ? 2119 HOH P O   1 
HETATM 1041 O  O   . HOH C 3 .   ? -8.109  -5.308  8.130   1.00 35.45 ? 2120 HOH P O   1 
HETATM 1042 O  O   . HOH C 3 .   ? -8.411  -13.209 4.799   1.00 38.51 ? 2121 HOH P O   1 
HETATM 1043 O  O   . HOH C 3 .   ? -2.577  -10.516 6.375   0.50 38.15 ? 2122 HOH P O   1 
HETATM 1044 O  O   . HOH C 3 .   ? -6.796  -11.324 2.284   1.00 41.88 ? 2123 HOH P O   1 
HETATM 1045 O  O   . HOH C 3 .   ? -4.379  -4.570  6.720   1.00 34.80 ? 2124 HOH P O   1 
HETATM 1046 O  O   . HOH C 3 .   ? -5.043  -8.216  -1.795  1.00 37.81 ? 2125 HOH P O   1 
HETATM 1047 O  O   . HOH C 3 .   ? 0.042   -5.468  7.475   1.00 40.96 ? 2126 HOH P O   1 
HETATM 1048 O  O   . HOH C 3 .   ? -5.871  -6.000  -3.103  1.00 20.85 ? 2127 HOH P O   1 
HETATM 1049 O  O   . HOH C 3 .   ? -10.704 -6.990  -1.736  1.00 33.53 ? 2128 HOH P O   1 
HETATM 1050 O  O   . HOH C 3 .   ? -14.177 -4.612  5.747   1.00 20.72 ? 2129 HOH P O   1 
HETATM 1051 O  O   . HOH C 3 .   ? -15.821 -2.388  3.492   1.00 31.41 ? 2130 HOH P O   1 
HETATM 1052 O  O   . HOH C 3 .   ? -12.977 -7.559  -0.039  1.00 35.22 ? 2131 HOH P O   1 
HETATM 1053 O  O   . HOH C 3 .   ? -17.590 -2.445  1.043   1.00 21.04 ? 2132 HOH P O   1 
HETATM 1054 O  O   . HOH C 3 .   ? -18.166 4.848   1.873   1.00 18.38 ? 2133 HOH P O   1 
HETATM 1055 O  O   . HOH C 3 .   ? -19.546 -0.520  4.145   1.00 37.09 ? 2134 HOH P O   1 
HETATM 1056 O  O   . HOH C 3 .   ? -18.974 -0.924  -4.266  1.00 22.79 ? 2135 HOH P O   1 
HETATM 1057 O  O   . HOH C 3 .   ? -25.663 0.079   -4.883  1.00 34.03 ? 2136 HOH P O   1 
HETATM 1058 O  O   . HOH C 3 .   ? -26.218 3.024   -2.416  1.00 33.19 ? 2137 HOH P O   1 
HETATM 1059 O  O   . HOH C 3 .   ? -26.026 1.365   -8.962  1.00 31.91 ? 2138 HOH P O   1 
HETATM 1060 O  O   . HOH C 3 .   ? -31.758 -1.427  -6.975  1.00 46.37 ? 2139 HOH P O   1 
HETATM 1061 O  O   . HOH C 3 .   ? -30.654 2.101   -3.704  1.00 38.91 ? 2140 HOH P O   1 
HETATM 1062 O  O   . HOH C 3 .   ? -28.352 3.121   -11.195 1.00 19.40 ? 2141 HOH P O   1 
HETATM 1063 O  O   . HOH C 3 .   ? -30.939 3.137   -13.164 1.00 28.16 ? 2142 HOH P O   1 
# 
